data_2LP1
#
_entry.id   2LP1
#
_entity_poly.entity_id   1
_entity_poly.type   'polypeptide(L)'
_entity_poly.pdbx_seq_one_letter_code
;MDAEFRHDSGYEVHHQKLVFFAEDVGSNKGAIIGLMVGGVVIATVIVITLVMLKKKQYTSIHHGVVEVDAAVTPEERHLS
KMQQNGYENPTYKFFEQMQNQGRILQISITLAAALEHHHHHH
;
_entity_poly.pdbx_strand_id   A
#
# COMPACT_ATOMS: atom_id res chain seq x y z
N VAL A 13 -19.13 -15.44 3.26
CA VAL A 13 -18.23 -15.31 2.12
C VAL A 13 -16.78 -15.22 2.59
N HIS A 14 -15.89 -15.90 1.87
CA HIS A 14 -14.47 -15.90 2.22
C HIS A 14 -13.71 -14.86 1.41
N HIS A 15 -12.40 -14.77 1.63
CA HIS A 15 -11.55 -13.88 0.85
C HIS A 15 -10.48 -14.66 0.11
N GLN A 16 -9.69 -13.95 -0.70
CA GLN A 16 -8.58 -14.56 -1.42
C GLN A 16 -7.48 -13.54 -1.66
N LYS A 17 -6.69 -13.28 -0.61
CA LYS A 17 -5.59 -12.32 -0.70
C LYS A 17 -4.28 -13.04 -0.98
N LEU A 18 -4.39 -14.27 -1.49
CA LEU A 18 -3.21 -15.02 -1.91
C LEU A 18 -2.60 -14.43 -3.17
N VAL A 19 -3.37 -13.57 -3.83
CA VAL A 19 -2.90 -12.88 -5.04
C VAL A 19 -2.03 -11.68 -4.68
N PHE A 20 -1.87 -11.44 -3.38
CA PHE A 20 -1.07 -10.31 -2.91
C PHE A 20 0.42 -10.56 -3.15
N PHE A 21 0.79 -11.85 -3.17
CA PHE A 21 2.18 -12.22 -3.43
C PHE A 21 2.46 -12.27 -4.93
N ALA A 22 1.50 -11.78 -5.72
CA ALA A 22 1.66 -11.76 -7.17
C ALA A 22 2.63 -10.67 -7.58
N GLU A 23 2.92 -9.75 -6.67
CA GLU A 23 3.81 -8.63 -6.95
C GLU A 23 5.25 -9.10 -7.14
N ASP A 24 5.47 -10.41 -6.94
CA ASP A 24 6.80 -10.98 -7.04
C ASP A 24 7.26 -11.02 -8.50
N VAL A 25 6.31 -10.88 -9.42
CA VAL A 25 6.64 -10.82 -10.84
C VAL A 25 7.53 -9.62 -11.15
N GLY A 26 7.51 -8.62 -10.27
CA GLY A 26 8.35 -7.44 -10.45
C GLY A 26 9.82 -7.77 -10.18
N SER A 27 10.60 -6.74 -9.85
CA SER A 27 12.03 -6.90 -9.60
C SER A 27 12.46 -6.11 -8.37
N ASN A 28 12.78 -4.83 -8.57
CA ASN A 28 13.35 -4.01 -7.50
C ASN A 28 12.99 -2.53 -7.70
N LYS A 29 13.97 -1.71 -8.03
CA LYS A 29 13.73 -0.29 -8.27
C LYS A 29 12.65 -0.09 -9.32
N GLY A 30 12.69 -0.92 -10.37
CA GLY A 30 11.74 -0.79 -11.47
C GLY A 30 10.33 -1.16 -11.02
N ALA A 31 10.25 -1.88 -9.90
CA ALA A 31 8.96 -2.29 -9.35
C ALA A 31 8.25 -1.10 -8.69
N ILE A 32 8.99 -0.02 -8.46
CA ILE A 32 8.40 1.20 -7.91
C ILE A 32 7.26 1.69 -8.78
N ILE A 33 7.45 1.56 -10.10
CA ILE A 33 6.46 2.04 -11.06
C ILE A 33 5.20 1.18 -10.99
N GLY A 34 5.40 -0.11 -10.81
CA GLY A 34 4.26 -1.03 -10.66
C GLY A 34 3.55 -0.79 -9.33
N LEU A 35 4.34 -0.64 -8.26
CA LEU A 35 3.78 -0.43 -6.93
C LEU A 35 3.10 0.93 -6.84
N MET A 36 3.57 1.88 -7.64
CA MET A 36 3.00 3.23 -7.65
C MET A 36 1.62 3.22 -8.29
N VAL A 37 1.54 2.63 -9.49
CA VAL A 37 0.29 2.60 -10.22
C VAL A 37 -0.71 1.66 -9.56
N GLY A 38 -0.20 0.53 -9.07
CA GLY A 38 -1.05 -0.43 -8.36
C GLY A 38 -1.30 0.01 -6.92
N GLY A 39 -0.63 1.10 -6.52
CA GLY A 39 -0.68 1.53 -5.12
C GLY A 39 -1.92 2.38 -4.85
N VAL A 40 -2.78 2.49 -5.86
CA VAL A 40 -3.94 3.37 -5.76
C VAL A 40 -4.97 2.82 -4.77
N VAL A 41 -5.08 1.49 -4.73
CA VAL A 41 -6.02 0.84 -3.84
C VAL A 41 -5.50 0.83 -2.40
N ILE A 42 -4.19 0.62 -2.27
CA ILE A 42 -3.54 0.65 -0.97
C ILE A 42 -3.55 2.07 -0.41
N ALA A 43 -3.46 3.06 -1.30
CA ALA A 43 -3.50 4.46 -0.88
C ALA A 43 -4.80 4.77 -0.17
N THR A 44 -5.92 4.44 -0.82
CA THR A 44 -7.23 4.77 -0.29
C THR A 44 -7.50 4.04 1.02
N VAL A 45 -6.91 2.85 1.15
CA VAL A 45 -7.06 2.06 2.36
C VAL A 45 -6.36 2.74 3.54
N ILE A 46 -5.10 3.11 3.32
CA ILE A 46 -4.30 3.75 4.35
C ILE A 46 -4.81 5.17 4.61
N VAL A 47 -5.29 5.82 3.56
CA VAL A 47 -5.76 7.20 3.67
C VAL A 47 -7.08 7.27 4.43
N ILE A 48 -8.00 6.37 4.07
CA ILE A 48 -9.26 6.23 4.80
C ILE A 48 -9.00 6.02 6.28
N THR A 49 -7.99 5.18 6.59
CA THR A 49 -7.62 4.92 7.97
C THR A 49 -7.07 6.18 8.63
N LEU A 50 -6.34 6.96 7.85
CA LEU A 50 -5.69 8.15 8.37
C LEU A 50 -6.72 9.18 8.83
N VAL A 51 -7.88 9.16 8.20
CA VAL A 51 -8.98 10.05 8.58
C VAL A 51 -9.36 9.83 10.03
N MET A 52 -9.53 8.55 10.40
CA MET A 52 -9.96 8.21 11.75
C MET A 52 -8.80 8.33 12.73
N LEU A 53 -7.58 8.12 12.23
CA LEU A 53 -6.38 8.26 13.06
C LEU A 53 -6.01 9.74 13.21
N LYS A 54 -6.58 10.56 12.34
CA LYS A 54 -6.27 12.00 12.30
C LYS A 54 -4.87 12.29 12.86
N LYS A 55 -3.87 12.20 11.99
CA LYS A 55 -2.49 12.40 12.40
C LYS A 55 -2.30 13.81 12.95
N LYS A 56 -1.68 13.89 14.13
CA LYS A 56 -1.47 15.18 14.79
C LYS A 56 -2.78 15.95 14.91
N GLN A 57 -3.69 15.43 15.74
CA GLN A 57 -4.95 16.11 16.01
C GLN A 57 -5.68 16.42 14.70
N TYR A 58 -6.32 17.58 14.63
CA TYR A 58 -6.90 18.07 13.38
C TYR A 58 -5.88 18.87 12.59
N VAL A 13 -12.18 -20.73 -1.90
CA VAL A 13 -11.30 -19.56 -1.89
C VAL A 13 -10.37 -19.61 -0.67
N HIS A 14 -9.10 -19.32 -0.90
CA HIS A 14 -8.12 -19.28 0.19
C HIS A 14 -7.87 -17.84 0.65
N HIS A 15 -6.71 -17.61 1.25
CA HIS A 15 -6.40 -16.31 1.83
C HIS A 15 -5.74 -15.41 0.79
N GLN A 16 -6.55 -14.59 0.13
CA GLN A 16 -6.04 -13.66 -0.89
C GLN A 16 -5.68 -12.32 -0.27
N LYS A 17 -5.61 -12.29 1.06
CA LYS A 17 -5.11 -11.11 1.76
C LYS A 17 -3.59 -11.15 1.87
N LEU A 18 -3.03 -10.30 2.73
CA LEU A 18 -1.59 -10.20 2.90
C LEU A 18 -0.94 -9.61 1.65
N VAL A 19 -1.77 -9.20 0.70
CA VAL A 19 -1.27 -8.56 -0.52
C VAL A 19 -0.87 -7.11 -0.24
N PHE A 20 -1.13 -6.66 0.99
CA PHE A 20 -0.68 -5.34 1.43
C PHE A 20 0.61 -5.46 2.24
N PHE A 21 0.76 -6.58 2.94
CA PHE A 21 1.91 -6.79 3.81
C PHE A 21 3.09 -7.35 3.01
N ALA A 22 2.86 -8.47 2.34
CA ALA A 22 3.93 -9.15 1.61
C ALA A 22 4.40 -8.30 0.42
N GLU A 23 3.63 -7.26 0.11
CA GLU A 23 4.02 -6.31 -0.94
C GLU A 23 5.24 -5.50 -0.50
N ASP A 24 5.51 -5.50 0.80
CA ASP A 24 6.64 -4.75 1.34
C ASP A 24 7.96 -5.30 0.79
N VAL A 25 7.91 -6.52 0.27
CA VAL A 25 9.06 -7.08 -0.44
C VAL A 25 9.42 -6.22 -1.65
N GLY A 26 8.40 -5.72 -2.34
CA GLY A 26 8.61 -4.92 -3.54
C GLY A 26 9.26 -5.76 -4.64
N SER A 27 10.34 -5.24 -5.21
CA SER A 27 11.09 -5.97 -6.23
C SER A 27 12.36 -5.22 -6.59
N ASN A 28 12.21 -3.93 -6.89
CA ASN A 28 13.36 -3.10 -7.25
C ASN A 28 12.97 -1.62 -7.22
N LYS A 29 13.97 -0.75 -7.35
CA LYS A 29 13.71 0.69 -7.43
C LYS A 29 12.69 1.00 -8.52
N GLY A 30 12.88 0.41 -9.69
CA GLY A 30 11.99 0.65 -10.82
C GLY A 30 10.62 0.03 -10.57
N ALA A 31 10.60 -0.99 -9.71
CA ALA A 31 9.34 -1.60 -9.29
C ALA A 31 8.48 -0.61 -8.52
N ILE A 32 9.11 0.17 -7.65
CA ILE A 32 8.39 1.08 -6.77
C ILE A 32 7.56 2.06 -7.59
N ILE A 33 8.07 2.40 -8.77
CA ILE A 33 7.37 3.32 -9.66
C ILE A 33 6.18 2.63 -10.32
N GLY A 34 6.40 1.39 -10.76
CA GLY A 34 5.36 0.64 -11.45
C GLY A 34 4.31 0.12 -10.47
N LEU A 35 4.75 -0.16 -9.24
CA LEU A 35 3.85 -0.61 -8.19
C LEU A 35 2.86 0.50 -7.80
N MET A 36 3.28 1.75 -8.02
CA MET A 36 2.43 2.89 -7.69
C MET A 36 1.13 2.84 -8.47
N VAL A 37 1.18 2.26 -9.67
CA VAL A 37 -0.01 2.13 -10.49
C VAL A 37 -1.07 1.28 -9.79
N GLY A 38 -0.64 0.13 -9.27
CA GLY A 38 -1.53 -0.76 -8.54
C GLY A 38 -1.67 -0.34 -7.08
N GLY A 39 -0.92 0.70 -6.70
CA GLY A 39 -0.90 1.14 -5.31
C GLY A 39 -2.07 2.08 -5.01
N VAL A 40 -3.02 2.13 -5.94
CA VAL A 40 -4.13 3.06 -5.82
C VAL A 40 -5.12 2.58 -4.76
N VAL A 41 -5.39 1.28 -4.76
CA VAL A 41 -6.30 0.69 -3.78
C VAL A 41 -5.69 0.77 -2.38
N ILE A 42 -4.41 0.40 -2.30
CA ILE A 42 -3.72 0.42 -1.01
C ILE A 42 -3.62 1.84 -0.47
N ALA A 43 -3.46 2.80 -1.38
CA ALA A 43 -3.41 4.21 -0.99
C ALA A 43 -4.71 4.62 -0.31
N THR A 44 -5.83 4.33 -0.96
CA THR A 44 -7.14 4.72 -0.44
C THR A 44 -7.41 4.04 0.89
N VAL A 45 -6.96 2.78 1.01
CA VAL A 45 -7.14 2.01 2.24
C VAL A 45 -6.43 2.70 3.40
N ILE A 46 -5.14 2.94 3.22
CA ILE A 46 -4.32 3.54 4.26
C ILE A 46 -4.77 4.99 4.52
N VAL A 47 -5.11 5.68 3.44
CA VAL A 47 -5.50 7.09 3.53
C VAL A 47 -6.81 7.24 4.31
N ILE A 48 -7.75 6.34 4.05
CA ILE A 48 -9.03 6.36 4.75
C ILE A 48 -8.82 6.11 6.23
N THR A 49 -7.78 5.36 6.56
CA THR A 49 -7.42 5.14 7.97
C THR A 49 -6.83 6.40 8.59
N LEU A 50 -6.10 7.16 7.78
CA LEU A 50 -5.45 8.37 8.26
C LEU A 50 -6.49 9.40 8.66
N VAL A 51 -7.63 9.39 7.98
CA VAL A 51 -8.75 10.26 8.35
C VAL A 51 -9.22 9.97 9.78
N MET A 52 -9.22 8.69 10.14
CA MET A 52 -9.75 8.27 11.42
C MET A 52 -8.76 8.58 12.54
N LEU A 53 -7.48 8.60 12.20
CA LEU A 53 -6.43 8.93 13.17
C LEU A 53 -6.58 10.37 13.66
N LYS A 54 -7.21 11.20 12.83
CA LYS A 54 -7.41 12.62 13.16
C LYS A 54 -6.07 13.38 13.09
N LYS A 55 -6.17 14.69 12.87
CA LYS A 55 -4.99 15.55 12.85
C LYS A 55 -5.34 16.95 13.37
N LYS A 56 -6.07 17.70 12.55
CA LYS A 56 -6.40 19.08 12.89
C LYS A 56 -7.50 19.62 11.98
N GLN A 57 -8.73 19.56 12.48
CA GLN A 57 -9.88 20.02 11.71
C GLN A 57 -11.12 20.15 12.61
N TYR A 58 -12.02 19.17 12.52
CA TYR A 58 -13.25 19.21 13.30
C TYR A 58 -13.14 18.28 14.51
N VAL A 13 -9.05 -20.14 -9.33
CA VAL A 13 -10.12 -19.18 -9.63
C VAL A 13 -11.39 -19.56 -8.89
N HIS A 14 -12.11 -18.54 -8.40
CA HIS A 14 -13.36 -18.77 -7.70
C HIS A 14 -13.13 -19.53 -6.40
N HIS A 15 -11.89 -19.52 -5.93
CA HIS A 15 -11.52 -20.26 -4.72
C HIS A 15 -11.41 -19.31 -3.53
N GLN A 16 -10.46 -18.37 -3.61
CA GLN A 16 -10.28 -17.38 -2.55
C GLN A 16 -9.33 -16.28 -3.01
N LYS A 17 -9.60 -15.06 -2.56
CA LYS A 17 -8.74 -13.92 -2.89
C LYS A 17 -7.84 -13.58 -1.72
N LEU A 18 -6.57 -13.98 -1.82
CA LEU A 18 -5.59 -13.72 -0.77
C LEU A 18 -4.33 -13.07 -1.34
N VAL A 19 -4.18 -13.17 -2.66
CA VAL A 19 -3.03 -12.58 -3.33
C VAL A 19 -3.07 -11.05 -3.21
N PHE A 20 -4.21 -10.53 -2.76
CA PHE A 20 -4.38 -9.08 -2.61
C PHE A 20 -3.35 -8.52 -1.64
N PHE A 21 -3.31 -9.09 -0.44
CA PHE A 21 -2.33 -8.68 0.57
C PHE A 21 -0.95 -9.24 0.23
N ALA A 22 -0.93 -10.42 -0.40
CA ALA A 22 0.33 -11.05 -0.78
C ALA A 22 1.04 -10.24 -1.86
N GLU A 23 0.32 -9.29 -2.45
CA GLU A 23 0.93 -8.37 -3.41
C GLU A 23 2.05 -7.57 -2.77
N ASP A 24 2.07 -7.54 -1.44
CA ASP A 24 2.96 -6.65 -0.71
C ASP A 24 4.39 -7.22 -0.68
N VAL A 25 4.51 -8.47 -1.10
CA VAL A 25 5.83 -9.11 -1.20
C VAL A 25 6.63 -8.50 -2.35
N GLY A 26 6.00 -7.60 -3.10
CA GLY A 26 6.64 -6.98 -4.26
C GLY A 26 8.00 -6.42 -3.89
N SER A 27 8.95 -6.53 -4.82
CA SER A 27 10.33 -6.12 -4.56
C SER A 27 10.82 -5.19 -5.67
N ASN A 28 12.14 -4.99 -5.71
CA ASN A 28 12.74 -4.08 -6.70
C ASN A 28 12.41 -2.62 -6.37
N LYS A 29 13.35 -1.73 -6.67
CA LYS A 29 13.15 -0.30 -6.39
C LYS A 29 12.37 0.37 -7.52
N GLY A 30 12.82 0.14 -8.75
CA GLY A 30 12.19 0.76 -9.91
C GLY A 30 10.77 0.26 -10.10
N ALA A 31 10.44 -0.82 -9.40
CA ALA A 31 9.08 -1.37 -9.43
C ALA A 31 8.08 -0.37 -8.86
N ILE A 32 8.56 0.53 -7.98
CA ILE A 32 7.69 1.48 -7.31
C ILE A 32 6.89 2.30 -8.31
N ILE A 33 7.49 2.51 -9.48
CA ILE A 33 6.80 3.21 -10.57
C ILE A 33 5.59 2.40 -11.04
N GLY A 34 5.81 1.12 -11.31
CA GLY A 34 4.76 0.27 -11.88
C GLY A 34 3.79 -0.19 -10.81
N LEU A 35 4.31 -0.44 -9.61
CA LEU A 35 3.48 -0.81 -8.46
C LEU A 35 2.51 0.32 -8.10
N MET A 36 2.92 1.55 -8.38
CA MET A 36 2.08 2.72 -8.07
C MET A 36 0.79 2.69 -8.89
N VAL A 37 0.87 2.12 -10.09
CA VAL A 37 -0.30 2.03 -10.96
C VAL A 37 -1.41 1.22 -10.29
N GLY A 38 -1.02 0.14 -9.62
CA GLY A 38 -1.97 -0.69 -8.90
C GLY A 38 -2.04 -0.30 -7.43
N GLY A 39 -1.27 0.72 -7.05
CA GLY A 39 -1.22 1.17 -5.67
C GLY A 39 -2.40 2.09 -5.35
N VAL A 40 -3.40 2.10 -6.24
CA VAL A 40 -4.57 2.95 -6.05
C VAL A 40 -5.43 2.42 -4.90
N VAL A 41 -5.67 1.11 -4.90
CA VAL A 41 -6.53 0.51 -3.89
C VAL A 41 -5.87 0.57 -2.51
N ILE A 42 -4.57 0.28 -2.49
CA ILE A 42 -3.81 0.34 -1.25
C ILE A 42 -3.71 1.77 -0.74
N ALA A 43 -3.59 2.72 -1.66
CA ALA A 43 -3.53 4.13 -1.29
C ALA A 43 -4.78 4.54 -0.52
N THR A 44 -5.94 4.22 -1.10
CA THR A 44 -7.22 4.56 -0.46
C THR A 44 -7.34 3.89 0.91
N VAL A 45 -6.86 2.65 0.99
CA VAL A 45 -6.95 1.89 2.25
C VAL A 45 -6.16 2.57 3.35
N ILE A 46 -4.90 2.90 3.04
CA ILE A 46 -4.02 3.55 4.00
C ILE A 46 -4.49 4.99 4.26
N VAL A 47 -4.97 5.64 3.21
CA VAL A 47 -5.39 7.04 3.31
C VAL A 47 -6.64 7.17 4.17
N ILE A 48 -7.58 6.25 3.95
CA ILE A 48 -8.83 6.23 4.73
C ILE A 48 -8.52 6.00 6.21
N THR A 49 -7.43 5.28 6.48
CA THR A 49 -7.01 5.04 7.86
C THR A 49 -6.47 6.31 8.49
N LEU A 50 -5.78 7.12 7.69
CA LEU A 50 -5.19 8.36 8.18
C LEU A 50 -6.26 9.32 8.65
N VAL A 51 -7.43 9.25 8.01
CA VAL A 51 -8.58 10.08 8.42
C VAL A 51 -8.95 9.80 9.87
N MET A 52 -8.84 8.54 10.27
CA MET A 52 -9.19 8.15 11.63
C MET A 52 -8.17 8.67 12.64
N LEU A 53 -6.91 8.76 12.19
CA LEU A 53 -5.85 9.31 13.04
C LEU A 53 -6.01 10.81 13.18
N LYS A 54 -6.41 11.46 12.10
CA LYS A 54 -6.57 12.91 12.09
C LYS A 54 -7.72 13.34 13.00
N LYS A 55 -7.64 14.57 13.51
CA LYS A 55 -8.67 15.10 14.40
C LYS A 55 -8.86 14.18 15.60
N LYS A 56 -8.10 14.46 16.67
CA LYS A 56 -8.16 13.64 17.88
C LYS A 56 -8.01 14.51 19.12
N GLN A 57 -6.93 15.30 19.15
CA GLN A 57 -6.68 16.18 20.29
C GLN A 57 -7.54 17.44 20.21
N TYR A 58 -7.70 18.12 21.35
CA TYR A 58 -8.49 19.33 21.40
C TYR A 58 -7.97 20.27 22.49
N VAL A 13 3.93 -13.13 -3.49
CA VAL A 13 2.60 -13.47 -4.01
C VAL A 13 1.56 -13.43 -2.90
N HIS A 14 2.00 -13.76 -1.68
CA HIS A 14 1.11 -13.71 -0.52
C HIS A 14 1.18 -12.34 0.16
N HIS A 15 0.29 -12.13 1.13
CA HIS A 15 0.09 -10.79 1.67
C HIS A 15 1.29 -10.36 2.52
N GLN A 16 1.24 -10.69 3.81
CA GLN A 16 2.43 -10.66 4.65
C GLN A 16 3.16 -9.32 4.52
N LYS A 17 4.35 -9.35 3.95
CA LYS A 17 5.10 -8.11 3.66
C LYS A 17 5.28 -7.93 2.17
N LEU A 18 5.87 -6.80 1.78
CA LEU A 18 6.24 -6.56 0.39
C LEU A 18 7.75 -6.48 0.24
N VAL A 19 8.38 -5.70 1.10
CA VAL A 19 9.79 -5.33 0.92
C VAL A 19 10.68 -6.38 1.56
N PHE A 20 10.33 -6.79 2.78
CA PHE A 20 11.03 -7.88 3.44
C PHE A 20 10.84 -9.19 2.68
N PHE A 21 9.65 -9.35 2.09
CA PHE A 21 9.34 -10.55 1.33
C PHE A 21 9.60 -10.33 -0.15
N ALA A 22 10.43 -9.33 -0.46
CA ALA A 22 10.83 -9.05 -1.84
C ALA A 22 11.77 -10.14 -2.36
N GLU A 23 12.23 -11.01 -1.45
CA GLU A 23 13.10 -12.12 -1.82
C GLU A 23 12.34 -13.15 -2.65
N ASP A 24 11.03 -13.22 -2.43
CA ASP A 24 10.18 -14.14 -3.18
C ASP A 24 10.06 -13.69 -4.64
N VAL A 25 9.65 -12.44 -4.82
CA VAL A 25 9.38 -11.93 -6.17
C VAL A 25 10.67 -11.46 -6.82
N GLY A 26 11.38 -10.57 -6.15
CA GLY A 26 12.65 -10.07 -6.66
C GLY A 26 12.44 -8.79 -7.47
N SER A 27 11.88 -7.77 -6.82
CA SER A 27 11.60 -6.50 -7.50
C SER A 27 12.75 -5.52 -7.30
N ASN A 28 12.65 -4.37 -7.96
CA ASN A 28 13.68 -3.33 -7.84
C ASN A 28 13.05 -1.97 -7.53
N LYS A 29 13.90 -0.99 -7.25
CA LYS A 29 13.43 0.36 -6.98
C LYS A 29 12.68 0.93 -8.18
N GLY A 30 13.12 0.56 -9.38
CA GLY A 30 12.45 0.98 -10.60
C GLY A 30 11.08 0.32 -10.72
N ALA A 31 10.97 -0.90 -10.20
CA ALA A 31 9.72 -1.65 -10.29
C ALA A 31 8.69 -1.08 -9.33
N ILE A 32 9.16 -0.52 -8.22
CA ILE A 32 8.28 0.10 -7.23
C ILE A 32 7.47 1.23 -7.87
N ILE A 33 8.09 1.91 -8.83
CA ILE A 33 7.45 3.04 -9.50
C ILE A 33 6.27 2.55 -10.32
N GLY A 34 6.42 1.37 -10.92
CA GLY A 34 5.37 0.81 -11.75
C GLY A 34 4.27 0.17 -10.90
N LEU A 35 4.67 -0.37 -9.75
CA LEU A 35 3.72 -0.95 -8.82
C LEU A 35 2.87 0.13 -8.15
N MET A 36 3.38 1.35 -8.15
CA MET A 36 2.66 2.47 -7.54
C MET A 36 1.37 2.77 -8.29
N VAL A 37 1.35 2.42 -9.58
CA VAL A 37 0.14 2.60 -10.39
C VAL A 37 -1.00 1.73 -9.85
N GLY A 38 -0.67 0.50 -9.47
CA GLY A 38 -1.67 -0.42 -8.93
C GLY A 38 -1.97 -0.09 -7.47
N GLY A 39 -1.29 0.92 -6.94
CA GLY A 39 -1.42 1.25 -5.52
C GLY A 39 -2.66 2.10 -5.27
N VAL A 40 -3.52 2.20 -6.28
CA VAL A 40 -4.68 3.08 -6.21
C VAL A 40 -5.71 2.52 -5.21
N VAL A 41 -5.85 1.20 -5.18
CA VAL A 41 -6.79 0.55 -4.27
C VAL A 41 -6.20 0.53 -2.86
N ILE A 42 -4.90 0.31 -2.76
CA ILE A 42 -4.23 0.30 -1.46
C ILE A 42 -4.10 1.70 -0.91
N ALA A 43 -4.03 2.69 -1.80
CA ALA A 43 -3.95 4.09 -1.39
C ALA A 43 -5.20 4.49 -0.62
N THR A 44 -6.36 4.26 -1.23
CA THR A 44 -7.63 4.63 -0.62
C THR A 44 -7.81 3.93 0.72
N VAL A 45 -7.35 2.68 0.79
CA VAL A 45 -7.46 1.90 2.02
C VAL A 45 -6.64 2.54 3.13
N ILE A 46 -5.37 2.79 2.84
CA ILE A 46 -4.47 3.40 3.81
C ILE A 46 -4.89 4.83 4.12
N VAL A 47 -5.36 5.53 3.09
CA VAL A 47 -5.69 6.94 3.22
C VAL A 47 -6.95 7.11 4.06
N ILE A 48 -7.92 6.22 3.85
CA ILE A 48 -9.15 6.23 4.63
C ILE A 48 -8.85 5.95 6.10
N THR A 49 -7.83 5.12 6.34
CA THR A 49 -7.40 4.82 7.69
C THR A 49 -6.74 6.04 8.32
N LEU A 50 -6.08 6.83 7.51
CA LEU A 50 -5.36 8.01 8.00
C LEU A 50 -6.33 9.07 8.50
N VAL A 51 -7.52 9.10 7.90
CA VAL A 51 -8.57 10.03 8.33
C VAL A 51 -9.01 9.72 9.75
N MET A 52 -9.01 8.44 10.09
CA MET A 52 -9.38 8.01 11.44
C MET A 52 -8.36 8.52 12.46
N LEU A 53 -7.08 8.53 12.08
CA LEU A 53 -6.01 8.99 12.97
C LEU A 53 -6.24 10.45 13.36
N LYS A 54 -6.25 11.33 12.36
CA LYS A 54 -6.50 12.74 12.59
C LYS A 54 -7.50 13.27 11.56
N LYS A 55 -8.26 14.30 11.96
CA LYS A 55 -9.20 14.93 11.05
C LYS A 55 -8.48 15.84 10.07
N LYS A 56 -9.26 16.57 9.26
CA LYS A 56 -8.69 17.39 8.21
C LYS A 56 -7.75 18.45 8.80
N GLN A 57 -8.34 19.46 9.44
CA GLN A 57 -7.56 20.52 10.05
C GLN A 57 -8.43 21.34 11.01
N TYR A 58 -8.57 20.83 12.24
CA TYR A 58 -9.40 21.49 13.25
C TYR A 58 -10.85 21.54 12.79
N VAL A 13 0.96 -17.77 -5.46
CA VAL A 13 1.22 -19.07 -6.07
C VAL A 13 -0.06 -19.89 -6.12
N HIS A 14 -0.65 -20.15 -4.95
CA HIS A 14 -1.86 -20.96 -4.87
C HIS A 14 -2.64 -20.63 -3.61
N HIS A 15 -2.47 -19.40 -3.13
CA HIS A 15 -3.21 -18.94 -1.96
C HIS A 15 -4.54 -18.31 -2.39
N GLN A 16 -5.49 -18.25 -1.47
CA GLN A 16 -6.76 -17.59 -1.72
C GLN A 16 -6.64 -16.09 -1.48
N LYS A 17 -6.40 -15.72 -0.22
CA LYS A 17 -6.26 -14.32 0.15
C LYS A 17 -5.02 -14.11 1.02
N LEU A 18 -5.08 -13.09 1.87
CA LEU A 18 -3.98 -12.79 2.80
C LEU A 18 -2.77 -12.24 2.05
N VAL A 19 -2.87 -12.22 0.72
CA VAL A 19 -1.78 -11.73 -0.11
C VAL A 19 -1.77 -10.21 -0.14
N PHE A 20 -2.72 -9.60 0.57
CA PHE A 20 -2.82 -8.15 0.65
C PHE A 20 -1.51 -7.56 1.17
N PHE A 21 -1.07 -8.07 2.32
CA PHE A 21 0.17 -7.60 2.91
C PHE A 21 1.38 -8.24 2.22
N ALA A 22 1.16 -9.43 1.65
CA ALA A 22 2.21 -10.13 0.94
C ALA A 22 2.57 -9.41 -0.36
N GLU A 23 1.76 -8.42 -0.72
CA GLU A 23 2.09 -7.57 -1.87
C GLU A 23 3.14 -6.53 -1.49
N ASP A 24 3.32 -6.32 -0.19
CA ASP A 24 4.20 -5.27 0.30
C ASP A 24 5.66 -5.69 0.14
N VAL A 25 5.87 -6.94 -0.25
CA VAL A 25 7.21 -7.44 -0.54
C VAL A 25 7.80 -6.74 -1.76
N GLY A 26 6.95 -6.02 -2.48
CA GLY A 26 7.39 -5.32 -3.69
C GLY A 26 8.66 -4.52 -3.43
N SER A 27 9.70 -4.84 -4.20
CA SER A 27 10.99 -4.16 -4.06
C SER A 27 11.46 -3.64 -5.41
N ASN A 28 12.78 -3.46 -5.55
CA ASN A 28 13.36 -2.93 -6.78
C ASN A 28 12.79 -1.54 -7.10
N LYS A 29 13.66 -0.53 -7.08
CA LYS A 29 13.24 0.84 -7.35
C LYS A 29 12.56 0.93 -8.72
N GLY A 30 13.05 0.13 -9.66
CA GLY A 30 12.41 0.04 -10.99
C GLY A 30 10.97 -0.44 -10.87
N ALA A 31 10.80 -1.58 -10.21
CA ALA A 31 9.47 -2.20 -10.08
C ALA A 31 8.57 -1.33 -9.20
N ILE A 32 9.18 -0.69 -8.20
CA ILE A 32 8.43 0.15 -7.27
C ILE A 32 7.63 1.21 -8.02
N ILE A 33 8.23 1.76 -9.07
CA ILE A 33 7.55 2.75 -9.90
C ILE A 33 6.30 2.15 -10.53
N GLY A 34 6.43 0.93 -11.04
CA GLY A 34 5.32 0.27 -11.72
C GLY A 34 4.28 -0.25 -10.71
N LEU A 35 4.78 -0.74 -9.59
CA LEU A 35 3.90 -1.24 -8.53
C LEU A 35 3.06 -0.11 -7.93
N MET A 36 3.57 1.11 -8.05
CA MET A 36 2.88 2.28 -7.50
C MET A 36 1.54 2.50 -8.21
N VAL A 37 1.47 2.09 -9.47
CA VAL A 37 0.24 2.20 -10.24
C VAL A 37 -0.87 1.39 -9.59
N GLY A 38 -0.53 0.18 -9.14
CA GLY A 38 -1.49 -0.67 -8.46
C GLY A 38 -1.68 -0.25 -7.01
N GLY A 39 -0.90 0.75 -6.58
CA GLY A 39 -0.96 1.22 -5.20
C GLY A 39 -2.06 2.26 -5.02
N VAL A 40 -3.07 2.21 -5.90
CA VAL A 40 -4.19 3.15 -5.83
C VAL A 40 -5.26 2.61 -4.88
N VAL A 41 -5.43 1.29 -4.86
CA VAL A 41 -6.45 0.67 -4.03
C VAL A 41 -5.98 0.63 -2.57
N ILE A 42 -4.71 0.31 -2.36
CA ILE A 42 -4.14 0.30 -1.02
C ILE A 42 -4.00 1.73 -0.49
N ALA A 43 -3.87 2.68 -1.41
CA ALA A 43 -3.73 4.09 -1.03
C ALA A 43 -4.97 4.57 -0.29
N THR A 44 -6.14 4.33 -0.89
CA THR A 44 -7.39 4.75 -0.29
C THR A 44 -7.61 4.06 1.05
N VAL A 45 -7.12 2.83 1.16
CA VAL A 45 -7.26 2.06 2.40
C VAL A 45 -6.41 2.68 3.50
N ILE A 46 -5.16 3.01 3.16
CA ILE A 46 -4.23 3.60 4.13
C ILE A 46 -4.60 5.06 4.39
N VAL A 47 -5.16 5.72 3.38
CA VAL A 47 -5.52 7.13 3.51
C VAL A 47 -6.78 7.28 4.37
N ILE A 48 -7.75 6.41 4.13
CA ILE A 48 -9.00 6.43 4.88
C ILE A 48 -8.73 6.19 6.36
N THR A 49 -7.78 5.30 6.65
CA THR A 49 -7.43 4.98 8.03
C THR A 49 -6.66 6.14 8.67
N LEU A 50 -5.92 6.88 7.84
CA LEU A 50 -5.18 8.04 8.33
C LEU A 50 -6.14 9.12 8.82
N VAL A 51 -7.27 9.26 8.12
CA VAL A 51 -8.29 10.24 8.51
C VAL A 51 -8.80 9.95 9.91
N MET A 52 -8.86 8.67 10.26
CA MET A 52 -9.35 8.27 11.58
C MET A 52 -8.33 8.60 12.66
N LEU A 53 -7.05 8.52 12.29
CA LEU A 53 -5.98 8.87 13.20
C LEU A 53 -5.86 10.40 13.32
N LYS A 54 -6.21 11.09 12.24
CA LYS A 54 -6.10 12.55 12.18
C LYS A 54 -4.88 13.05 12.96
N LYS A 55 -3.79 12.28 12.88
CA LYS A 55 -2.56 12.61 13.59
C LYS A 55 -2.85 13.05 15.03
N LYS A 56 -2.98 14.36 15.23
CA LYS A 56 -3.30 14.91 16.54
C LYS A 56 -2.12 14.72 17.50
N GLN A 57 -1.39 15.81 17.75
CA GLN A 57 -0.20 15.73 18.60
C GLN A 57 0.01 17.06 19.34
N TYR A 58 -0.16 18.17 18.63
CA TYR A 58 -0.06 19.49 19.25
C TYR A 58 -1.17 20.40 18.74
N VAL A 13 1.11 -25.01 1.29
CA VAL A 13 1.07 -23.56 1.12
C VAL A 13 0.73 -22.88 2.45
N HIS A 14 1.63 -22.01 2.90
CA HIS A 14 1.48 -21.38 4.22
C HIS A 14 0.96 -19.96 4.08
N HIS A 15 1.88 -19.02 3.91
CA HIS A 15 1.51 -17.61 3.71
C HIS A 15 0.58 -17.15 4.83
N GLN A 16 -0.12 -16.05 4.57
CA GLN A 16 -1.12 -15.53 5.50
C GLN A 16 -0.46 -14.86 6.70
N LYS A 17 0.21 -15.67 7.52
CA LYS A 17 0.99 -15.14 8.64
C LYS A 17 2.49 -15.11 8.30
N LEU A 18 3.24 -14.39 9.13
CA LEU A 18 4.69 -14.27 8.92
C LEU A 18 4.99 -13.41 7.69
N VAL A 19 3.94 -12.93 7.04
CA VAL A 19 4.09 -12.06 5.88
C VAL A 19 4.61 -10.68 6.30
N PHE A 20 4.58 -10.43 7.61
CA PHE A 20 5.10 -9.17 8.14
C PHE A 20 6.63 -9.11 8.00
N PHE A 21 7.23 -10.23 7.59
CA PHE A 21 8.66 -10.26 7.30
C PHE A 21 8.92 -9.77 5.88
N ALA A 22 8.17 -8.74 5.46
CA ALA A 22 8.34 -8.18 4.13
C ALA A 22 9.62 -7.33 4.05
N GLU A 23 10.21 -7.07 5.21
CA GLU A 23 11.39 -6.21 5.27
C GLU A 23 12.57 -6.86 4.55
N ASP A 24 12.61 -8.18 4.56
CA ASP A 24 13.66 -8.92 3.88
C ASP A 24 13.51 -8.83 2.36
N VAL A 25 12.33 -9.23 1.88
CA VAL A 25 12.08 -9.25 0.45
C VAL A 25 11.87 -7.84 -0.10
N GLY A 26 11.96 -6.84 0.79
CA GLY A 26 11.76 -5.44 0.39
C GLY A 26 12.91 -4.95 -0.48
N SER A 27 12.98 -3.63 -0.66
CA SER A 27 13.93 -3.03 -1.60
C SER A 27 13.63 -3.47 -3.03
N ASN A 28 13.04 -2.55 -3.81
CA ASN A 28 12.83 -2.79 -5.24
C ASN A 28 12.32 -1.52 -5.91
N LYS A 29 13.21 -0.85 -6.64
CA LYS A 29 12.84 0.38 -7.33
C LYS A 29 11.85 0.10 -8.46
N GLY A 30 12.11 -0.98 -9.19
CA GLY A 30 11.25 -1.34 -10.32
C GLY A 30 9.84 -1.67 -9.86
N ALA A 31 9.75 -2.43 -8.76
CA ALA A 31 8.45 -2.79 -8.19
C ALA A 31 7.73 -1.55 -7.69
N ILE A 32 8.48 -0.66 -7.05
CA ILE A 32 7.90 0.57 -6.51
C ILE A 32 7.17 1.35 -7.60
N ILE A 33 7.79 1.41 -8.77
CA ILE A 33 7.19 2.12 -9.91
C ILE A 33 5.95 1.38 -10.40
N GLY A 34 6.08 0.07 -10.59
CA GLY A 34 4.98 -0.74 -11.10
C GLY A 34 3.84 -0.81 -10.10
N LEU A 35 4.18 -0.69 -8.82
CA LEU A 35 3.18 -0.66 -7.76
C LEU A 35 2.57 0.73 -7.62
N MET A 36 3.31 1.73 -8.10
CA MET A 36 2.86 3.11 -7.95
C MET A 36 1.60 3.36 -8.79
N VAL A 37 1.65 2.95 -10.04
CA VAL A 37 0.51 3.11 -10.94
C VAL A 37 -0.65 2.23 -10.48
N GLY A 38 -0.31 1.07 -9.93
CA GLY A 38 -1.33 0.15 -9.41
C GLY A 38 -1.61 0.44 -7.93
N GLY A 39 -1.01 1.52 -7.42
CA GLY A 39 -1.14 1.85 -6.00
C GLY A 39 -2.39 2.70 -5.77
N VAL A 40 -3.29 2.70 -6.73
CA VAL A 40 -4.53 3.47 -6.62
C VAL A 40 -5.48 2.82 -5.61
N VAL A 41 -5.58 1.49 -5.68
CA VAL A 41 -6.49 0.77 -4.79
C VAL A 41 -5.97 0.80 -3.35
N ILE A 42 -4.66 0.61 -3.20
CA ILE A 42 -4.05 0.54 -1.88
C ILE A 42 -3.95 1.92 -1.26
N ALA A 43 -3.87 2.94 -2.11
CA ALA A 43 -3.85 4.32 -1.64
C ALA A 43 -5.11 4.65 -0.87
N THR A 44 -6.25 4.27 -1.45
CA THR A 44 -7.55 4.60 -0.86
C THR A 44 -7.75 3.86 0.46
N VAL A 45 -7.23 2.62 0.49
CA VAL A 45 -7.26 1.82 1.71
C VAL A 45 -6.51 2.53 2.84
N ILE A 46 -5.36 3.08 2.50
CA ILE A 46 -4.54 3.81 3.47
C ILE A 46 -5.22 5.13 3.84
N VAL A 47 -5.84 5.78 2.85
CA VAL A 47 -6.45 7.09 3.06
C VAL A 47 -7.54 6.99 4.13
N ILE A 48 -8.39 5.97 4.00
CA ILE A 48 -9.47 5.76 4.95
C ILE A 48 -8.90 5.44 6.34
N THR A 49 -7.71 4.84 6.37
CA THR A 49 -7.04 4.52 7.62
C THR A 49 -6.44 5.79 8.24
N LEU A 50 -5.90 6.65 7.39
CA LEU A 50 -5.29 7.89 7.86
C LEU A 50 -6.33 8.81 8.48
N VAL A 51 -7.56 8.72 7.98
CA VAL A 51 -8.66 9.51 8.51
C VAL A 51 -8.91 9.16 9.98
N MET A 52 -8.59 7.91 10.35
CA MET A 52 -8.85 7.44 11.70
C MET A 52 -7.76 7.90 12.65
N LEU A 53 -6.58 8.18 12.10
CA LEU A 53 -5.46 8.65 12.93
C LEU A 53 -5.81 9.97 13.61
N LYS A 54 -6.83 10.65 13.09
CA LYS A 54 -7.29 11.89 13.69
C LYS A 54 -8.09 11.60 14.97
N LYS A 55 -8.92 10.56 14.91
CA LYS A 55 -9.75 10.17 16.05
C LYS A 55 -10.85 11.20 16.30
N LYS A 56 -12.07 10.87 15.87
CA LYS A 56 -13.21 11.76 16.05
C LYS A 56 -14.05 11.33 17.24
N GLN A 57 -14.57 10.11 17.17
CA GLN A 57 -15.43 9.58 18.24
C GLN A 57 -15.03 8.15 18.58
N TYR A 58 -14.71 7.37 17.55
CA TYR A 58 -14.38 5.96 17.74
C TYR A 58 -12.89 5.79 18.02
N VAL A 13 0.69 -18.47 -16.37
CA VAL A 13 0.20 -18.82 -17.70
C VAL A 13 -1.26 -19.26 -17.64
N HIS A 14 -1.66 -19.80 -16.49
CA HIS A 14 -3.05 -20.21 -16.29
C HIS A 14 -3.91 -19.02 -15.90
N HIS A 15 -5.23 -19.20 -16.00
CA HIS A 15 -6.17 -18.14 -15.65
C HIS A 15 -6.46 -18.16 -14.15
N GLN A 16 -5.50 -17.70 -13.36
CA GLN A 16 -5.64 -17.69 -11.91
C GLN A 16 -5.88 -16.28 -11.39
N LYS A 17 -6.60 -16.16 -10.29
CA LYS A 17 -6.91 -14.86 -9.70
C LYS A 17 -5.91 -14.53 -8.59
N LEU A 18 -6.23 -13.48 -7.82
CA LEU A 18 -5.38 -13.06 -6.71
C LEU A 18 -4.10 -12.40 -7.21
N VAL A 19 -3.85 -12.54 -8.52
CA VAL A 19 -2.66 -11.96 -9.13
C VAL A 19 -2.76 -10.44 -9.16
N PHE A 20 -3.97 -9.93 -8.90
CA PHE A 20 -4.19 -8.48 -8.82
C PHE A 20 -3.43 -7.90 -7.64
N PHE A 21 -3.77 -8.36 -6.44
CA PHE A 21 -3.15 -7.82 -5.23
C PHE A 21 -1.70 -8.30 -5.11
N ALA A 22 -1.43 -9.50 -5.61
CA ALA A 22 -0.09 -10.08 -5.50
C ALA A 22 0.92 -9.26 -6.30
N GLU A 23 0.41 -8.42 -7.19
CA GLU A 23 1.27 -7.51 -7.95
C GLU A 23 1.77 -6.37 -7.07
N ASP A 24 1.01 -6.05 -6.03
CA ASP A 24 1.35 -4.93 -5.16
C ASP A 24 2.61 -5.24 -4.35
N VAL A 25 3.07 -6.48 -4.43
CA VAL A 25 4.33 -6.86 -3.83
C VAL A 25 5.48 -6.10 -4.47
N GLY A 26 5.44 -5.96 -5.79
CA GLY A 26 6.55 -5.38 -6.54
C GLY A 26 7.78 -6.28 -6.47
N SER A 27 8.97 -5.67 -6.50
CA SER A 27 10.21 -6.41 -6.67
C SER A 27 11.41 -5.52 -6.36
N ASN A 28 11.92 -4.85 -7.39
CA ASN A 28 13.13 -4.04 -7.26
C ASN A 28 12.78 -2.56 -7.36
N LYS A 29 13.80 -1.73 -7.57
CA LYS A 29 13.59 -0.29 -7.73
C LYS A 29 12.52 -0.03 -8.78
N GLY A 30 12.63 -0.72 -9.91
CA GLY A 30 11.76 -0.45 -11.06
C GLY A 30 10.31 -0.82 -10.73
N ALA A 31 10.14 -1.66 -9.71
CA ALA A 31 8.81 -2.07 -9.28
C ALA A 31 8.08 -0.92 -8.60
N ILE A 32 8.83 0.10 -8.19
CA ILE A 32 8.23 1.30 -7.60
C ILE A 32 7.17 1.89 -8.53
N ILE A 33 7.41 1.75 -9.83
CA ILE A 33 6.46 2.24 -10.84
C ILE A 33 5.16 1.43 -10.77
N GLY A 34 5.31 0.13 -10.58
CA GLY A 34 4.14 -0.75 -10.47
C GLY A 34 3.43 -0.56 -9.13
N LEU A 35 4.20 -0.23 -8.10
CA LEU A 35 3.63 0.06 -6.79
C LEU A 35 2.92 1.41 -6.79
N MET A 36 3.42 2.33 -7.61
CA MET A 36 2.86 3.67 -7.65
C MET A 36 1.49 3.66 -8.32
N VAL A 37 1.44 3.05 -9.51
CA VAL A 37 0.21 3.01 -10.28
C VAL A 37 -0.79 2.04 -9.66
N GLY A 38 -0.26 0.96 -9.07
CA GLY A 38 -1.09 -0.02 -8.39
C GLY A 38 -1.37 0.39 -6.96
N GLY A 39 -0.75 1.49 -6.53
CA GLY A 39 -0.90 1.96 -5.16
C GLY A 39 -2.14 2.82 -5.01
N VAL A 40 -3.06 2.71 -5.97
CA VAL A 40 -4.32 3.43 -5.90
C VAL A 40 -5.27 2.76 -4.91
N VAL A 41 -5.20 1.44 -4.83
CA VAL A 41 -6.07 0.68 -3.94
C VAL A 41 -5.58 0.77 -2.50
N ILE A 42 -4.28 0.59 -2.31
CA ILE A 42 -3.68 0.66 -0.98
C ILE A 42 -3.74 2.10 -0.45
N ALA A 43 -3.78 3.07 -1.36
CA ALA A 43 -3.86 4.47 -0.99
C ALA A 43 -5.15 4.75 -0.21
N THR A 44 -6.27 4.32 -0.79
CA THR A 44 -7.57 4.57 -0.19
C THR A 44 -7.69 3.85 1.16
N VAL A 45 -7.02 2.70 1.27
CA VAL A 45 -7.00 1.94 2.51
C VAL A 45 -6.22 2.71 3.58
N ILE A 46 -5.07 3.23 3.21
CA ILE A 46 -4.25 4.00 4.14
C ILE A 46 -4.91 5.34 4.46
N VAL A 47 -5.56 5.92 3.46
CA VAL A 47 -6.16 7.24 3.60
C VAL A 47 -7.39 7.16 4.50
N ILE A 48 -8.25 6.19 4.23
CA ILE A 48 -9.51 6.07 4.96
C ILE A 48 -9.25 5.68 6.42
N THR A 49 -8.13 4.99 6.65
CA THR A 49 -7.66 4.72 8.01
C THR A 49 -7.20 6.01 8.68
N LEU A 50 -6.40 6.79 7.95
CA LEU A 50 -5.79 7.98 8.52
C LEU A 50 -6.86 9.01 8.88
N VAL A 51 -7.93 9.03 8.10
CA VAL A 51 -9.08 9.88 8.40
C VAL A 51 -9.63 9.56 9.79
N MET A 52 -9.67 8.26 10.12
CA MET A 52 -10.24 7.82 11.39
C MET A 52 -9.23 8.02 12.52
N LEU A 53 -7.94 7.96 12.16
CA LEU A 53 -6.87 8.20 13.14
C LEU A 53 -6.87 9.66 13.60
N LYS A 54 -7.47 10.53 12.78
CA LYS A 54 -7.54 11.95 13.11
C LYS A 54 -8.79 12.25 13.94
N LYS A 55 -9.27 11.24 14.66
CA LYS A 55 -10.41 11.41 15.54
C LYS A 55 -9.98 12.09 16.84
N LYS A 56 -10.97 12.42 17.68
CA LYS A 56 -10.69 13.04 18.97
C LYS A 56 -11.62 12.49 20.05
N GLN A 57 -11.06 11.66 20.93
CA GLN A 57 -11.86 11.00 21.97
C GLN A 57 -12.62 12.04 22.79
N TYR A 58 -13.91 12.17 22.51
CA TYR A 58 -14.73 13.21 23.15
C TYR A 58 -14.14 14.60 22.88
N VAL A 13 -5.62 -25.15 2.29
CA VAL A 13 -6.14 -24.04 1.50
C VAL A 13 -5.11 -22.92 1.40
N HIS A 14 -4.96 -22.37 0.19
CA HIS A 14 -4.09 -21.22 0.00
C HIS A 14 -4.56 -20.39 -1.21
N HIS A 15 -5.52 -20.93 -1.96
CA HIS A 15 -5.96 -20.30 -3.19
C HIS A 15 -6.71 -19.00 -2.89
N GLN A 16 -6.96 -18.76 -1.61
CA GLN A 16 -7.63 -17.53 -1.18
C GLN A 16 -6.81 -16.30 -1.57
N LYS A 17 -5.82 -15.97 -0.74
CA LYS A 17 -5.01 -14.79 -0.98
C LYS A 17 -4.00 -15.07 -2.09
N LEU A 18 -4.37 -14.68 -3.31
CA LEU A 18 -3.50 -14.85 -4.47
C LEU A 18 -3.39 -13.55 -5.25
N VAL A 19 -4.54 -12.89 -5.43
CA VAL A 19 -4.61 -11.69 -6.24
C VAL A 19 -4.01 -10.50 -5.47
N PHE A 20 -4.20 -10.50 -4.15
CA PHE A 20 -3.66 -9.43 -3.31
C PHE A 20 -2.14 -9.59 -3.17
N PHE A 21 -1.66 -10.82 -3.36
CA PHE A 21 -0.22 -11.07 -3.32
C PHE A 21 0.33 -11.22 -4.74
N ALA A 22 -0.45 -10.77 -5.72
CA ALA A 22 -0.02 -10.82 -7.12
C ALA A 22 0.95 -9.69 -7.43
N GLU A 23 1.19 -8.83 -6.44
CA GLU A 23 2.19 -7.78 -6.55
C GLU A 23 3.60 -8.37 -6.67
N ASP A 24 3.69 -9.69 -6.49
CA ASP A 24 4.99 -10.36 -6.51
C ASP A 24 5.59 -10.31 -7.92
N VAL A 25 4.75 -9.99 -8.90
CA VAL A 25 5.20 -9.88 -10.29
C VAL A 25 6.29 -8.82 -10.43
N GLY A 26 6.28 -7.84 -9.52
CA GLY A 26 7.28 -6.77 -9.54
C GLY A 26 8.49 -7.15 -8.68
N SER A 27 9.63 -6.52 -8.95
CA SER A 27 10.81 -6.67 -8.10
C SER A 27 11.82 -5.55 -8.36
N ASN A 28 12.82 -5.45 -7.48
CA ASN A 28 13.87 -4.44 -7.62
C ASN A 28 13.29 -3.04 -7.48
N LYS A 29 14.14 -2.03 -7.69
CA LYS A 29 13.73 -0.64 -7.54
C LYS A 29 12.62 -0.30 -8.54
N GLY A 30 12.65 -0.95 -9.70
CA GLY A 30 11.71 -0.65 -10.76
C GLY A 30 10.29 -1.04 -10.36
N ALA A 31 10.18 -1.85 -9.31
CA ALA A 31 8.88 -2.24 -8.79
C ALA A 31 8.16 -1.03 -8.17
N ILE A 32 8.93 0.00 -7.83
CA ILE A 32 8.35 1.21 -7.25
C ILE A 32 7.28 1.78 -8.19
N ILE A 33 7.53 1.67 -9.49
CA ILE A 33 6.56 2.12 -10.49
C ILE A 33 5.29 1.28 -10.42
N GLY A 34 5.46 -0.01 -10.14
CA GLY A 34 4.33 -0.92 -10.03
C GLY A 34 3.54 -0.65 -8.74
N LEU A 35 4.26 -0.24 -7.70
CA LEU A 35 3.62 0.11 -6.43
C LEU A 35 2.91 1.45 -6.54
N MET A 36 3.46 2.35 -7.36
CA MET A 36 2.90 3.69 -7.51
C MET A 36 1.59 3.62 -8.29
N VAL A 37 1.63 2.98 -9.44
CA VAL A 37 0.47 2.91 -10.32
C VAL A 37 -0.58 1.96 -9.74
N GLY A 38 -0.11 0.87 -9.14
CA GLY A 38 -1.00 -0.09 -8.51
C GLY A 38 -1.38 0.36 -7.10
N GLY A 39 -0.83 1.49 -6.67
CA GLY A 39 -1.05 1.96 -5.31
C GLY A 39 -2.40 2.67 -5.18
N VAL A 40 -3.15 2.69 -6.28
CA VAL A 40 -4.40 3.44 -6.32
C VAL A 40 -5.43 2.86 -5.34
N VAL A 41 -5.47 1.53 -5.28
CA VAL A 41 -6.38 0.84 -4.37
C VAL A 41 -5.86 0.91 -2.94
N ILE A 42 -4.56 0.72 -2.79
CA ILE A 42 -3.94 0.72 -1.46
C ILE A 42 -3.93 2.13 -0.87
N ALA A 43 -3.85 3.12 -1.73
CA ALA A 43 -3.92 4.51 -1.31
C ALA A 43 -5.25 4.79 -0.60
N THR A 44 -6.34 4.41 -1.25
CA THR A 44 -7.67 4.67 -0.71
C THR A 44 -7.87 3.94 0.62
N VAL A 45 -7.35 2.70 0.67
CA VAL A 45 -7.38 1.94 1.92
C VAL A 45 -6.66 2.70 3.03
N ILE A 46 -5.44 3.15 2.73
CA ILE A 46 -4.62 3.86 3.72
C ILE A 46 -5.26 5.20 4.07
N VAL A 47 -5.83 5.86 3.07
CA VAL A 47 -6.41 7.19 3.26
C VAL A 47 -7.49 7.15 4.34
N ILE A 48 -8.37 6.16 4.24
CA ILE A 48 -9.46 6.01 5.19
C ILE A 48 -8.91 5.69 6.58
N THR A 49 -7.79 4.97 6.61
CA THR A 49 -7.11 4.68 7.87
C THR A 49 -6.54 5.96 8.48
N LEU A 50 -5.93 6.78 7.63
CA LEU A 50 -5.26 7.99 8.08
C LEU A 50 -6.28 9.02 8.57
N VAL A 51 -7.48 8.97 8.00
CA VAL A 51 -8.56 9.85 8.44
C VAL A 51 -8.88 9.58 9.91
N MET A 52 -8.89 8.32 10.28
CA MET A 52 -9.24 7.93 11.65
C MET A 52 -8.09 8.23 12.60
N LEU A 53 -6.87 8.14 12.08
CA LEU A 53 -5.68 8.42 12.88
C LEU A 53 -5.46 9.93 13.00
N LYS A 54 -5.16 10.56 11.87
CA LYS A 54 -4.94 12.01 11.82
C LYS A 54 -3.64 12.38 12.53
N LYS A 55 -3.51 11.93 13.78
CA LYS A 55 -2.31 12.24 14.57
C LYS A 55 -1.07 11.63 13.92
N LYS A 56 0.05 12.35 13.98
CA LYS A 56 1.27 11.91 13.33
C LYS A 56 2.49 12.21 14.22
N GLN A 57 3.56 11.45 14.01
CA GLN A 57 4.80 11.66 14.76
C GLN A 57 5.67 12.70 14.07
N TYR A 58 6.92 12.34 13.79
CA TYR A 58 7.83 13.24 13.07
C TYR A 58 8.04 14.53 13.86
N VAL A 13 -8.93 -19.17 3.39
CA VAL A 13 -7.50 -18.90 3.17
C VAL A 13 -7.15 -17.50 3.66
N HIS A 14 -5.96 -17.37 4.25
CA HIS A 14 -5.50 -16.07 4.74
C HIS A 14 -5.26 -15.12 3.57
N HIS A 15 -5.99 -14.01 3.57
CA HIS A 15 -5.88 -13.03 2.50
C HIS A 15 -6.23 -11.64 3.03
N GLN A 16 -7.24 -11.58 3.89
CA GLN A 16 -7.68 -10.31 4.46
C GLN A 16 -6.53 -9.64 5.21
N LYS A 17 -5.54 -10.43 5.62
CA LYS A 17 -4.35 -9.90 6.27
C LYS A 17 -3.09 -10.55 5.71
N LEU A 18 -1.96 -10.27 6.35
CA LEU A 18 -0.67 -10.82 5.92
C LEU A 18 -0.10 -10.03 4.74
N VAL A 19 -0.96 -9.75 3.76
CA VAL A 19 -0.53 -9.01 2.57
C VAL A 19 0.05 -7.66 2.96
N PHE A 20 -0.36 -7.16 4.13
CA PHE A 20 0.23 -5.95 4.69
C PHE A 20 1.64 -6.25 5.21
N PHE A 21 1.78 -7.37 5.92
CA PHE A 21 3.03 -7.68 6.60
C PHE A 21 4.11 -8.10 5.60
N ALA A 22 3.75 -9.03 4.72
CA ALA A 22 4.68 -9.52 3.71
C ALA A 22 5.14 -8.40 2.79
N GLU A 23 4.39 -7.30 2.79
CA GLU A 23 4.72 -6.14 1.96
C GLU A 23 6.15 -5.69 2.21
N ASP A 24 6.69 -6.05 3.37
CA ASP A 24 7.95 -5.48 3.84
C ASP A 24 9.12 -6.01 3.01
N VAL A 25 8.89 -7.12 2.32
CA VAL A 25 9.91 -7.71 1.46
C VAL A 25 10.28 -6.75 0.33
N GLY A 26 9.36 -5.87 -0.01
CA GLY A 26 9.60 -4.87 -1.05
C GLY A 26 9.64 -5.50 -2.42
N SER A 27 10.51 -4.99 -3.28
CA SER A 27 10.81 -5.64 -4.55
C SER A 27 12.03 -4.99 -5.21
N ASN A 28 11.79 -3.89 -5.92
CA ASN A 28 12.85 -3.20 -6.63
C ASN A 28 12.42 -1.77 -6.96
N LYS A 29 13.39 -0.86 -7.01
CA LYS A 29 13.10 0.54 -7.31
C LYS A 29 12.34 0.66 -8.63
N GLY A 30 12.72 -0.15 -9.62
CA GLY A 30 12.06 -0.11 -10.92
C GLY A 30 10.62 -0.61 -10.81
N ALA A 31 10.42 -1.68 -10.03
CA ALA A 31 9.09 -2.18 -9.77
C ALA A 31 8.27 -1.18 -8.96
N ILE A 32 8.92 -0.57 -7.96
CA ILE A 32 8.22 0.30 -7.02
C ILE A 32 7.51 1.44 -7.77
N ILE A 33 8.10 1.86 -8.88
CA ILE A 33 7.48 2.87 -9.74
C ILE A 33 6.23 2.30 -10.41
N GLY A 34 6.37 1.10 -10.97
CA GLY A 34 5.26 0.49 -11.70
C GLY A 34 4.17 0.00 -10.75
N LEU A 35 4.57 -0.35 -9.53
CA LEU A 35 3.62 -0.81 -8.52
C LEU A 35 2.70 0.32 -8.08
N MET A 36 3.17 1.56 -8.25
CA MET A 36 2.38 2.73 -7.88
C MET A 36 1.13 2.84 -8.75
N VAL A 37 1.23 2.37 -9.99
CA VAL A 37 0.11 2.42 -10.91
C VAL A 37 -1.07 1.62 -10.37
N GLY A 38 -0.77 0.46 -9.79
CA GLY A 38 -1.80 -0.38 -9.19
C GLY A 38 -2.00 -0.04 -7.71
N GLY A 39 -1.24 0.94 -7.24
CA GLY A 39 -1.29 1.31 -5.82
C GLY A 39 -2.47 2.24 -5.53
N VAL A 40 -3.37 2.36 -6.50
CA VAL A 40 -4.54 3.24 -6.36
C VAL A 40 -5.48 2.70 -5.27
N VAL A 41 -5.80 1.41 -5.36
CA VAL A 41 -6.72 0.79 -4.42
C VAL A 41 -6.12 0.80 -3.02
N ILE A 42 -4.86 0.41 -2.93
CA ILE A 42 -4.18 0.34 -1.64
C ILE A 42 -4.02 1.72 -1.04
N ALA A 43 -3.79 2.71 -1.89
CA ALA A 43 -3.67 4.10 -1.44
C ALA A 43 -4.94 4.54 -0.74
N THR A 44 -6.08 4.28 -1.38
CA THR A 44 -7.38 4.67 -0.83
C THR A 44 -7.64 3.94 0.48
N VAL A 45 -7.22 2.68 0.55
CA VAL A 45 -7.42 1.87 1.73
C VAL A 45 -6.69 2.46 2.93
N ILE A 46 -5.55 3.10 2.65
CA ILE A 46 -4.77 3.74 3.70
C ILE A 46 -5.38 5.10 4.06
N VAL A 47 -6.00 5.75 3.07
CA VAL A 47 -6.55 7.09 3.26
C VAL A 47 -7.68 7.08 4.30
N ILE A 48 -8.50 6.02 4.25
CA ILE A 48 -9.60 5.90 5.20
C ILE A 48 -9.07 5.74 6.62
N THR A 49 -7.85 5.20 6.72
CA THR A 49 -7.21 4.99 8.02
C THR A 49 -6.61 6.29 8.53
N LEU A 50 -6.19 7.15 7.60
CA LEU A 50 -5.58 8.42 7.96
C LEU A 50 -6.59 9.31 8.67
N VAL A 51 -7.88 9.13 8.33
CA VAL A 51 -8.94 9.88 8.99
C VAL A 51 -8.94 9.60 10.50
N MET A 52 -8.52 8.39 10.87
CA MET A 52 -8.52 8.00 12.28
C MET A 52 -7.38 8.69 13.04
N LEU A 53 -6.33 9.06 12.30
CA LEU A 53 -5.23 9.81 12.89
C LEU A 53 -5.65 11.24 13.20
N LYS A 54 -6.83 11.64 12.70
CA LYS A 54 -7.35 12.98 12.91
C LYS A 54 -6.57 14.01 12.09
N LYS A 55 -7.29 14.84 11.34
CA LYS A 55 -6.66 15.85 10.50
C LYS A 55 -7.68 16.92 10.12
N LYS A 56 -7.51 18.11 10.68
CA LYS A 56 -8.39 19.24 10.36
C LYS A 56 -9.85 18.86 10.56
N GLN A 57 -10.20 18.52 11.81
CA GLN A 57 -11.56 18.13 12.13
C GLN A 57 -11.81 18.29 13.63
N TYR A 58 -12.65 19.27 13.98
CA TYR A 58 -12.99 19.52 15.38
C TYR A 58 -14.43 20.00 15.51
N VAL A 13 16.62 -14.38 13.62
CA VAL A 13 16.84 -13.06 13.02
C VAL A 13 16.38 -11.97 13.99
N HIS A 14 16.20 -10.76 13.46
CA HIS A 14 15.68 -9.65 14.26
C HIS A 14 14.46 -9.04 13.58
N HIS A 15 14.68 -8.21 12.58
CA HIS A 15 13.58 -7.58 11.85
C HIS A 15 14.05 -7.03 10.50
N GLN A 16 13.10 -6.63 9.67
CA GLN A 16 13.42 -6.04 8.38
C GLN A 16 13.61 -4.53 8.53
N LYS A 17 13.95 -3.88 7.41
CA LYS A 17 14.09 -2.43 7.40
C LYS A 17 13.66 -1.87 6.05
N LEU A 18 14.52 -2.01 5.05
CA LEU A 18 14.26 -1.47 3.72
C LEU A 18 15.25 -2.04 2.71
N VAL A 19 16.52 -1.66 2.87
CA VAL A 19 17.58 -2.14 1.99
C VAL A 19 17.98 -3.56 2.35
N PHE A 20 17.51 -4.03 3.52
CA PHE A 20 17.87 -5.35 4.00
C PHE A 20 17.19 -6.44 3.19
N PHE A 21 15.86 -6.35 3.11
CA PHE A 21 15.07 -7.30 2.33
C PHE A 21 15.19 -7.00 0.84
N ALA A 22 15.76 -5.84 0.52
CA ALA A 22 15.95 -5.44 -0.87
C ALA A 22 16.98 -6.34 -1.55
N GLU A 23 17.93 -6.84 -0.76
CA GLU A 23 18.94 -7.76 -1.28
C GLU A 23 18.31 -9.12 -1.59
N ASP A 24 17.41 -9.54 -0.72
CA ASP A 24 16.78 -10.85 -0.88
C ASP A 24 16.08 -10.96 -2.23
N VAL A 25 15.22 -9.98 -2.52
CA VAL A 25 14.44 -9.99 -3.75
C VAL A 25 15.25 -9.40 -4.91
N GLY A 26 15.69 -8.15 -4.74
CA GLY A 26 16.52 -7.50 -5.75
C GLY A 26 15.67 -7.00 -6.91
N SER A 27 14.40 -6.71 -6.63
CA SER A 27 13.51 -6.13 -7.64
C SER A 27 13.85 -4.66 -7.89
N ASN A 28 14.71 -4.11 -7.04
CA ASN A 28 15.10 -2.71 -7.17
C ASN A 28 13.93 -1.78 -6.84
N LYS A 29 14.25 -0.53 -6.52
CA LYS A 29 13.22 0.45 -6.20
C LYS A 29 12.54 0.95 -7.48
N GLY A 30 13.11 0.58 -8.62
CA GLY A 30 12.52 0.96 -9.91
C GLY A 30 11.21 0.23 -10.15
N ALA A 31 11.04 -0.91 -9.47
CA ALA A 31 9.83 -1.70 -9.63
C ALA A 31 8.63 -1.02 -8.95
N ILE A 32 8.93 -0.02 -8.13
CA ILE A 32 7.88 0.69 -7.40
C ILE A 32 6.95 1.43 -8.36
N ILE A 33 7.49 1.79 -9.52
CA ILE A 33 6.73 2.52 -10.53
C ILE A 33 5.49 1.73 -10.95
N GLY A 34 5.67 0.43 -11.13
CA GLY A 34 4.56 -0.45 -11.49
C GLY A 34 3.52 -0.48 -10.38
N LEU A 35 3.99 -0.57 -9.14
CA LEU A 35 3.11 -0.63 -7.98
C LEU A 35 2.51 0.75 -7.70
N MET A 36 3.18 1.80 -8.16
CA MET A 36 2.75 3.17 -7.89
C MET A 36 1.44 3.45 -8.61
N VAL A 37 1.38 3.10 -9.89
CA VAL A 37 0.15 3.24 -10.66
C VAL A 37 -0.92 2.28 -10.14
N GLY A 38 -0.49 1.09 -9.75
CA GLY A 38 -1.41 0.10 -9.21
C GLY A 38 -1.71 0.37 -7.73
N GLY A 39 -1.22 1.50 -7.23
CA GLY A 39 -1.41 1.85 -5.83
C GLY A 39 -2.76 2.52 -5.59
N VAL A 40 -3.63 2.44 -6.59
CA VAL A 40 -4.92 3.13 -6.53
C VAL A 40 -5.82 2.51 -5.47
N VAL A 41 -5.78 1.18 -5.40
CA VAL A 41 -6.58 0.45 -4.41
C VAL A 41 -5.96 0.59 -3.02
N ILE A 42 -4.63 0.46 -2.96
CA ILE A 42 -3.92 0.53 -1.69
C ILE A 42 -3.96 1.95 -1.15
N ALA A 43 -3.99 2.93 -2.05
CA ALA A 43 -4.11 4.33 -1.66
C ALA A 43 -5.37 4.54 -0.81
N THR A 44 -6.51 4.11 -1.35
CA THR A 44 -7.79 4.29 -0.68
C THR A 44 -7.78 3.62 0.69
N VAL A 45 -7.15 2.44 0.76
CA VAL A 45 -7.06 1.69 2.01
C VAL A 45 -6.30 2.49 3.05
N ILE A 46 -5.11 2.95 2.66
CA ILE A 46 -4.25 3.69 3.58
C ILE A 46 -4.85 5.06 3.88
N VAL A 47 -5.49 5.65 2.87
CA VAL A 47 -6.09 6.98 3.03
C VAL A 47 -7.26 6.93 4.00
N ILE A 48 -8.01 5.83 3.96
CA ILE A 48 -9.15 5.66 4.85
C ILE A 48 -8.69 5.47 6.29
N THR A 49 -7.49 4.94 6.46
CA THR A 49 -6.88 4.83 7.79
C THR A 49 -6.33 6.18 8.24
N LEU A 50 -5.99 7.03 7.27
CA LEU A 50 -5.31 8.29 7.57
C LEU A 50 -6.26 9.26 8.25
N VAL A 51 -7.56 9.03 8.09
CA VAL A 51 -8.57 9.85 8.75
C VAL A 51 -8.52 9.66 10.26
N MET A 52 -8.06 8.48 10.67
CA MET A 52 -7.99 8.14 12.09
C MET A 52 -6.90 8.96 12.78
N LEU A 53 -5.80 9.19 12.07
CA LEU A 53 -4.74 10.05 12.56
C LEU A 53 -5.12 11.51 12.40
N LYS A 54 -5.79 11.83 11.30
CA LYS A 54 -6.14 13.21 10.98
C LYS A 54 -4.88 14.07 10.93
N LYS A 55 -5.07 15.39 10.83
CA LYS A 55 -3.96 16.32 10.81
C LYS A 55 -4.19 17.48 11.77
N LYS A 56 -3.16 18.31 11.95
CA LYS A 56 -3.28 19.48 12.82
C LYS A 56 -4.06 20.60 12.11
N GLN A 57 -4.86 21.32 12.89
CA GLN A 57 -5.64 22.43 12.36
C GLN A 57 -6.71 21.92 11.39
N TYR A 58 -7.61 22.81 11.00
CA TYR A 58 -8.72 22.44 10.11
C TYR A 58 -8.19 22.04 8.74
N VAL A 13 4.69 -20.08 10.90
CA VAL A 13 4.57 -19.29 9.67
C VAL A 13 3.22 -18.60 9.61
N HIS A 14 2.18 -19.38 9.33
CA HIS A 14 0.81 -18.86 9.27
C HIS A 14 0.69 -17.80 8.17
N HIS A 15 -0.06 -18.13 7.14
CA HIS A 15 -0.18 -17.25 5.97
C HIS A 15 -1.23 -16.18 6.24
N GLN A 16 -0.83 -15.15 7.00
CA GLN A 16 -1.76 -14.12 7.44
C GLN A 16 -1.57 -12.85 6.62
N LYS A 17 -2.45 -12.64 5.64
CA LYS A 17 -2.39 -11.45 4.79
C LYS A 17 -0.99 -11.28 4.20
N LEU A 18 -0.71 -12.04 3.15
CA LEU A 18 0.59 -11.97 2.49
C LEU A 18 0.81 -10.58 1.88
N VAL A 19 -0.27 -9.81 1.79
CA VAL A 19 -0.21 -8.47 1.21
C VAL A 19 0.26 -7.45 2.25
N PHE A 20 -0.06 -7.71 3.51
CA PHE A 20 0.31 -6.78 4.59
C PHE A 20 1.82 -6.70 4.73
N PHE A 21 2.50 -7.76 4.29
CA PHE A 21 3.96 -7.76 4.23
C PHE A 21 4.44 -7.30 2.86
N ALA A 22 3.78 -6.27 2.33
CA ALA A 22 4.15 -5.70 1.04
C ALA A 22 5.31 -4.72 1.20
N GLU A 23 5.87 -4.66 2.41
CA GLU A 23 7.05 -3.83 2.66
C GLU A 23 8.31 -4.52 2.14
N ASP A 24 8.22 -5.82 1.98
CA ASP A 24 9.41 -6.63 1.66
C ASP A 24 9.54 -6.80 0.15
N VAL A 25 8.41 -6.89 -0.53
CA VAL A 25 8.38 -7.06 -1.98
C VAL A 25 8.71 -5.73 -2.68
N GLY A 26 8.79 -4.66 -1.90
CA GLY A 26 9.38 -3.42 -2.38
C GLY A 26 10.84 -3.62 -2.79
N SER A 27 11.05 -4.46 -3.81
CA SER A 27 12.37 -4.63 -4.39
C SER A 27 12.45 -3.94 -5.75
N ASN A 28 13.66 -3.52 -6.11
CA ASN A 28 13.88 -2.78 -7.36
C ASN A 28 13.09 -1.47 -7.36
N LYS A 29 13.81 -0.35 -7.31
CA LYS A 29 13.17 0.95 -7.24
C LYS A 29 12.29 1.18 -8.47
N GLY A 30 12.67 0.52 -9.58
CA GLY A 30 11.92 0.64 -10.82
C GLY A 30 10.55 -0.02 -10.70
N ALA A 31 10.50 -1.14 -9.99
CA ALA A 31 9.23 -1.83 -9.75
C ALA A 31 8.28 -0.93 -8.97
N ILE A 32 8.81 -0.24 -7.98
CA ILE A 32 7.99 0.60 -7.09
C ILE A 32 7.22 1.63 -7.91
N ILE A 33 7.81 2.06 -9.02
CA ILE A 33 7.16 3.02 -9.91
C ILE A 33 5.95 2.38 -10.60
N GLY A 34 6.14 1.16 -11.08
CA GLY A 34 5.09 0.46 -11.82
C GLY A 34 4.03 -0.10 -10.86
N LEU A 35 4.48 -0.51 -9.68
CA LEU A 35 3.58 -1.02 -8.65
C LEU A 35 2.64 0.08 -8.16
N MET A 36 3.07 1.33 -8.31
CA MET A 36 2.27 2.46 -7.89
C MET A 36 0.95 2.51 -8.65
N VAL A 37 0.97 2.00 -9.88
CA VAL A 37 -0.23 1.97 -10.71
C VAL A 37 -1.31 1.10 -10.05
N GLY A 38 -0.88 -0.01 -9.47
CA GLY A 38 -1.81 -0.89 -8.76
C GLY A 38 -1.96 -0.48 -7.30
N GLY A 39 -1.21 0.55 -6.90
CA GLY A 39 -1.19 0.98 -5.51
C GLY A 39 -2.34 1.94 -5.21
N VAL A 40 -3.32 1.99 -6.12
CA VAL A 40 -4.45 2.89 -5.97
C VAL A 40 -5.40 2.39 -4.89
N VAL A 41 -5.76 1.11 -4.98
CA VAL A 41 -6.66 0.51 -4.00
C VAL A 41 -6.06 0.58 -2.60
N ILE A 42 -4.79 0.20 -2.50
CA ILE A 42 -4.09 0.21 -1.22
C ILE A 42 -3.97 1.63 -0.69
N ALA A 43 -3.80 2.59 -1.60
CA ALA A 43 -3.73 4.00 -1.22
C ALA A 43 -4.99 4.42 -0.47
N THR A 44 -6.13 4.08 -1.05
CA THR A 44 -7.42 4.47 -0.47
C THR A 44 -7.60 3.80 0.90
N VAL A 45 -7.06 2.59 1.04
CA VAL A 45 -7.17 1.85 2.28
C VAL A 45 -6.32 2.51 3.37
N ILE A 46 -5.08 2.84 3.01
CA ILE A 46 -4.15 3.46 3.95
C ILE A 46 -4.56 4.91 4.23
N VAL A 47 -5.16 5.56 3.24
CA VAL A 47 -5.57 6.95 3.38
C VAL A 47 -6.82 7.06 4.25
N ILE A 48 -7.79 6.19 3.99
CA ILE A 48 -9.01 6.15 4.79
C ILE A 48 -8.67 5.95 6.26
N THR A 49 -7.71 5.07 6.52
CA THR A 49 -7.31 4.76 7.90
C THR A 49 -6.52 5.92 8.50
N LEU A 50 -5.85 6.68 7.65
CA LEU A 50 -5.11 7.85 8.09
C LEU A 50 -6.05 8.95 8.56
N VAL A 51 -7.24 9.00 7.95
CA VAL A 51 -8.25 10.01 8.32
C VAL A 51 -8.73 9.78 9.74
N MET A 52 -8.69 8.52 10.17
CA MET A 52 -9.12 8.16 11.52
C MET A 52 -8.01 8.42 12.53
N LEU A 53 -6.77 8.40 12.04
CA LEU A 53 -5.62 8.64 12.91
C LEU A 53 -5.69 10.03 13.53
N LYS A 54 -5.80 11.05 12.68
CA LYS A 54 -5.91 12.42 13.14
C LYS A 54 -7.35 12.90 13.04
N LYS A 55 -7.58 14.15 13.44
CA LYS A 55 -8.90 14.75 13.38
C LYS A 55 -8.81 16.23 13.03
N LYS A 56 -9.97 16.87 12.84
CA LYS A 56 -10.01 18.27 12.46
C LYS A 56 -9.74 19.16 13.68
N GLN A 57 -10.72 20.02 14.01
CA GLN A 57 -10.56 20.91 15.16
C GLN A 57 -11.86 20.97 15.97
N TYR A 58 -12.74 20.00 15.73
CA TYR A 58 -14.02 19.94 16.41
C TYR A 58 -14.40 18.49 16.75
N VAL A 13 -0.27 -14.66 -9.00
CA VAL A 13 -0.35 -14.98 -7.58
C VAL A 13 -0.71 -13.74 -6.77
N HIS A 14 -1.61 -12.93 -7.31
CA HIS A 14 -1.97 -11.66 -6.69
C HIS A 14 -3.30 -11.77 -5.97
N HIS A 15 -3.26 -11.58 -4.65
CA HIS A 15 -4.46 -11.70 -3.82
C HIS A 15 -4.58 -10.53 -2.85
N GLN A 16 -5.81 -10.15 -2.55
CA GLN A 16 -6.05 -9.07 -1.60
C GLN A 16 -5.70 -9.51 -0.18
N LYS A 17 -5.20 -8.56 0.62
CA LYS A 17 -4.77 -8.86 1.98
C LYS A 17 -3.66 -9.90 2.00
N LEU A 18 -3.10 -10.13 3.19
CA LEU A 18 -1.99 -11.07 3.35
C LEU A 18 -0.68 -10.48 2.83
N VAL A 19 -0.79 -9.36 2.12
CA VAL A 19 0.39 -8.70 1.56
C VAL A 19 1.01 -7.74 2.59
N PHE A 20 0.52 -7.81 3.83
CA PHE A 20 1.00 -6.93 4.89
C PHE A 20 2.50 -7.09 5.09
N PHE A 21 3.01 -8.27 4.72
CA PHE A 21 4.45 -8.53 4.78
C PHE A 21 5.13 -8.07 3.49
N ALA A 22 4.63 -6.98 2.92
CA ALA A 22 5.24 -6.40 1.73
C ALA A 22 6.54 -5.67 2.08
N GLU A 23 6.73 -5.42 3.37
CA GLU A 23 7.90 -4.69 3.85
C GLU A 23 9.18 -5.40 3.43
N ASP A 24 9.15 -6.73 3.50
CA ASP A 24 10.30 -7.53 3.10
C ASP A 24 10.38 -7.64 1.58
N VAL A 25 9.24 -7.90 0.95
CA VAL A 25 9.18 -8.03 -0.51
C VAL A 25 9.66 -6.75 -1.18
N GLY A 26 9.37 -5.62 -0.56
CA GLY A 26 9.73 -4.32 -1.13
C GLY A 26 11.24 -4.16 -1.24
N SER A 27 11.76 -4.32 -2.45
CA SER A 27 13.20 -4.30 -2.67
C SER A 27 13.52 -3.56 -3.97
N ASN A 28 12.82 -3.94 -5.04
CA ASN A 28 13.06 -3.33 -6.35
C ASN A 28 12.57 -1.88 -6.36
N LYS A 29 13.48 -0.96 -6.62
CA LYS A 29 13.14 0.47 -6.63
C LYS A 29 12.37 0.83 -7.90
N GLY A 30 12.82 0.30 -9.03
CA GLY A 30 12.19 0.61 -10.31
C GLY A 30 10.76 0.07 -10.37
N ALA A 31 10.53 -1.04 -9.66
CA ALA A 31 9.21 -1.63 -9.59
C ALA A 31 8.21 -0.66 -8.93
N ILE A 32 8.73 0.17 -8.03
CA ILE A 32 7.87 1.07 -7.26
C ILE A 32 7.08 2.00 -8.19
N ILE A 33 7.69 2.33 -9.33
CA ILE A 33 7.04 3.16 -10.33
C ILE A 33 5.83 2.43 -10.92
N GLY A 34 6.03 1.17 -11.29
CA GLY A 34 4.97 0.38 -11.92
C GLY A 34 3.95 -0.08 -10.88
N LEU A 35 4.44 -0.43 -9.69
CA LEU A 35 3.55 -0.85 -8.61
C LEU A 35 2.62 0.29 -8.19
N MET A 36 3.06 1.52 -8.43
CA MET A 36 2.26 2.69 -8.04
C MET A 36 0.92 2.68 -8.76
N VAL A 37 0.92 2.15 -9.99
CA VAL A 37 -0.30 2.09 -10.79
C VAL A 37 -1.37 1.27 -10.06
N GLY A 38 -0.95 0.11 -9.55
CA GLY A 38 -1.87 -0.75 -8.81
C GLY A 38 -1.94 -0.36 -7.35
N GLY A 39 -1.14 0.63 -6.97
CA GLY A 39 -1.06 1.05 -5.57
C GLY A 39 -2.18 2.03 -5.22
N VAL A 40 -3.17 2.12 -6.11
CA VAL A 40 -4.26 3.08 -5.94
C VAL A 40 -5.25 2.58 -4.90
N VAL A 41 -5.48 1.26 -4.89
CA VAL A 41 -6.43 0.65 -3.97
C VAL A 41 -5.87 0.63 -2.55
N ILE A 42 -4.58 0.34 -2.45
CA ILE A 42 -3.89 0.36 -1.15
C ILE A 42 -3.84 1.78 -0.61
N ALA A 43 -3.64 2.75 -1.52
CA ALA A 43 -3.59 4.15 -1.12
C ALA A 43 -4.87 4.57 -0.42
N THR A 44 -5.99 4.32 -1.08
CA THR A 44 -7.30 4.70 -0.54
C THR A 44 -7.57 3.99 0.79
N VAL A 45 -7.11 2.74 0.88
CA VAL A 45 -7.28 1.96 2.11
C VAL A 45 -6.54 2.62 3.27
N ILE A 46 -5.25 2.91 3.04
CA ILE A 46 -4.41 3.52 4.06
C ILE A 46 -4.88 4.95 4.35
N VAL A 47 -5.30 5.65 3.30
CA VAL A 47 -5.72 7.04 3.42
C VAL A 47 -7.01 7.13 4.24
N ILE A 48 -7.93 6.21 3.99
CA ILE A 48 -9.18 6.15 4.74
C ILE A 48 -8.93 5.88 6.21
N THR A 49 -7.81 5.22 6.50
CA THR A 49 -7.42 4.99 7.88
C THR A 49 -6.74 6.23 8.48
N LEU A 50 -6.12 7.03 7.61
CA LEU A 50 -5.42 8.23 8.05
C LEU A 50 -6.39 9.21 8.71
N VAL A 51 -7.66 9.15 8.30
CA VAL A 51 -8.67 10.07 8.83
C VAL A 51 -8.89 9.80 10.33
N MET A 52 -8.52 8.59 10.76
CA MET A 52 -8.71 8.21 12.16
C MET A 52 -7.62 8.83 13.04
N LEU A 53 -6.48 9.17 12.41
CA LEU A 53 -5.40 9.84 13.13
C LEU A 53 -5.80 11.27 13.50
N LYS A 54 -6.98 11.69 13.06
CA LYS A 54 -7.46 13.04 13.37
C LYS A 54 -7.98 13.10 14.80
N LYS A 55 -7.20 12.54 15.73
CA LYS A 55 -7.55 12.55 17.15
C LYS A 55 -6.30 12.66 18.01
N LYS A 56 -5.83 13.90 18.18
CA LYS A 56 -4.64 14.15 18.99
C LYS A 56 -4.97 14.08 20.47
N GLN A 57 -4.26 13.21 21.18
CA GLN A 57 -4.51 13.01 22.61
C GLN A 57 -3.19 12.88 23.37
N TYR A 58 -3.19 13.31 24.62
CA TYR A 58 -2.00 13.25 25.45
C TYR A 58 -2.36 12.82 26.87
N VAL A 13 -2.65 -21.43 17.53
CA VAL A 13 -3.60 -20.34 17.41
C VAL A 13 -2.86 -19.00 17.27
N HIS A 14 -1.87 -18.97 16.38
CA HIS A 14 -1.11 -17.77 16.12
C HIS A 14 -1.64 -17.06 14.88
N HIS A 15 -1.62 -15.72 14.91
CA HIS A 15 -2.01 -14.93 13.74
C HIS A 15 -0.86 -14.87 12.74
N GLN A 16 -0.86 -15.82 11.81
CA GLN A 16 0.19 -15.89 10.80
C GLN A 16 0.29 -14.57 10.02
N LYS A 17 1.49 -14.03 9.93
CA LYS A 17 1.70 -12.73 9.29
C LYS A 17 2.94 -12.76 8.40
N LEU A 18 2.93 -13.67 7.43
CA LEU A 18 4.07 -13.81 6.51
C LEU A 18 3.81 -13.04 5.23
N VAL A 19 2.54 -12.74 4.96
CA VAL A 19 2.17 -11.97 3.78
C VAL A 19 2.70 -10.54 3.88
N PHE A 20 3.18 -10.17 5.06
CA PHE A 20 3.82 -8.87 5.24
C PHE A 20 5.34 -9.00 5.19
N PHE A 21 5.86 -10.12 5.68
CA PHE A 21 7.29 -10.29 5.83
C PHE A 21 7.90 -10.87 4.55
N ALA A 22 7.30 -11.95 4.05
CA ALA A 22 7.76 -12.57 2.81
C ALA A 22 7.50 -11.67 1.61
N GLU A 23 6.80 -10.57 1.86
CA GLU A 23 6.55 -9.58 0.81
C GLU A 23 7.80 -8.80 0.48
N ASP A 24 8.83 -8.95 1.32
CA ASP A 24 10.11 -8.27 1.09
C ASP A 24 10.77 -8.78 -0.19
N VAL A 25 10.32 -9.96 -0.65
CA VAL A 25 10.76 -10.48 -1.95
C VAL A 25 10.43 -9.51 -3.07
N GLY A 26 9.32 -8.79 -2.91
CA GLY A 26 8.92 -7.78 -3.89
C GLY A 26 9.47 -6.41 -3.51
N SER A 27 10.58 -6.03 -4.15
CA SER A 27 11.13 -4.68 -3.97
C SER A 27 11.70 -4.16 -5.29
N ASN A 28 12.99 -3.81 -5.29
CA ASN A 28 13.61 -3.19 -6.46
C ASN A 28 12.95 -1.86 -6.79
N LYS A 29 13.75 -0.80 -6.89
CA LYS A 29 13.24 0.52 -7.23
C LYS A 29 12.54 0.48 -8.58
N GLY A 30 12.96 -0.46 -9.43
CA GLY A 30 12.29 -0.67 -10.72
C GLY A 30 10.86 -1.14 -10.52
N ALA A 31 10.68 -2.20 -9.74
CA ALA A 31 9.36 -2.80 -9.57
C ALA A 31 8.47 -1.92 -8.68
N ILE A 32 9.11 -1.05 -7.89
CA ILE A 32 8.37 -0.16 -7.00
C ILE A 32 7.48 0.80 -7.81
N ILE A 33 8.02 1.30 -8.93
CA ILE A 33 7.27 2.22 -9.78
C ILE A 33 6.03 1.54 -10.34
N GLY A 34 6.07 0.20 -10.39
CA GLY A 34 4.94 -0.58 -10.87
C GLY A 34 3.81 -0.61 -9.85
N LEU A 35 4.18 -0.75 -8.57
CA LEU A 35 3.20 -0.70 -7.50
C LEU A 35 2.65 0.71 -7.32
N MET A 36 3.45 1.71 -7.69
CA MET A 36 3.07 3.10 -7.48
C MET A 36 1.81 3.43 -8.27
N VAL A 37 1.79 3.04 -9.55
CA VAL A 37 0.65 3.36 -10.42
C VAL A 37 -0.57 2.53 -10.02
N GLY A 38 -0.32 1.32 -9.52
CA GLY A 38 -1.39 0.46 -9.04
C GLY A 38 -1.64 0.68 -7.55
N GLY A 39 -1.08 1.76 -7.01
CA GLY A 39 -1.30 2.12 -5.62
C GLY A 39 -2.62 2.86 -5.44
N VAL A 40 -3.46 2.82 -6.48
CA VAL A 40 -4.72 3.54 -6.45
C VAL A 40 -5.67 2.92 -5.43
N VAL A 41 -5.67 1.59 -5.36
CA VAL A 41 -6.52 0.88 -4.41
C VAL A 41 -5.95 0.98 -3.00
N ILE A 42 -4.63 0.81 -2.90
CA ILE A 42 -3.97 0.82 -1.61
C ILE A 42 -3.95 2.23 -1.02
N ALA A 43 -3.97 3.22 -1.90
CA ALA A 43 -4.02 4.62 -1.48
C ALA A 43 -5.27 4.88 -0.65
N THR A 44 -6.42 4.47 -1.19
CA THR A 44 -7.69 4.68 -0.51
C THR A 44 -7.72 3.95 0.83
N VAL A 45 -7.19 2.74 0.84
CA VAL A 45 -7.12 1.95 2.06
C VAL A 45 -6.37 2.71 3.15
N ILE A 46 -5.27 3.35 2.76
CA ILE A 46 -4.46 4.12 3.70
C ILE A 46 -5.16 5.42 4.07
N VAL A 47 -5.86 6.01 3.10
CA VAL A 47 -6.55 7.28 3.32
C VAL A 47 -7.58 7.14 4.44
N ILE A 48 -8.38 6.09 4.36
CA ILE A 48 -9.40 5.83 5.37
C ILE A 48 -8.76 5.53 6.72
N THR A 49 -7.57 4.95 6.68
CA THR A 49 -6.80 4.71 7.91
C THR A 49 -6.24 6.04 8.44
N LEU A 50 -5.79 6.89 7.53
CA LEU A 50 -5.22 8.18 7.91
C LEU A 50 -6.27 9.06 8.57
N VAL A 51 -7.52 8.88 8.17
CA VAL A 51 -8.63 9.66 8.72
C VAL A 51 -8.78 9.37 10.21
N MET A 52 -8.47 8.13 10.60
CA MET A 52 -8.74 7.68 11.96
C MET A 52 -7.70 8.25 12.93
N LEU A 53 -6.47 8.43 12.43
CA LEU A 53 -5.40 8.99 13.24
C LEU A 53 -5.81 10.33 13.83
N LYS A 54 -6.49 11.15 13.01
CA LYS A 54 -6.89 12.50 13.42
C LYS A 54 -5.68 13.35 13.80
N LYS A 55 -5.89 14.67 13.83
CA LYS A 55 -4.87 15.60 14.30
C LYS A 55 -3.65 15.57 13.38
N LYS A 56 -3.64 16.44 12.38
CA LYS A 56 -2.60 16.44 11.37
C LYS A 56 -1.57 17.54 11.65
N GLN A 57 -0.31 17.14 11.69
CA GLN A 57 0.78 18.08 12.00
C GLN A 57 0.64 18.65 13.41
N TYR A 58 1.74 19.15 13.94
CA TYR A 58 1.72 19.81 15.24
C TYR A 58 1.23 21.26 15.09
N VAL A 13 -8.23 -17.20 17.03
CA VAL A 13 -7.91 -16.19 16.02
C VAL A 13 -8.42 -16.63 14.65
N HIS A 14 -8.62 -15.64 13.77
CA HIS A 14 -9.08 -15.93 12.41
C HIS A 14 -8.58 -14.86 11.44
N HIS A 15 -7.53 -15.20 10.69
CA HIS A 15 -7.02 -14.32 9.66
C HIS A 15 -6.17 -15.10 8.66
N GLN A 16 -5.02 -15.59 9.13
CA GLN A 16 -4.10 -16.34 8.28
C GLN A 16 -3.65 -15.49 7.08
N LYS A 17 -2.41 -15.00 7.15
CA LYS A 17 -1.87 -14.15 6.10
C LYS A 17 -0.42 -14.50 5.80
N LEU A 18 0.02 -14.17 4.59
CA LEU A 18 1.39 -14.46 4.17
C LEU A 18 1.73 -13.69 2.90
N VAL A 19 0.76 -13.60 2.00
CA VAL A 19 0.96 -12.93 0.73
C VAL A 19 1.25 -11.45 0.93
N PHE A 20 0.90 -10.94 2.12
CA PHE A 20 1.11 -9.53 2.44
C PHE A 20 2.56 -9.28 2.84
N PHE A 21 3.07 -10.12 3.74
CA PHE A 21 4.44 -9.99 4.21
C PHE A 21 5.42 -10.56 3.19
N ALA A 22 4.96 -11.55 2.44
CA ALA A 22 5.77 -12.13 1.38
C ALA A 22 5.90 -11.17 0.20
N GLU A 23 5.11 -10.09 0.24
CA GLU A 23 5.19 -9.07 -0.80
C GLU A 23 6.50 -8.29 -0.71
N ASP A 24 7.26 -8.56 0.34
CA ASP A 24 8.48 -7.80 0.62
C ASP A 24 9.60 -8.20 -0.34
N VAL A 25 9.35 -9.25 -1.11
CA VAL A 25 10.27 -9.68 -2.15
C VAL A 25 10.38 -8.63 -3.25
N GLY A 26 9.33 -7.81 -3.39
CA GLY A 26 9.34 -6.73 -4.36
C GLY A 26 10.25 -5.59 -3.90
N SER A 27 11.48 -5.59 -4.42
CA SER A 27 12.44 -4.54 -4.09
C SER A 27 13.21 -4.11 -5.34
N ASN A 28 12.72 -3.06 -5.98
CA ASN A 28 13.37 -2.50 -7.16
C ASN A 28 12.83 -1.12 -7.49
N LYS A 29 13.72 -0.18 -7.80
CA LYS A 29 13.29 1.18 -8.11
C LYS A 29 12.34 1.20 -9.30
N GLY A 30 12.62 0.34 -10.28
CA GLY A 30 11.77 0.25 -11.47
C GLY A 30 10.41 -0.36 -11.10
N ALA A 31 10.44 -1.41 -10.29
CA ALA A 31 9.20 -2.01 -9.78
C ALA A 31 8.40 -0.98 -8.97
N ILE A 32 9.10 -0.28 -8.08
CA ILE A 32 8.43 0.62 -7.13
C ILE A 32 7.56 1.63 -7.87
N ILE A 33 8.02 2.04 -9.05
CA ILE A 33 7.25 2.95 -9.89
C ILE A 33 5.98 2.27 -10.40
N GLY A 34 6.14 1.05 -10.92
CA GLY A 34 5.03 0.33 -11.52
C GLY A 34 4.07 -0.20 -10.45
N LEU A 35 4.62 -0.53 -9.28
CA LEU A 35 3.81 -0.99 -8.16
C LEU A 35 2.86 0.09 -7.69
N MET A 36 3.26 1.35 -7.91
CA MET A 36 2.45 2.50 -7.48
C MET A 36 1.15 2.57 -8.28
N VAL A 37 1.19 2.06 -9.51
CA VAL A 37 0.00 2.05 -10.36
C VAL A 37 -1.09 1.19 -9.73
N GLY A 38 -0.70 0.04 -9.22
CA GLY A 38 -1.64 -0.84 -8.52
C GLY A 38 -1.83 -0.40 -7.08
N GLY A 39 -1.09 0.64 -6.67
CA GLY A 39 -1.18 1.14 -5.31
C GLY A 39 -2.28 2.19 -5.18
N VAL A 40 -3.27 2.11 -6.07
CA VAL A 40 -4.43 3.00 -5.99
C VAL A 40 -5.47 2.44 -5.01
N VAL A 41 -5.76 1.15 -5.14
CA VAL A 41 -6.78 0.52 -4.31
C VAL A 41 -6.37 0.57 -2.83
N ILE A 42 -5.10 0.26 -2.57
CA ILE A 42 -4.59 0.28 -1.21
C ILE A 42 -4.49 1.71 -0.69
N ALA A 43 -4.29 2.65 -1.61
CA ALA A 43 -4.19 4.06 -1.24
C ALA A 43 -5.48 4.53 -0.60
N THR A 44 -6.60 4.23 -1.24
CA THR A 44 -7.90 4.62 -0.72
C THR A 44 -8.15 3.96 0.64
N VAL A 45 -7.57 2.77 0.81
CA VAL A 45 -7.81 1.98 2.01
C VAL A 45 -7.03 2.54 3.20
N ILE A 46 -5.74 2.78 2.96
CA ILE A 46 -4.86 3.26 4.03
C ILE A 46 -5.05 4.76 4.26
N VAL A 47 -5.55 5.45 3.24
CA VAL A 47 -5.83 6.88 3.37
C VAL A 47 -6.97 7.12 4.35
N ILE A 48 -8.02 6.31 4.22
CA ILE A 48 -9.15 6.40 5.14
C ILE A 48 -8.70 6.17 6.57
N THR A 49 -7.73 5.25 6.74
CA THR A 49 -7.14 5.00 8.05
C THR A 49 -6.46 6.27 8.57
N LEU A 50 -5.77 6.96 7.67
CA LEU A 50 -4.98 8.13 8.05
C LEU A 50 -5.88 9.28 8.46
N VAL A 51 -7.06 9.34 7.86
CA VAL A 51 -8.06 10.33 8.25
C VAL A 51 -8.55 10.07 9.67
N MET A 52 -8.56 8.80 10.07
CA MET A 52 -9.12 8.41 11.35
C MET A 52 -8.11 8.66 12.47
N LEU A 53 -6.82 8.65 12.12
CA LEU A 53 -5.77 8.93 13.07
C LEU A 53 -5.97 10.31 13.71
N LYS A 54 -5.90 11.35 12.89
CA LYS A 54 -6.03 12.73 13.37
C LYS A 54 -6.75 13.58 12.34
N LYS A 55 -5.97 14.22 11.47
CA LYS A 55 -6.53 15.09 10.44
C LYS A 55 -7.63 15.99 11.02
N LYS A 56 -7.23 16.88 11.93
CA LYS A 56 -8.18 17.77 12.59
C LYS A 56 -8.87 18.66 11.55
N GLN A 57 -10.09 18.29 11.19
CA GLN A 57 -10.86 19.05 10.22
C GLN A 57 -11.37 20.35 10.84
N TYR A 58 -12.04 21.17 10.02
CA TYR A 58 -12.48 22.49 10.46
C TYR A 58 -13.61 22.37 11.49
N VAL A 13 -17.66 -11.08 -11.91
CA VAL A 13 -17.30 -9.87 -11.18
C VAL A 13 -16.12 -10.13 -10.24
N HIS A 14 -15.84 -11.41 -9.99
CA HIS A 14 -14.73 -11.80 -9.13
C HIS A 14 -13.45 -11.95 -9.93
N HIS A 15 -13.60 -12.29 -11.21
CA HIS A 15 -12.46 -12.52 -12.09
C HIS A 15 -11.58 -13.63 -11.54
N GLN A 16 -10.49 -13.92 -12.25
CA GLN A 16 -9.57 -14.99 -11.83
C GLN A 16 -8.13 -14.58 -12.13
N LYS A 17 -7.88 -13.28 -12.20
CA LYS A 17 -6.53 -12.77 -12.42
C LYS A 17 -5.64 -13.05 -11.21
N LEU A 18 -6.05 -12.52 -10.06
CA LEU A 18 -5.28 -12.68 -8.83
C LEU A 18 -4.01 -11.83 -8.87
N VAL A 19 -3.34 -11.83 -10.02
CA VAL A 19 -2.11 -11.05 -10.18
C VAL A 19 -2.38 -9.57 -9.93
N PHE A 20 -3.66 -9.19 -9.95
CA PHE A 20 -4.04 -7.80 -9.74
C PHE A 20 -3.49 -7.29 -8.41
N PHE A 21 -3.79 -8.02 -7.33
CA PHE A 21 -3.31 -7.66 -6.01
C PHE A 21 -1.86 -8.10 -5.83
N ALA A 22 -1.55 -9.27 -6.37
CA ALA A 22 -0.21 -9.83 -6.21
C ALA A 22 0.84 -8.94 -6.88
N GLU A 23 0.37 -8.04 -7.74
CA GLU A 23 1.24 -7.06 -8.37
C GLU A 23 1.66 -5.97 -7.37
N ASP A 24 0.79 -5.70 -6.41
CA ASP A 24 1.05 -4.65 -5.43
C ASP A 24 2.27 -4.99 -4.57
N VAL A 25 2.68 -6.26 -4.62
CA VAL A 25 3.89 -6.70 -3.93
C VAL A 25 5.12 -5.96 -4.45
N GLY A 26 5.22 -5.86 -5.78
CA GLY A 26 6.37 -5.23 -6.41
C GLY A 26 7.61 -6.13 -6.33
N SER A 27 8.79 -5.52 -6.40
CA SER A 27 10.02 -6.27 -6.65
C SER A 27 11.24 -5.39 -6.40
N ASN A 28 11.97 -5.06 -7.47
CA ASN A 28 13.23 -4.34 -7.33
C ASN A 28 12.97 -2.85 -7.16
N LYS A 29 14.00 -2.04 -7.39
CA LYS A 29 13.86 -0.59 -7.31
C LYS A 29 12.84 -0.10 -8.33
N GLY A 30 12.92 -0.64 -9.55
CA GLY A 30 12.06 -0.19 -10.63
C GLY A 30 10.60 -0.55 -10.36
N ALA A 31 10.39 -1.39 -9.36
CA ALA A 31 9.04 -1.79 -8.97
C ALA A 31 8.28 -0.61 -8.37
N ILE A 32 9.00 0.43 -7.95
CA ILE A 32 8.37 1.60 -7.35
C ILE A 32 7.38 2.22 -8.33
N ILE A 33 7.63 2.04 -9.61
CA ILE A 33 6.76 2.59 -10.64
C ILE A 33 5.43 1.85 -10.66
N GLY A 34 5.50 0.52 -10.58
CA GLY A 34 4.30 -0.31 -10.57
C GLY A 34 3.60 -0.24 -9.22
N LEU A 35 4.38 -0.13 -8.15
CA LEU A 35 3.83 0.02 -6.82
C LEU A 35 3.21 1.40 -6.63
N MET A 36 3.81 2.41 -7.26
CA MET A 36 3.33 3.79 -7.14
C MET A 36 1.93 3.91 -7.70
N VAL A 37 1.77 3.50 -8.96
CA VAL A 37 0.48 3.62 -9.64
C VAL A 37 -0.49 2.57 -9.12
N GLY A 38 0.03 1.37 -8.86
CA GLY A 38 -0.79 0.28 -8.37
C GLY A 38 -1.14 0.47 -6.89
N GLY A 39 -0.54 1.49 -6.29
CA GLY A 39 -0.87 1.84 -4.90
C GLY A 39 -2.15 2.66 -4.82
N VAL A 40 -2.93 2.64 -5.90
CA VAL A 40 -4.19 3.37 -5.95
C VAL A 40 -5.21 2.75 -5.00
N VAL A 41 -5.24 1.41 -4.97
CA VAL A 41 -6.19 0.71 -4.12
C VAL A 41 -5.75 0.74 -2.66
N ILE A 42 -4.45 0.63 -2.45
CA ILE A 42 -3.90 0.66 -1.10
C ILE A 42 -3.89 2.09 -0.56
N ALA A 43 -3.81 3.06 -1.46
CA ALA A 43 -3.87 4.45 -1.07
C ALA A 43 -5.17 4.75 -0.32
N THR A 44 -6.29 4.34 -0.91
CA THR A 44 -7.60 4.61 -0.32
C THR A 44 -7.74 3.89 1.02
N VAL A 45 -7.13 2.72 1.12
CA VAL A 45 -7.19 1.93 2.34
C VAL A 45 -6.43 2.64 3.46
N ILE A 46 -5.20 3.07 3.14
CA ILE A 46 -4.37 3.78 4.11
C ILE A 46 -4.95 5.15 4.40
N VAL A 47 -5.50 5.79 3.37
CA VAL A 47 -6.02 7.14 3.50
C VAL A 47 -7.30 7.15 4.35
N ILE A 48 -8.18 6.19 4.08
CA ILE A 48 -9.41 6.05 4.85
C ILE A 48 -9.09 5.82 6.33
N THR A 49 -8.03 5.04 6.59
CA THR A 49 -7.61 4.78 7.96
C THR A 49 -7.04 6.05 8.59
N LEU A 50 -6.41 6.88 7.77
CA LEU A 50 -5.82 8.12 8.25
C LEU A 50 -6.89 9.05 8.80
N VAL A 51 -8.08 8.99 8.21
CA VAL A 51 -9.19 9.84 8.63
C VAL A 51 -9.51 9.61 10.11
N MET A 52 -9.48 8.34 10.52
CA MET A 52 -9.79 7.99 11.90
C MET A 52 -8.59 8.30 12.81
N LEU A 53 -7.39 8.19 12.25
CA LEU A 53 -6.17 8.50 13.00
C LEU A 53 -5.92 10.00 13.01
N LYS A 54 -6.64 10.74 12.17
CA LYS A 54 -6.42 12.18 12.03
C LYS A 54 -7.60 12.96 12.62
N LYS A 55 -7.30 14.10 13.23
CA LYS A 55 -8.34 14.90 13.86
C LYS A 55 -9.14 15.66 12.82
N LYS A 56 -8.46 16.50 12.05
CA LYS A 56 -9.12 17.28 11.02
C LYS A 56 -9.54 16.39 9.85
N GLN A 57 -10.35 16.95 8.96
CA GLN A 57 -10.84 16.22 7.80
C GLN A 57 -9.87 16.36 6.62
N TYR A 58 -10.41 16.43 5.41
CA TYR A 58 -9.60 16.63 4.22
C TYR A 58 -8.58 15.50 4.07
N VAL A 13 -5.94 -22.88 -17.57
CA VAL A 13 -6.56 -22.06 -16.53
C VAL A 13 -6.35 -20.58 -16.83
N HIS A 14 -6.67 -20.19 -18.06
CA HIS A 14 -6.52 -18.79 -18.47
C HIS A 14 -7.36 -17.87 -17.60
N HIS A 15 -8.49 -18.40 -17.13
CA HIS A 15 -9.37 -17.65 -16.23
C HIS A 15 -8.77 -17.59 -14.82
N GLN A 16 -8.68 -16.38 -14.28
CA GLN A 16 -8.13 -16.19 -12.95
C GLN A 16 -8.42 -14.77 -12.45
N LYS A 17 -8.25 -14.57 -11.15
CA LYS A 17 -8.51 -13.25 -10.55
C LYS A 17 -7.72 -13.09 -9.25
N LEU A 18 -6.60 -13.79 -9.15
CA LEU A 18 -5.77 -13.75 -7.95
C LEU A 18 -4.42 -13.12 -8.25
N VAL A 19 -3.96 -13.30 -9.48
CA VAL A 19 -2.66 -12.75 -9.89
C VAL A 19 -2.72 -11.23 -9.98
N PHE A 20 -3.94 -10.68 -9.89
CA PHE A 20 -4.14 -9.24 -9.96
C PHE A 20 -3.42 -8.54 -8.81
N PHE A 21 -3.82 -8.89 -7.58
CA PHE A 21 -3.28 -8.23 -6.40
C PHE A 21 -1.94 -8.85 -6.01
N ALA A 22 -1.76 -10.12 -6.37
CA ALA A 22 -0.51 -10.82 -6.06
C ALA A 22 0.65 -10.25 -6.87
N GLU A 23 0.32 -9.62 -8.00
CA GLU A 23 1.31 -8.88 -8.78
C GLU A 23 1.65 -7.57 -8.11
N ASP A 24 0.80 -7.14 -7.17
CA ASP A 24 1.09 -5.93 -6.41
C ASP A 24 2.11 -6.22 -5.32
N VAL A 25 2.77 -7.37 -5.43
CA VAL A 25 4.02 -7.62 -4.69
C VAL A 25 5.19 -6.95 -5.40
N GLY A 26 5.48 -7.38 -6.62
CA GLY A 26 6.58 -6.81 -7.39
C GLY A 26 7.94 -7.23 -6.81
N SER A 27 9.01 -6.81 -7.46
CA SER A 27 10.36 -7.03 -6.92
C SER A 27 11.32 -5.94 -7.38
N ASN A 28 12.45 -5.83 -6.69
CA ASN A 28 13.46 -4.82 -7.01
C ASN A 28 12.91 -3.41 -6.85
N LYS A 29 13.80 -2.42 -6.83
CA LYS A 29 13.40 -1.03 -6.69
C LYS A 29 12.53 -0.59 -7.87
N GLY A 30 12.70 -1.28 -9.00
CA GLY A 30 11.95 -0.94 -10.20
C GLY A 30 10.45 -1.23 -10.01
N ALA A 31 10.14 -2.05 -9.01
CA ALA A 31 8.75 -2.33 -8.66
C ALA A 31 8.04 -1.07 -8.19
N ILE A 32 8.82 -0.10 -7.70
CA ILE A 32 8.26 1.14 -7.21
C ILE A 32 7.38 1.80 -8.28
N ILE A 33 7.74 1.58 -9.54
CA ILE A 33 6.98 2.12 -10.66
C ILE A 33 5.62 1.41 -10.78
N GLY A 34 5.64 0.09 -10.61
CA GLY A 34 4.41 -0.69 -10.67
C GLY A 34 3.60 -0.54 -9.39
N LEU A 35 4.28 -0.59 -8.26
CA LEU A 35 3.66 -0.35 -6.96
C LEU A 35 3.01 1.03 -6.92
N MET A 36 3.62 1.99 -7.60
CA MET A 36 3.12 3.36 -7.59
C MET A 36 1.76 3.44 -8.26
N VAL A 37 1.68 2.92 -9.49
CA VAL A 37 0.45 2.99 -10.26
C VAL A 37 -0.59 2.02 -9.71
N GLY A 38 -0.14 0.81 -9.37
CA GLY A 38 -1.02 -0.20 -8.80
C GLY A 38 -1.34 0.10 -7.35
N GLY A 39 -0.68 1.11 -6.80
CA GLY A 39 -0.88 1.49 -5.39
C GLY A 39 -2.02 2.49 -5.26
N VAL A 40 -2.88 2.56 -6.28
CA VAL A 40 -4.06 3.41 -6.22
C VAL A 40 -5.13 2.77 -5.35
N VAL A 41 -5.22 1.44 -5.40
CA VAL A 41 -6.22 0.71 -4.62
C VAL A 41 -5.87 0.75 -3.14
N ILE A 42 -4.62 0.44 -2.82
CA ILE A 42 -4.18 0.39 -1.43
C ILE A 42 -4.18 1.78 -0.82
N ALA A 43 -3.99 2.80 -1.67
CA ALA A 43 -4.01 4.18 -1.21
C ALA A 43 -5.36 4.53 -0.59
N THR A 44 -6.42 4.22 -1.31
CA THR A 44 -7.77 4.54 -0.85
C THR A 44 -8.09 3.80 0.45
N VAL A 45 -7.60 2.56 0.53
CA VAL A 45 -7.79 1.76 1.73
C VAL A 45 -7.07 2.39 2.93
N ILE A 46 -5.87 2.89 2.69
CA ILE A 46 -5.07 3.49 3.74
C ILE A 46 -5.58 4.91 4.04
N VAL A 47 -6.13 5.57 3.02
CA VAL A 47 -6.64 6.92 3.20
C VAL A 47 -7.82 6.93 4.17
N ILE A 48 -8.67 5.92 4.07
CA ILE A 48 -9.82 5.81 4.97
C ILE A 48 -9.36 5.52 6.39
N THR A 49 -8.19 4.90 6.51
CA THR A 49 -7.60 4.67 7.83
C THR A 49 -6.93 5.94 8.35
N LEU A 50 -6.45 6.77 7.43
CA LEU A 50 -5.67 7.95 7.81
C LEU A 50 -6.56 8.95 8.56
N VAL A 51 -7.86 8.91 8.30
CA VAL A 51 -8.79 9.83 8.93
C VAL A 51 -8.80 9.61 10.45
N MET A 52 -8.47 8.39 10.86
CA MET A 52 -8.45 8.04 12.28
C MET A 52 -7.27 8.71 12.98
N LEU A 53 -6.15 8.82 12.27
CA LEU A 53 -5.00 9.56 12.78
C LEU A 53 -5.18 11.06 12.59
N LYS A 54 -5.46 11.47 11.35
CA LYS A 54 -5.59 12.89 11.03
C LYS A 54 -6.43 13.08 9.77
N LYS A 55 -7.22 14.15 9.75
CA LYS A 55 -8.07 14.46 8.61
C LYS A 55 -7.24 14.93 7.42
N LYS A 56 -6.39 15.91 7.68
CA LYS A 56 -5.50 16.46 6.65
C LYS A 56 -4.09 15.89 6.79
N GLN A 57 -3.22 16.28 5.86
CA GLN A 57 -1.86 15.76 5.84
C GLN A 57 -0.87 16.81 6.35
N TYR A 58 -0.30 17.59 5.43
CA TYR A 58 0.66 18.62 5.81
C TYR A 58 0.70 19.73 4.75
N VAL A 13 -5.31 -20.23 -20.54
CA VAL A 13 -4.16 -19.34 -20.68
C VAL A 13 -4.34 -18.11 -19.79
N HIS A 14 -5.50 -17.45 -19.93
CA HIS A 14 -5.82 -16.28 -19.12
C HIS A 14 -4.83 -15.14 -19.38
N HIS A 15 -5.07 -14.00 -18.74
CA HIS A 15 -4.23 -12.83 -18.92
C HIS A 15 -3.56 -12.45 -17.61
N GLN A 16 -3.29 -11.16 -17.44
CA GLN A 16 -2.63 -10.67 -16.23
C GLN A 16 -3.53 -10.87 -15.00
N LYS A 17 -4.62 -10.10 -14.95
CA LYS A 17 -5.61 -10.26 -13.89
C LYS A 17 -4.93 -10.28 -12.51
N LEU A 18 -4.85 -11.47 -11.91
CA LEU A 18 -4.33 -11.60 -10.55
C LEU A 18 -2.96 -10.94 -10.41
N VAL A 19 -2.27 -10.80 -11.54
CA VAL A 19 -0.94 -10.21 -11.54
C VAL A 19 -1.01 -8.70 -11.27
N PHE A 20 -2.22 -8.21 -11.02
CA PHE A 20 -2.40 -6.82 -10.62
C PHE A 20 -2.36 -6.69 -9.09
N PHE A 21 -2.98 -7.64 -8.41
CA PHE A 21 -3.12 -7.57 -6.97
C PHE A 21 -1.80 -7.92 -6.28
N ALA A 22 -1.26 -9.09 -6.60
CA ALA A 22 -0.02 -9.55 -6.00
C ALA A 22 1.15 -8.67 -6.43
N GLU A 23 0.90 -7.80 -7.42
CA GLU A 23 1.86 -6.77 -7.80
C GLU A 23 2.20 -5.87 -6.61
N ASP A 24 1.29 -5.82 -5.64
CA ASP A 24 1.47 -4.96 -4.48
C ASP A 24 2.73 -5.34 -3.70
N VAL A 25 3.25 -6.53 -3.98
CA VAL A 25 4.55 -6.94 -3.45
C VAL A 25 5.67 -6.16 -4.15
N GLY A 26 5.63 -6.12 -5.48
CA GLY A 26 6.71 -5.53 -6.26
C GLY A 26 7.99 -6.34 -6.13
N SER A 27 9.13 -5.66 -6.24
CA SER A 27 10.41 -6.35 -6.48
C SER A 27 11.58 -5.39 -6.23
N ASN A 28 12.07 -4.79 -7.31
CA ASN A 28 13.29 -3.98 -7.22
C ASN A 28 12.96 -2.50 -7.37
N LYS A 29 13.95 -1.71 -7.78
CA LYS A 29 13.75 -0.29 -8.02
C LYS A 29 12.64 -0.07 -9.05
N GLY A 30 12.70 -0.84 -10.13
CA GLY A 30 11.75 -0.66 -11.23
C GLY A 30 10.34 -1.03 -10.79
N ALA A 31 10.24 -1.77 -9.69
CA ALA A 31 8.94 -2.14 -9.14
C ALA A 31 8.25 -0.94 -8.50
N ILE A 32 9.03 0.11 -8.23
CA ILE A 32 8.46 1.34 -7.69
C ILE A 32 7.36 1.87 -8.59
N ILE A 33 7.55 1.72 -9.91
CA ILE A 33 6.57 2.20 -10.87
C ILE A 33 5.29 1.37 -10.80
N GLY A 34 5.46 0.06 -10.63
CA GLY A 34 4.32 -0.82 -10.44
C GLY A 34 3.62 -0.52 -9.11
N LEU A 35 4.37 -0.59 -8.02
CA LEU A 35 3.82 -0.33 -6.69
C LEU A 35 3.17 1.06 -6.63
N MET A 36 3.77 2.02 -7.33
CA MET A 36 3.27 3.38 -7.32
C MET A 36 1.87 3.44 -7.94
N VAL A 37 1.75 2.93 -9.15
CA VAL A 37 0.48 2.99 -9.88
C VAL A 37 -0.53 2.03 -9.26
N GLY A 38 -0.06 0.82 -8.94
CA GLY A 38 -0.91 -0.19 -8.33
C GLY A 38 -1.22 0.16 -6.88
N GLY A 39 -0.60 1.23 -6.38
CA GLY A 39 -0.81 1.67 -5.00
C GLY A 39 -2.06 2.54 -4.89
N VAL A 40 -2.91 2.50 -5.91
CA VAL A 40 -4.16 3.25 -5.89
C VAL A 40 -5.14 2.63 -4.89
N VAL A 41 -5.28 1.31 -4.96
CA VAL A 41 -6.17 0.60 -4.05
C VAL A 41 -5.69 0.72 -2.60
N ILE A 42 -4.38 0.54 -2.42
CA ILE A 42 -3.81 0.58 -1.08
C ILE A 42 -3.79 2.01 -0.54
N ALA A 43 -3.78 2.97 -1.46
CA ALA A 43 -3.85 4.38 -1.09
C ALA A 43 -5.14 4.67 -0.32
N THR A 44 -6.27 4.29 -0.92
CA THR A 44 -7.57 4.59 -0.34
C THR A 44 -7.72 3.93 1.03
N VAL A 45 -7.10 2.75 1.16
CA VAL A 45 -7.14 2.03 2.43
C VAL A 45 -6.37 2.79 3.50
N ILE A 46 -5.18 3.26 3.13
CA ILE A 46 -4.34 4.01 4.07
C ILE A 46 -4.90 5.41 4.30
N VAL A 47 -5.53 5.96 3.26
CA VAL A 47 -6.09 7.31 3.36
C VAL A 47 -7.34 7.32 4.23
N ILE A 48 -8.17 6.29 4.05
CA ILE A 48 -9.40 6.17 4.83
C ILE A 48 -9.08 6.02 6.32
N THR A 49 -8.10 5.17 6.63
CA THR A 49 -7.68 4.96 8.00
C THR A 49 -7.10 6.24 8.59
N LEU A 50 -6.47 7.04 7.73
CA LEU A 50 -5.86 8.29 8.17
C LEU A 50 -6.92 9.27 8.64
N VAL A 51 -8.11 9.19 8.03
CA VAL A 51 -9.22 10.07 8.39
C VAL A 51 -9.58 9.89 9.87
N MET A 52 -9.70 8.63 10.29
CA MET A 52 -9.98 8.34 11.69
C MET A 52 -8.79 8.73 12.57
N LEU A 53 -7.58 8.51 12.04
CA LEU A 53 -6.36 8.76 12.80
C LEU A 53 -5.97 10.24 12.72
N LYS A 54 -6.81 11.03 12.07
CA LYS A 54 -6.52 12.46 11.87
C LYS A 54 -7.81 13.28 11.99
N LYS A 55 -7.89 14.08 13.05
CA LYS A 55 -9.05 14.96 13.25
C LYS A 55 -8.74 16.03 14.28
N LYS A 56 -9.20 17.25 14.03
CA LYS A 56 -9.01 18.34 14.97
C LYS A 56 -9.99 18.22 16.15
N GLN A 57 -9.63 17.36 17.10
CA GLN A 57 -10.46 17.17 18.29
C GLN A 57 -10.04 18.14 19.39
N TYR A 58 -11.00 18.95 19.85
CA TYR A 58 -10.68 20.04 20.77
C TYR A 58 -10.29 19.50 22.14
N VAL A 13 15.68 6.00 10.77
CA VAL A 13 15.12 6.01 9.42
C VAL A 13 14.63 4.63 9.02
N HIS A 14 15.28 3.59 9.57
CA HIS A 14 14.93 2.22 9.24
C HIS A 14 14.94 2.00 7.72
N HIS A 15 14.08 1.10 7.25
CA HIS A 15 14.06 0.73 5.83
C HIS A 15 15.43 0.21 5.40
N GLN A 16 16.09 -0.53 6.29
CA GLN A 16 17.38 -1.13 5.98
C GLN A 16 17.21 -2.25 4.97
N LYS A 17 16.21 -3.10 5.20
CA LYS A 17 15.92 -4.21 4.28
C LYS A 17 15.00 -3.75 3.16
N LEU A 18 13.80 -4.34 3.09
CA LEU A 18 12.84 -4.04 2.02
C LEU A 18 13.30 -4.65 0.70
N VAL A 19 14.55 -4.39 0.34
CA VAL A 19 15.09 -4.88 -0.93
C VAL A 19 15.22 -6.40 -0.91
N PHE A 20 15.03 -7.00 0.26
CA PHE A 20 15.23 -8.43 0.43
C PHE A 20 14.14 -9.21 -0.30
N PHE A 21 12.89 -8.96 0.09
CA PHE A 21 11.76 -9.58 -0.59
C PHE A 21 11.73 -9.17 -2.06
N ALA A 22 12.23 -7.97 -2.33
CA ALA A 22 12.22 -7.43 -3.70
C ALA A 22 13.12 -8.28 -4.60
N GLU A 23 14.17 -8.84 -4.02
CA GLU A 23 15.10 -9.69 -4.76
C GLU A 23 14.43 -11.01 -5.14
N ASP A 24 13.64 -11.54 -4.23
CA ASP A 24 12.96 -12.83 -4.47
C ASP A 24 11.97 -12.69 -5.62
N VAL A 25 11.36 -11.52 -5.73
CA VAL A 25 10.38 -11.27 -6.79
C VAL A 25 11.07 -10.73 -8.04
N GLY A 26 12.22 -10.09 -7.85
CA GLY A 26 12.88 -9.40 -8.95
C GLY A 26 13.90 -8.40 -8.41
N SER A 27 13.45 -7.17 -8.17
CA SER A 27 14.34 -6.10 -7.73
C SER A 27 13.54 -4.92 -7.18
N ASN A 28 14.25 -3.95 -6.61
CA ASN A 28 13.60 -2.79 -6.02
C ASN A 28 13.08 -1.85 -7.11
N LYS A 29 13.82 -1.75 -8.21
CA LYS A 29 13.45 -0.86 -9.31
C LYS A 29 12.05 -1.21 -9.83
N GLY A 30 11.72 -2.50 -9.78
CA GLY A 30 10.39 -2.94 -10.17
C GLY A 30 9.33 -2.40 -9.22
N ALA A 31 9.65 -2.40 -7.92
CA ALA A 31 8.72 -1.91 -6.90
C ALA A 31 8.39 -0.44 -7.15
N ILE A 32 9.37 0.33 -7.61
CA ILE A 32 9.19 1.77 -7.74
C ILE A 32 8.06 2.09 -8.72
N ILE A 33 8.03 1.35 -9.83
CA ILE A 33 6.95 1.50 -10.80
C ILE A 33 5.65 0.93 -10.25
N GLY A 34 5.77 -0.09 -9.40
CA GLY A 34 4.60 -0.74 -8.80
C GLY A 34 3.98 0.15 -7.72
N LEU A 35 4.78 1.03 -7.14
CA LEU A 35 4.31 1.91 -6.07
C LEU A 35 3.18 2.81 -6.55
N MET A 36 3.26 3.21 -7.83
CA MET A 36 2.25 4.09 -8.40
C MET A 36 1.00 3.30 -8.79
N VAL A 37 1.22 2.09 -9.30
CA VAL A 37 0.11 1.21 -9.66
C VAL A 37 -0.75 0.91 -8.44
N GLY A 38 -0.11 0.43 -7.38
CA GLY A 38 -0.82 0.01 -6.18
C GLY A 38 -1.10 1.20 -5.27
N GLY A 39 -0.21 2.19 -5.33
CA GLY A 39 -0.23 3.27 -4.34
C GLY A 39 -1.51 4.10 -4.47
N VAL A 40 -2.02 4.22 -5.69
CA VAL A 40 -3.28 4.90 -5.94
C VAL A 40 -4.44 4.12 -5.30
N VAL A 41 -4.45 2.82 -5.53
CA VAL A 41 -5.51 1.96 -4.98
C VAL A 41 -5.35 1.82 -3.47
N ILE A 42 -4.13 1.50 -3.03
CA ILE A 42 -3.84 1.36 -1.62
C ILE A 42 -4.06 2.68 -0.89
N ALA A 43 -3.84 3.79 -1.59
CA ALA A 43 -4.04 5.12 -1.00
C ALA A 43 -5.47 5.26 -0.48
N THR A 44 -6.43 4.98 -1.35
CA THR A 44 -7.84 5.14 -0.99
C THR A 44 -8.20 4.21 0.18
N VAL A 45 -7.56 3.05 0.22
CA VAL A 45 -7.80 2.09 1.29
C VAL A 45 -7.20 2.59 2.59
N ILE A 46 -5.92 2.95 2.54
CA ILE A 46 -5.21 3.42 3.72
C ILE A 46 -5.76 4.77 4.17
N VAL A 47 -6.17 5.57 3.21
CA VAL A 47 -6.66 6.93 3.51
C VAL A 47 -7.91 6.86 4.38
N ILE A 48 -8.82 5.96 4.04
CA ILE A 48 -10.02 5.75 4.84
C ILE A 48 -9.64 5.35 6.27
N THR A 49 -8.53 4.64 6.40
CA THR A 49 -8.05 4.22 7.72
C THR A 49 -7.39 5.39 8.44
N LEU A 50 -6.80 6.30 7.67
CA LEU A 50 -6.13 7.47 8.24
C LEU A 50 -7.12 8.37 8.97
N VAL A 51 -8.34 8.41 8.46
CA VAL A 51 -9.39 9.21 9.09
C VAL A 51 -9.60 8.77 10.54
N MET A 52 -9.44 7.47 10.78
CA MET A 52 -9.62 6.92 12.12
C MET A 52 -8.47 7.34 13.04
N LEU A 53 -7.27 7.46 12.46
CA LEU A 53 -6.10 7.91 13.22
C LEU A 53 -6.31 9.33 13.75
N LYS A 54 -6.47 10.28 12.83
CA LYS A 54 -6.70 11.67 13.21
C LYS A 54 -7.19 12.48 12.01
N LYS A 55 -8.08 13.43 12.28
CA LYS A 55 -8.62 14.29 11.23
C LYS A 55 -7.93 15.65 11.24
N LYS A 56 -7.99 16.32 12.38
CA LYS A 56 -7.55 17.72 12.46
C LYS A 56 -6.02 17.80 12.49
N GLN A 57 -5.45 17.64 13.67
CA GLN A 57 -4.00 17.61 13.82
C GLN A 57 -3.43 16.29 13.29
N TYR A 58 -2.41 16.39 12.45
CA TYR A 58 -1.90 15.22 11.74
C TYR A 58 -1.32 14.20 12.71
N VAL A 13 5.32 -9.42 17.15
CA VAL A 13 4.72 -8.85 15.95
C VAL A 13 4.41 -9.95 14.94
N HIS A 14 3.12 -10.08 14.61
CA HIS A 14 2.69 -11.09 13.63
C HIS A 14 3.39 -10.86 12.29
N HIS A 15 3.72 -9.60 12.00
CA HIS A 15 4.49 -9.26 10.80
C HIS A 15 3.66 -9.51 9.54
N GLN A 16 3.32 -8.43 8.85
CA GLN A 16 2.40 -8.51 7.72
C GLN A 16 3.04 -9.25 6.55
N LYS A 17 2.67 -10.52 6.41
CA LYS A 17 3.27 -11.37 5.39
C LYS A 17 2.91 -10.89 3.98
N LEU A 18 3.93 -10.59 3.18
CA LEU A 18 3.71 -10.23 1.78
C LEU A 18 5.04 -10.23 1.02
N VAL A 19 5.97 -9.41 1.49
CA VAL A 19 7.27 -9.27 0.83
C VAL A 19 8.23 -10.35 1.30
N PHE A 20 8.04 -10.78 2.54
CA PHE A 20 8.93 -11.78 3.14
C PHE A 20 8.93 -13.07 2.32
N PHE A 21 7.83 -13.30 1.61
CA PHE A 21 7.76 -14.41 0.65
C PHE A 21 7.96 -13.89 -0.77
N ALA A 22 7.24 -12.82 -1.11
CA ALA A 22 7.06 -12.43 -2.50
C ALA A 22 8.18 -11.52 -2.98
N GLU A 23 9.13 -11.25 -2.09
CA GLU A 23 10.31 -10.45 -2.44
C GLU A 23 11.20 -11.23 -3.41
N ASP A 24 11.07 -12.55 -3.40
CA ASP A 24 11.84 -13.40 -4.30
C ASP A 24 11.42 -13.16 -5.75
N VAL A 25 10.19 -12.70 -5.92
CA VAL A 25 9.69 -12.36 -7.25
C VAL A 25 10.37 -11.09 -7.77
N GLY A 26 10.62 -10.15 -6.86
CA GLY A 26 11.26 -8.89 -7.24
C GLY A 26 11.45 -7.97 -6.03
N SER A 27 12.34 -7.00 -6.16
CA SER A 27 12.67 -6.11 -5.06
C SER A 27 13.18 -4.77 -5.59
N ASN A 28 13.07 -4.58 -6.91
CA ASN A 28 13.66 -3.42 -7.56
C ASN A 28 12.88 -2.16 -7.23
N LYS A 29 13.60 -1.07 -6.96
CA LYS A 29 12.97 0.18 -6.56
C LYS A 29 12.32 0.88 -7.75
N GLY A 30 12.92 0.70 -8.93
CA GLY A 30 12.35 1.25 -10.16
C GLY A 30 10.99 0.63 -10.45
N ALA A 31 10.76 -0.56 -9.89
CA ALA A 31 9.48 -1.25 -10.08
C ALA A 31 8.35 -0.49 -9.40
N ILE A 32 8.71 0.34 -8.41
CA ILE A 32 7.71 1.07 -7.62
C ILE A 32 6.88 1.97 -8.52
N ILE A 33 7.53 2.50 -9.56
CA ILE A 33 6.85 3.36 -10.52
C ILE A 33 5.67 2.63 -11.16
N GLY A 34 5.92 1.37 -11.55
CA GLY A 34 4.88 0.57 -12.19
C GLY A 34 3.88 0.06 -11.16
N LEU A 35 4.39 -0.36 -10.01
CA LEU A 35 3.55 -0.95 -8.96
C LEU A 35 2.69 0.12 -8.29
N MET A 36 3.13 1.37 -8.40
CA MET A 36 2.42 2.48 -7.78
C MET A 36 1.12 2.76 -8.52
N VAL A 37 1.08 2.40 -9.80
CA VAL A 37 -0.16 2.50 -10.57
C VAL A 37 -1.24 1.61 -9.98
N GLY A 38 -0.83 0.41 -9.55
CA GLY A 38 -1.75 -0.53 -8.92
C GLY A 38 -1.96 -0.18 -7.45
N GLY A 39 -1.33 0.90 -7.00
CA GLY A 39 -1.45 1.32 -5.61
C GLY A 39 -2.64 2.25 -5.42
N VAL A 40 -3.64 2.10 -6.30
CA VAL A 40 -4.89 2.84 -6.14
C VAL A 40 -5.75 2.23 -5.04
N VAL A 41 -5.81 0.89 -5.02
CA VAL A 41 -6.68 0.19 -4.08
C VAL A 41 -6.13 0.29 -2.65
N ILE A 42 -4.81 0.20 -2.55
CA ILE A 42 -4.15 0.26 -1.24
C ILE A 42 -4.07 1.72 -0.75
N ALA A 43 -4.09 2.65 -1.70
CA ALA A 43 -4.10 4.07 -1.35
C ALA A 43 -5.35 4.41 -0.54
N THR A 44 -6.50 4.00 -1.06
CA THR A 44 -7.77 4.26 -0.39
C THR A 44 -7.78 3.64 1.00
N VAL A 45 -7.19 2.45 1.11
CA VAL A 45 -7.14 1.74 2.38
C VAL A 45 -6.27 2.50 3.39
N ILE A 46 -5.07 2.85 2.94
CA ILE A 46 -4.14 3.59 3.80
C ILE A 46 -4.68 4.99 4.10
N VAL A 47 -5.32 5.59 3.10
CA VAL A 47 -5.79 6.97 3.23
C VAL A 47 -6.95 7.05 4.22
N ILE A 48 -7.82 6.04 4.16
CA ILE A 48 -8.98 6.00 5.05
C ILE A 48 -8.55 5.85 6.50
N THR A 49 -7.45 5.13 6.72
CA THR A 49 -6.90 4.98 8.06
C THR A 49 -6.19 6.25 8.50
N LEU A 50 -5.57 6.94 7.55
CA LEU A 50 -4.88 8.19 7.85
C LEU A 50 -5.86 9.24 8.37
N VAL A 51 -7.11 9.16 7.89
CA VAL A 51 -8.15 10.09 8.35
C VAL A 51 -8.49 9.82 9.81
N MET A 52 -8.29 8.58 10.25
CA MET A 52 -8.56 8.23 11.64
C MET A 52 -7.39 8.65 12.53
N LEU A 53 -6.18 8.63 11.96
CA LEU A 53 -5.00 9.10 12.68
C LEU A 53 -4.93 10.63 12.64
N LYS A 54 -4.60 11.16 11.46
CA LYS A 54 -4.47 12.61 11.28
C LYS A 54 -5.74 13.20 10.69
N LYS A 55 -5.76 14.53 10.54
CA LYS A 55 -6.91 15.24 9.99
C LYS A 55 -8.03 15.35 11.03
N LYS A 56 -8.74 16.48 10.99
CA LYS A 56 -9.83 16.72 11.94
C LYS A 56 -11.13 16.10 11.44
N GLN A 57 -12.12 16.02 12.34
CA GLN A 57 -13.40 15.43 11.99
C GLN A 57 -14.21 16.40 11.13
N TYR A 58 -14.34 17.63 11.61
CA TYR A 58 -15.25 18.60 10.99
C TYR A 58 -14.51 19.43 9.94
N VAL A 13 3.06 -18.01 14.14
CA VAL A 13 2.75 -17.06 13.07
C VAL A 13 1.25 -16.75 13.06
N HIS A 14 0.88 -15.77 12.23
CA HIS A 14 -0.53 -15.37 12.12
C HIS A 14 -1.23 -16.17 11.03
N HIS A 15 -2.49 -15.82 10.77
CA HIS A 15 -3.24 -16.43 9.67
C HIS A 15 -4.08 -15.38 8.96
N GLN A 16 -4.25 -14.22 9.59
CA GLN A 16 -5.04 -13.14 9.01
C GLN A 16 -4.21 -12.30 8.06
N LYS A 17 -3.08 -11.81 8.55
CA LYS A 17 -2.19 -10.98 7.73
C LYS A 17 -1.01 -11.81 7.22
N LEU A 18 -0.89 -11.89 5.90
CA LEU A 18 0.21 -12.63 5.28
C LEU A 18 1.30 -11.68 4.83
N VAL A 19 0.92 -10.44 4.53
CA VAL A 19 1.87 -9.39 4.20
C VAL A 19 2.38 -8.71 5.49
N PHE A 20 2.26 -9.41 6.60
CA PHE A 20 2.76 -8.89 7.87
C PHE A 20 4.28 -8.66 7.80
N PHE A 21 4.94 -9.57 7.08
CA PHE A 21 6.39 -9.47 6.91
C PHE A 21 6.74 -8.75 5.60
N ALA A 22 5.96 -7.71 5.31
CA ALA A 22 6.12 -7.00 4.04
C ALA A 22 7.18 -5.91 4.16
N GLU A 23 8.09 -6.08 5.11
CA GLU A 23 9.31 -5.29 5.16
C GLU A 23 10.40 -5.91 4.29
N ASP A 24 10.36 -7.23 4.17
CA ASP A 24 11.48 -7.97 3.60
C ASP A 24 11.27 -8.19 2.10
N VAL A 25 10.01 -8.26 1.70
CA VAL A 25 9.67 -8.44 0.29
C VAL A 25 9.92 -7.15 -0.48
N GLY A 26 10.22 -6.09 0.26
CA GLY A 26 10.73 -4.86 -0.34
C GLY A 26 11.96 -5.14 -1.20
N SER A 27 11.73 -5.66 -2.40
CA SER A 27 12.82 -6.02 -3.29
C SER A 27 13.32 -4.78 -4.05
N ASN A 28 13.45 -4.91 -5.37
CA ASN A 28 13.87 -3.78 -6.20
C ASN A 28 12.95 -2.58 -6.00
N LYS A 29 13.55 -1.44 -5.71
CA LYS A 29 12.78 -0.22 -5.42
C LYS A 29 12.12 0.30 -6.69
N GLY A 30 12.67 -0.09 -7.84
CA GLY A 30 12.13 0.34 -9.13
C GLY A 30 10.71 -0.17 -9.34
N ALA A 31 10.29 -1.09 -8.47
CA ALA A 31 8.93 -1.62 -8.52
C ALA A 31 7.91 -0.53 -8.23
N ILE A 32 8.35 0.53 -7.54
CA ILE A 32 7.45 1.61 -7.14
C ILE A 32 6.78 2.24 -8.36
N ILE A 33 7.47 2.17 -9.50
CA ILE A 33 6.94 2.70 -10.74
C ILE A 33 5.75 1.87 -11.21
N GLY A 34 5.92 0.55 -11.19
CA GLY A 34 4.86 -0.37 -11.59
C GLY A 34 3.76 -0.41 -10.53
N LEU A 35 4.16 -0.27 -9.26
CA LEU A 35 3.22 -0.33 -8.16
C LEU A 35 2.47 0.98 -8.02
N MET A 36 3.04 2.05 -8.56
CA MET A 36 2.47 3.39 -8.40
C MET A 36 1.15 3.49 -9.17
N VAL A 37 1.13 2.96 -10.39
CA VAL A 37 -0.06 3.05 -11.23
C VAL A 37 -1.18 2.18 -10.66
N GLY A 38 -0.79 1.11 -9.97
CA GLY A 38 -1.76 0.24 -9.32
C GLY A 38 -1.82 0.52 -7.82
N GLY A 39 -1.16 1.61 -7.40
CA GLY A 39 -1.17 2.02 -6.01
C GLY A 39 -2.43 2.79 -5.68
N VAL A 40 -3.40 2.75 -6.59
CA VAL A 40 -4.67 3.46 -6.39
C VAL A 40 -5.55 2.71 -5.40
N VAL A 41 -5.42 1.39 -5.37
CA VAL A 41 -6.22 0.58 -4.47
C VAL A 41 -5.71 0.67 -3.04
N ILE A 42 -4.39 0.54 -2.88
CA ILE A 42 -3.78 0.62 -1.56
C ILE A 42 -3.91 2.02 -0.98
N ALA A 43 -4.02 3.01 -1.87
CA ALA A 43 -4.17 4.39 -1.44
C ALA A 43 -5.46 4.57 -0.64
N THR A 44 -6.57 4.14 -1.23
CA THR A 44 -7.87 4.29 -0.60
C THR A 44 -7.93 3.53 0.73
N VAL A 45 -7.20 2.42 0.79
CA VAL A 45 -7.10 1.65 2.02
C VAL A 45 -6.36 2.42 3.10
N ILE A 46 -5.22 3.01 2.70
CA ILE A 46 -4.39 3.77 3.64
C ILE A 46 -5.07 5.09 3.98
N VAL A 47 -5.78 5.66 3.02
CA VAL A 47 -6.47 6.94 3.22
C VAL A 47 -7.61 6.78 4.22
N ILE A 48 -8.34 5.66 4.11
CA ILE A 48 -9.43 5.37 5.03
C ILE A 48 -8.92 5.23 6.45
N THR A 49 -7.69 4.72 6.60
CA THR A 49 -7.07 4.58 7.92
C THR A 49 -6.50 5.91 8.37
N LEU A 50 -6.19 6.79 7.43
CA LEU A 50 -5.54 8.05 7.74
C LEU A 50 -6.49 8.97 8.52
N VAL A 51 -7.79 8.75 8.33
CA VAL A 51 -8.80 9.55 9.02
C VAL A 51 -8.71 9.35 10.54
N MET A 52 -8.20 8.18 10.93
CA MET A 52 -8.03 7.87 12.34
C MET A 52 -6.93 8.73 12.95
N LEU A 53 -5.88 8.98 12.17
CA LEU A 53 -4.79 9.85 12.61
C LEU A 53 -5.22 11.30 12.59
N LYS A 54 -5.91 11.71 11.52
CA LYS A 54 -6.26 13.11 11.34
C LYS A 54 -7.27 13.57 12.38
N LYS A 55 -6.89 14.60 13.14
CA LYS A 55 -7.75 15.14 14.19
C LYS A 55 -8.16 14.04 15.17
N LYS A 56 -7.33 13.83 16.19
CA LYS A 56 -7.59 12.78 17.18
C LYS A 56 -8.40 13.35 18.34
N GLN A 57 -8.72 14.64 18.27
CA GLN A 57 -9.53 15.29 19.30
C GLN A 57 -11.00 15.36 18.87
N TYR A 58 -11.86 15.72 19.82
CA TYR A 58 -13.29 15.84 19.54
C TYR A 58 -13.83 14.55 18.91
N VAL A 13 -13.33 -25.83 -9.30
CA VAL A 13 -13.12 -26.19 -10.70
C VAL A 13 -12.65 -24.99 -11.51
N HIS A 14 -13.03 -23.80 -11.06
CA HIS A 14 -12.63 -22.57 -11.73
C HIS A 14 -11.23 -22.15 -11.28
N HIS A 15 -10.79 -20.98 -11.74
CA HIS A 15 -9.45 -20.48 -11.43
C HIS A 15 -9.52 -19.02 -10.99
N GLN A 16 -9.10 -18.77 -9.75
CA GLN A 16 -9.08 -17.41 -9.22
C GLN A 16 -7.72 -16.75 -9.49
N LYS A 17 -7.73 -15.46 -9.78
CA LYS A 17 -6.51 -14.73 -10.06
C LYS A 17 -5.77 -14.40 -8.76
N LEU A 18 -6.20 -13.33 -8.09
CA LEU A 18 -5.60 -12.92 -6.83
C LEU A 18 -4.23 -12.27 -7.07
N VAL A 19 -3.71 -12.42 -8.29
CA VAL A 19 -2.42 -11.83 -8.64
C VAL A 19 -2.54 -10.31 -8.74
N PHE A 20 -3.78 -9.83 -8.76
CA PHE A 20 -4.04 -8.40 -8.77
C PHE A 20 -3.37 -7.72 -7.58
N PHE A 21 -3.73 -8.18 -6.38
CA PHE A 21 -3.20 -7.58 -5.15
C PHE A 21 -1.78 -8.06 -4.90
N ALA A 22 -1.48 -9.28 -5.33
CA ALA A 22 -0.16 -9.87 -5.09
C ALA A 22 0.92 -9.11 -5.86
N GLU A 23 0.49 -8.33 -6.86
CA GLU A 23 1.41 -7.48 -7.59
C GLU A 23 1.79 -6.25 -6.77
N ASP A 24 0.99 -5.93 -5.76
CA ASP A 24 1.27 -4.79 -4.89
C ASP A 24 2.34 -5.17 -3.85
N VAL A 25 2.96 -6.32 -4.06
CA VAL A 25 4.20 -6.66 -3.37
C VAL A 25 5.40 -6.03 -4.08
N GLY A 26 5.38 -6.07 -5.41
CA GLY A 26 6.48 -5.55 -6.20
C GLY A 26 7.70 -6.46 -6.10
N SER A 27 8.89 -5.85 -6.10
CA SER A 27 10.13 -6.59 -6.30
C SER A 27 11.34 -5.69 -6.07
N ASN A 28 11.96 -5.22 -7.17
CA ASN A 28 13.23 -4.50 -7.08
C ASN A 28 13.00 -3.00 -6.99
N LYS A 29 14.04 -2.23 -7.28
CA LYS A 29 13.89 -0.77 -7.41
C LYS A 29 12.88 -0.43 -8.49
N GLY A 30 12.98 -1.11 -9.63
CA GLY A 30 12.12 -0.82 -10.76
C GLY A 30 10.65 -1.00 -10.39
N ALA A 31 10.41 -1.80 -9.35
CA ALA A 31 9.04 -2.16 -8.95
C ALA A 31 8.33 -0.97 -8.31
N ILE A 32 9.11 0.05 -7.91
CA ILE A 32 8.53 1.25 -7.32
C ILE A 32 7.47 1.84 -8.24
N ILE A 33 7.70 1.71 -9.54
CA ILE A 33 6.79 2.27 -10.53
C ILE A 33 5.47 1.50 -10.55
N GLY A 34 5.56 0.21 -10.26
CA GLY A 34 4.39 -0.66 -10.25
C GLY A 34 3.64 -0.55 -8.92
N LEU A 35 4.40 -0.46 -7.84
CA LEU A 35 3.82 -0.16 -6.53
C LEU A 35 3.19 1.23 -6.52
N MET A 36 3.91 2.19 -7.10
CA MET A 36 3.48 3.58 -7.04
C MET A 36 2.14 3.76 -7.74
N VAL A 37 2.08 3.31 -8.99
CA VAL A 37 0.86 3.44 -9.78
C VAL A 37 -0.22 2.49 -9.28
N GLY A 38 0.18 1.26 -9.01
CA GLY A 38 -0.75 0.24 -8.53
C GLY A 38 -1.11 0.47 -7.05
N GLY A 39 -0.59 1.56 -6.49
CA GLY A 39 -0.95 1.96 -5.13
C GLY A 39 -2.22 2.80 -5.12
N VAL A 40 -3.00 2.71 -6.19
CA VAL A 40 -4.30 3.37 -6.24
C VAL A 40 -5.25 2.78 -5.19
N VAL A 41 -5.35 1.46 -5.17
CA VAL A 41 -6.24 0.79 -4.23
C VAL A 41 -5.72 0.93 -2.80
N ILE A 42 -4.41 0.75 -2.64
CA ILE A 42 -3.81 0.78 -1.31
C ILE A 42 -3.81 2.21 -0.76
N ALA A 43 -3.87 3.18 -1.67
CA ALA A 43 -3.96 4.59 -1.26
C ALA A 43 -5.25 4.84 -0.49
N THR A 44 -6.37 4.40 -1.07
CA THR A 44 -7.67 4.67 -0.48
C THR A 44 -7.82 3.95 0.85
N VAL A 45 -7.14 2.81 0.96
CA VAL A 45 -7.14 2.04 2.21
C VAL A 45 -6.41 2.82 3.31
N ILE A 46 -5.37 3.55 2.93
CA ILE A 46 -4.63 4.37 3.88
C ILE A 46 -5.41 5.65 4.18
N VAL A 47 -6.14 6.14 3.19
CA VAL A 47 -6.86 7.41 3.34
C VAL A 47 -7.95 7.27 4.41
N ILE A 48 -8.72 6.19 4.33
CA ILE A 48 -9.80 5.95 5.29
C ILE A 48 -9.23 5.68 6.68
N THR A 49 -8.03 5.12 6.71
CA THR A 49 -7.34 4.88 7.99
C THR A 49 -6.88 6.20 8.60
N LEU A 50 -6.45 7.12 7.72
CA LEU A 50 -5.94 8.41 8.18
C LEU A 50 -7.09 9.31 8.65
N VAL A 51 -8.28 9.05 8.14
CA VAL A 51 -9.45 9.85 8.49
C VAL A 51 -9.79 9.68 9.97
N MET A 52 -9.82 8.43 10.42
CA MET A 52 -10.21 8.14 11.80
C MET A 52 -9.02 8.32 12.73
N LEU A 53 -7.81 8.24 12.18
CA LEU A 53 -6.59 8.50 12.93
C LEU A 53 -6.22 9.98 12.86
N LYS A 54 -7.09 10.77 12.22
CA LYS A 54 -6.74 12.16 11.92
C LYS A 54 -6.55 12.97 13.21
N LYS A 55 -7.66 13.31 13.86
CA LYS A 55 -7.60 14.01 15.14
C LYS A 55 -6.75 15.27 15.04
N LYS A 56 -6.53 15.91 16.18
CA LYS A 56 -5.69 17.10 16.23
C LYS A 56 -4.32 16.77 16.84
N GLN A 57 -3.40 17.72 16.76
CA GLN A 57 -2.06 17.54 17.33
C GLN A 57 -2.11 17.64 18.86
N TYR A 58 -1.37 16.76 19.53
CA TYR A 58 -1.31 16.75 20.99
C TYR A 58 -2.69 16.48 21.58
N VAL A 13 -11.79 -23.73 -13.66
CA VAL A 13 -10.57 -22.94 -13.82
C VAL A 13 -9.95 -22.66 -12.45
N HIS A 14 -9.84 -21.38 -12.07
CA HIS A 14 -9.29 -21.01 -10.77
C HIS A 14 -9.70 -19.59 -10.40
N HIS A 15 -9.54 -19.25 -9.12
CA HIS A 15 -9.92 -17.93 -8.62
C HIS A 15 -9.01 -17.51 -7.47
N GLN A 16 -9.07 -16.23 -7.12
CA GLN A 16 -8.23 -15.69 -6.04
C GLN A 16 -8.86 -14.43 -5.47
N LYS A 17 -8.44 -14.05 -4.26
CA LYS A 17 -8.96 -12.85 -3.61
C LYS A 17 -8.08 -12.44 -2.43
N LEU A 18 -6.86 -13.00 -2.38
CA LEU A 18 -5.95 -12.78 -1.27
C LEU A 18 -4.65 -12.16 -1.75
N VAL A 19 -4.48 -12.11 -3.08
CA VAL A 19 -3.30 -11.50 -3.68
C VAL A 19 -3.30 -9.99 -3.47
N PHE A 20 -4.44 -9.45 -3.03
CA PHE A 20 -4.55 -8.04 -2.69
C PHE A 20 -3.50 -7.64 -1.66
N PHE A 21 -3.67 -8.14 -0.43
CA PHE A 21 -2.70 -7.91 0.62
C PHE A 21 -1.33 -8.46 0.23
N ALA A 22 -1.33 -9.63 -0.41
CA ALA A 22 -0.08 -10.29 -0.75
C ALA A 22 0.72 -9.49 -1.78
N GLU A 23 0.05 -8.50 -2.38
CA GLU A 23 0.71 -7.61 -3.33
C GLU A 23 1.85 -6.84 -2.67
N ASP A 24 1.89 -6.87 -1.35
CA ASP A 24 2.81 -6.02 -0.59
C ASP A 24 4.23 -6.57 -0.68
N VAL A 25 4.38 -7.76 -1.24
CA VAL A 25 5.69 -8.36 -1.43
C VAL A 25 6.42 -7.71 -2.59
N GLY A 26 5.74 -6.79 -3.27
CA GLY A 26 6.27 -6.16 -4.47
C GLY A 26 7.68 -5.63 -4.23
N SER A 27 8.67 -6.42 -4.62
CA SER A 27 10.07 -6.08 -4.36
C SER A 27 10.60 -5.11 -5.42
N ASN A 28 11.92 -4.91 -5.42
CA ASN A 28 12.56 -4.03 -6.40
C ASN A 28 12.24 -2.57 -6.11
N LYS A 29 13.21 -1.70 -6.37
CA LYS A 29 13.02 -0.27 -6.13
C LYS A 29 12.27 0.37 -7.29
N GLY A 30 12.77 0.14 -8.50
CA GLY A 30 12.21 0.76 -9.70
C GLY A 30 10.79 0.25 -9.98
N ALA A 31 10.40 -0.79 -9.25
CA ALA A 31 9.06 -1.33 -9.35
C ALA A 31 8.03 -0.32 -8.82
N ILE A 32 8.46 0.52 -7.88
CA ILE A 32 7.54 1.45 -7.21
C ILE A 32 6.77 2.28 -8.23
N ILE A 33 7.37 2.47 -9.41
CA ILE A 33 6.74 3.19 -10.49
C ILE A 33 5.57 2.38 -11.06
N GLY A 34 5.80 1.09 -11.29
CA GLY A 34 4.79 0.23 -11.91
C GLY A 34 3.77 -0.24 -10.87
N LEU A 35 4.24 -0.42 -9.64
CA LEU A 35 3.37 -0.80 -8.53
C LEU A 35 2.40 0.32 -8.18
N MET A 36 2.79 1.55 -8.49
CA MET A 36 1.96 2.71 -8.19
C MET A 36 0.65 2.66 -8.97
N VAL A 37 0.70 2.06 -10.16
CA VAL A 37 -0.49 1.90 -10.99
C VAL A 37 -1.54 1.07 -10.26
N GLY A 38 -1.10 -0.02 -9.64
CA GLY A 38 -2.01 -0.87 -8.87
C GLY A 38 -2.02 -0.45 -7.40
N GLY A 39 -1.29 0.62 -7.08
CA GLY A 39 -1.19 1.10 -5.71
C GLY A 39 -2.31 2.10 -5.40
N VAL A 40 -3.39 2.04 -6.17
CA VAL A 40 -4.52 2.95 -5.98
C VAL A 40 -5.49 2.39 -4.93
N VAL A 41 -5.64 1.07 -4.92
CA VAL A 41 -6.55 0.41 -3.98
C VAL A 41 -5.99 0.52 -2.56
N ILE A 42 -4.69 0.23 -2.43
CA ILE A 42 -4.04 0.27 -1.12
C ILE A 42 -3.91 1.70 -0.62
N ALA A 43 -3.86 2.65 -1.56
CA ALA A 43 -3.81 4.06 -1.21
C ALA A 43 -5.05 4.48 -0.43
N THR A 44 -6.21 4.12 -0.97
CA THR A 44 -7.49 4.48 -0.35
C THR A 44 -7.60 3.84 1.04
N VAL A 45 -7.07 2.63 1.16
CA VAL A 45 -7.11 1.89 2.42
C VAL A 45 -6.26 2.59 3.47
N ILE A 46 -5.03 2.93 3.08
CA ILE A 46 -4.11 3.61 3.99
C ILE A 46 -4.60 5.03 4.29
N VAL A 47 -5.14 5.68 3.26
CA VAL A 47 -5.58 7.07 3.39
C VAL A 47 -6.77 7.17 4.35
N ILE A 48 -7.75 6.29 4.15
CA ILE A 48 -8.91 6.26 5.01
C ILE A 48 -8.50 6.06 6.47
N THR A 49 -7.54 5.17 6.69
CA THR A 49 -7.03 4.92 8.03
C THR A 49 -6.28 6.13 8.56
N LEU A 50 -5.57 6.81 7.66
CA LEU A 50 -4.79 7.99 8.05
C LEU A 50 -5.71 9.14 8.44
N VAL A 51 -6.90 9.17 7.84
CA VAL A 51 -7.90 10.18 8.20
C VAL A 51 -8.39 9.95 9.62
N MET A 52 -8.60 8.68 9.94
CA MET A 52 -9.10 8.30 11.26
C MET A 52 -8.01 8.44 12.32
N LEU A 53 -6.76 8.36 11.87
CA LEU A 53 -5.62 8.47 12.80
C LEU A 53 -5.63 9.82 13.50
N LYS A 54 -5.91 10.87 12.74
CA LYS A 54 -5.96 12.22 13.29
C LYS A 54 -6.79 13.14 12.39
N LYS A 55 -6.28 13.43 11.20
CA LYS A 55 -6.83 14.52 10.39
C LYS A 55 -8.22 14.16 9.89
N LYS A 56 -9.23 14.61 10.63
CA LYS A 56 -10.62 14.24 10.32
C LYS A 56 -11.18 15.16 9.24
N GLN A 57 -11.79 14.53 8.23
CA GLN A 57 -12.53 15.29 7.22
C GLN A 57 -13.88 15.75 7.76
N TYR A 58 -14.97 15.29 7.14
CA TYR A 58 -16.30 15.71 7.54
C TYR A 58 -16.42 17.22 7.56
N VAL A 13 -1.42 -18.33 17.32
CA VAL A 13 -1.60 -16.88 17.43
C VAL A 13 -1.20 -16.20 16.13
N HIS A 14 -1.57 -14.92 16.00
CA HIS A 14 -1.29 -14.17 14.78
C HIS A 14 -0.83 -12.75 15.13
N HIS A 15 -0.46 -12.55 16.39
CA HIS A 15 -0.06 -11.22 16.86
C HIS A 15 1.32 -10.84 16.31
N GLN A 16 1.98 -11.82 15.70
CA GLN A 16 3.29 -11.59 15.10
C GLN A 16 3.42 -12.37 13.79
N LYS A 17 3.31 -11.65 12.69
CA LYS A 17 3.38 -12.28 11.36
C LYS A 17 4.83 -12.35 10.89
N LEU A 18 5.10 -13.30 9.99
CA LEU A 18 6.44 -13.50 9.47
C LEU A 18 6.67 -12.64 8.23
N VAL A 19 5.57 -12.24 7.59
CA VAL A 19 5.66 -11.41 6.39
C VAL A 19 6.26 -10.04 6.71
N PHE A 20 6.39 -9.75 8.00
CA PHE A 20 6.98 -8.49 8.44
C PHE A 20 8.47 -8.45 8.12
N PHE A 21 9.04 -9.60 7.76
CA PHE A 21 10.44 -9.67 7.37
C PHE A 21 10.57 -9.49 5.86
N ALA A 22 9.70 -8.64 5.29
CA ALA A 22 9.77 -8.32 3.87
C ALA A 22 10.90 -7.32 3.60
N GLU A 23 11.50 -6.82 4.68
CA GLU A 23 12.59 -5.86 4.56
C GLU A 23 13.82 -6.51 3.91
N ASP A 24 13.86 -7.84 3.96
CA ASP A 24 14.96 -8.60 3.36
C ASP A 24 14.83 -8.60 1.83
N VAL A 25 13.60 -8.72 1.35
CA VAL A 25 13.34 -8.73 -0.08
C VAL A 25 13.98 -7.51 -0.75
N GLY A 26 13.52 -6.32 -0.35
CA GLY A 26 14.13 -5.08 -0.82
C GLY A 26 14.05 -4.98 -2.34
N SER A 27 14.95 -4.17 -2.92
CA SER A 27 15.18 -4.22 -4.36
C SER A 27 13.87 -4.02 -5.13
N ASN A 28 13.07 -3.07 -4.65
CA ASN A 28 11.74 -2.85 -5.21
C ASN A 28 11.57 -1.39 -5.62
N LYS A 29 12.68 -0.64 -5.59
CA LYS A 29 12.65 0.77 -5.95
C LYS A 29 12.21 0.96 -7.40
N GLY A 30 12.84 0.19 -8.29
CA GLY A 30 12.45 0.19 -9.70
C GLY A 30 11.03 -0.33 -9.86
N ALA A 31 10.74 -1.45 -9.20
CA ALA A 31 9.46 -2.13 -9.40
C ALA A 31 8.31 -1.32 -8.80
N ILE A 32 8.66 -0.30 -8.03
CA ILE A 32 7.65 0.53 -7.35
C ILE A 32 6.82 1.29 -8.39
N ILE A 33 7.41 1.54 -9.55
CA ILE A 33 6.73 2.27 -10.61
C ILE A 33 5.47 1.53 -11.06
N GLY A 34 5.49 0.21 -10.93
CA GLY A 34 4.37 -0.62 -11.33
C GLY A 34 3.32 -0.69 -10.22
N LEU A 35 3.79 -0.67 -8.97
CA LEU A 35 2.89 -0.63 -7.82
C LEU A 35 2.34 0.78 -7.62
N MET A 36 3.04 1.77 -8.16
CA MET A 36 2.67 3.16 -7.93
C MET A 36 1.39 3.51 -8.69
N VAL A 37 1.35 3.12 -9.96
CA VAL A 37 0.15 3.29 -10.76
C VAL A 37 -0.96 2.36 -10.27
N GLY A 38 -0.56 1.20 -9.74
CA GLY A 38 -1.51 0.24 -9.18
C GLY A 38 -1.75 0.51 -7.69
N GLY A 39 -1.27 1.67 -7.23
CA GLY A 39 -1.40 2.03 -5.83
C GLY A 39 -2.74 2.72 -5.57
N VAL A 40 -3.64 2.63 -6.54
CA VAL A 40 -4.95 3.27 -6.43
C VAL A 40 -5.75 2.65 -5.29
N VAL A 41 -5.72 1.32 -5.21
CA VAL A 41 -6.47 0.60 -4.20
C VAL A 41 -5.81 0.75 -2.82
N ILE A 42 -4.48 0.68 -2.82
CA ILE A 42 -3.72 0.76 -1.57
C ILE A 42 -3.72 2.20 -1.04
N ALA A 43 -3.82 3.16 -1.96
CA ALA A 43 -3.95 4.56 -1.56
C ALA A 43 -5.16 4.76 -0.66
N THR A 44 -6.30 4.26 -1.10
CA THR A 44 -7.56 4.45 -0.37
C THR A 44 -7.49 3.75 1.00
N VAL A 45 -6.76 2.64 1.03
CA VAL A 45 -6.58 1.90 2.28
C VAL A 45 -5.75 2.72 3.27
N ILE A 46 -4.66 3.31 2.78
CA ILE A 46 -3.80 4.13 3.61
C ILE A 46 -4.51 5.43 3.99
N VAL A 47 -5.28 5.96 3.05
CA VAL A 47 -5.96 7.24 3.26
C VAL A 47 -7.03 7.10 4.34
N ILE A 48 -7.85 6.06 4.21
CA ILE A 48 -9.00 5.89 5.10
C ILE A 48 -8.53 5.54 6.51
N THR A 49 -7.34 4.93 6.59
CA THR A 49 -6.73 4.64 7.88
C THR A 49 -6.15 5.91 8.50
N LEU A 50 -5.51 6.72 7.67
CA LEU A 50 -4.89 7.95 8.14
C LEU A 50 -5.94 8.94 8.62
N VAL A 51 -7.12 8.87 8.01
CA VAL A 51 -8.24 9.71 8.42
C VAL A 51 -8.63 9.39 9.87
N MET A 52 -8.52 8.12 10.24
CA MET A 52 -8.88 7.69 11.59
C MET A 52 -7.75 8.05 12.57
N LEU A 53 -6.52 8.05 12.06
CA LEU A 53 -5.38 8.43 12.88
C LEU A 53 -5.39 9.93 13.15
N LYS A 54 -5.55 10.72 12.09
CA LYS A 54 -5.50 12.17 12.22
C LYS A 54 -6.91 12.75 12.18
N LYS A 55 -7.27 13.47 13.24
CA LYS A 55 -8.63 14.00 13.37
C LYS A 55 -8.59 15.38 14.02
N LYS A 56 -8.87 16.40 13.22
CA LYS A 56 -8.82 17.79 13.70
C LYS A 56 -10.22 18.28 14.05
N GLN A 57 -11.01 17.39 14.66
CA GLN A 57 -12.38 17.73 15.06
C GLN A 57 -13.16 18.31 13.87
N TYR A 58 -13.47 17.44 12.92
CA TYR A 58 -14.22 17.86 11.74
C TYR A 58 -15.66 18.19 12.10
N VAL A 13 1.34 -23.41 -6.91
CA VAL A 13 1.51 -22.57 -5.73
C VAL A 13 0.66 -23.08 -4.58
N HIS A 14 0.90 -22.54 -3.38
CA HIS A 14 0.15 -22.95 -2.20
C HIS A 14 -0.01 -21.78 -1.23
N HIS A 15 -0.55 -22.06 -0.04
CA HIS A 15 -0.80 -21.03 0.97
C HIS A 15 -1.73 -19.95 0.41
N GLN A 16 -3.00 -20.01 0.81
CA GLN A 16 -4.03 -19.18 0.20
C GLN A 16 -3.82 -17.71 0.56
N LYS A 17 -4.00 -17.39 1.83
CA LYS A 17 -3.66 -16.06 2.33
C LYS A 17 -2.18 -15.99 2.70
N LEU A 18 -1.84 -15.05 3.58
CA LEU A 18 -0.45 -14.87 4.02
C LEU A 18 0.40 -14.30 2.89
N VAL A 19 -0.22 -14.10 1.74
CA VAL A 19 0.46 -13.50 0.60
C VAL A 19 0.70 -12.01 0.84
N PHE A 20 -0.02 -11.46 1.81
CA PHE A 20 0.11 -10.04 2.15
C PHE A 20 1.55 -9.72 2.56
N PHE A 21 2.10 -10.53 3.45
CA PHE A 21 3.47 -10.34 3.92
C PHE A 21 4.45 -10.97 2.93
N ALA A 22 3.97 -11.92 2.14
CA ALA A 22 4.80 -12.56 1.12
C ALA A 22 5.03 -11.63 -0.07
N GLU A 23 4.44 -10.45 0.01
CA GLU A 23 4.71 -9.41 -0.99
C GLU A 23 6.11 -8.83 -0.82
N ASP A 24 6.73 -9.12 0.32
CA ASP A 24 8.05 -8.60 0.62
C ASP A 24 9.09 -9.18 -0.35
N VAL A 25 8.72 -10.27 -1.03
CA VAL A 25 9.57 -10.85 -2.06
C VAL A 25 9.89 -9.81 -3.14
N GLY A 26 8.89 -9.02 -3.50
CA GLY A 26 9.07 -8.01 -4.55
C GLY A 26 9.68 -6.74 -3.98
N SER A 27 10.86 -6.38 -4.48
CA SER A 27 11.54 -5.17 -4.03
C SER A 27 12.52 -4.67 -5.11
N ASN A 28 12.14 -3.58 -5.77
CA ASN A 28 13.03 -2.95 -6.75
C ASN A 28 12.55 -1.53 -7.06
N LYS A 29 13.50 -0.62 -7.26
CA LYS A 29 13.17 0.78 -7.57
C LYS A 29 12.44 0.87 -8.90
N GLY A 30 12.81 0.00 -9.84
CA GLY A 30 12.11 -0.06 -11.12
C GLY A 30 10.67 -0.54 -10.93
N ALA A 31 10.52 -1.61 -10.17
CA ALA A 31 9.20 -2.18 -9.93
C ALA A 31 8.34 -1.21 -9.12
N ILE A 32 8.98 -0.50 -8.19
CA ILE A 32 8.26 0.37 -7.26
C ILE A 32 7.47 1.44 -8.03
N ILE A 33 8.01 1.85 -9.17
CA ILE A 33 7.31 2.79 -10.05
C ILE A 33 6.06 2.15 -10.62
N GLY A 34 6.19 0.91 -11.07
CA GLY A 34 5.08 0.21 -11.73
C GLY A 34 4.05 -0.28 -10.70
N LEU A 35 4.52 -0.57 -9.49
CA LEU A 35 3.64 -0.98 -8.41
C LEU A 35 2.74 0.17 -7.97
N MET A 36 3.20 1.40 -8.21
CA MET A 36 2.44 2.58 -7.84
C MET A 36 1.16 2.68 -8.67
N VAL A 37 1.20 2.16 -9.88
CA VAL A 37 0.05 2.18 -10.76
C VAL A 37 -1.11 1.39 -10.15
N GLY A 38 -0.78 0.27 -9.51
CA GLY A 38 -1.79 -0.56 -8.85
C GLY A 38 -1.94 -0.16 -7.38
N GLY A 39 -1.16 0.83 -6.95
CA GLY A 39 -1.16 1.25 -5.55
C GLY A 39 -2.32 2.19 -5.25
N VAL A 40 -3.27 2.26 -6.19
CA VAL A 40 -4.42 3.15 -6.04
C VAL A 40 -5.34 2.66 -4.93
N VAL A 41 -5.62 1.35 -4.95
CA VAL A 41 -6.53 0.76 -3.96
C VAL A 41 -5.90 0.80 -2.57
N ILE A 42 -4.64 0.38 -2.50
CA ILE A 42 -3.89 0.42 -1.25
C ILE A 42 -3.82 1.85 -0.70
N ALA A 43 -3.62 2.81 -1.60
CA ALA A 43 -3.53 4.21 -1.21
C ALA A 43 -4.82 4.65 -0.50
N THR A 44 -5.95 4.35 -1.13
CA THR A 44 -7.25 4.74 -0.58
C THR A 44 -7.47 4.09 0.78
N VAL A 45 -7.04 2.82 0.89
CA VAL A 45 -7.20 2.07 2.13
C VAL A 45 -6.45 2.75 3.26
N ILE A 46 -5.17 3.02 3.03
CA ILE A 46 -4.33 3.68 4.03
C ILE A 46 -4.83 5.08 4.30
N VAL A 47 -5.26 5.77 3.25
CA VAL A 47 -5.66 7.16 3.36
C VAL A 47 -6.95 7.28 4.17
N ILE A 48 -7.88 6.36 3.91
CA ILE A 48 -9.15 6.33 4.63
C ILE A 48 -8.91 6.09 6.12
N THR A 49 -7.90 5.26 6.41
CA THR A 49 -7.55 4.97 7.81
C THR A 49 -6.84 6.17 8.43
N LEU A 50 -6.10 6.90 7.61
CA LEU A 50 -5.33 8.05 8.09
C LEU A 50 -6.28 9.16 8.57
N VAL A 51 -7.43 9.28 7.91
CA VAL A 51 -8.45 10.24 8.33
C VAL A 51 -8.85 9.99 9.78
N MET A 52 -9.01 8.72 10.14
CA MET A 52 -9.40 8.36 11.49
C MET A 52 -8.27 8.65 12.47
N LEU A 53 -7.04 8.42 12.02
CA LEU A 53 -5.87 8.71 12.84
C LEU A 53 -5.70 10.22 13.00
N LYS A 54 -5.93 10.96 11.93
CA LYS A 54 -5.83 12.42 11.97
C LYS A 54 -7.17 13.05 12.34
N LYS A 55 -7.31 14.34 12.02
CA LYS A 55 -8.48 15.11 12.44
C LYS A 55 -8.61 16.38 11.62
N LYS A 56 -7.50 16.78 11.00
CA LYS A 56 -7.47 17.99 10.18
C LYS A 56 -7.64 17.63 8.71
N GLN A 57 -8.86 17.78 8.21
CA GLN A 57 -9.14 17.55 6.80
C GLN A 57 -8.96 18.83 5.99
N TYR A 58 -8.36 18.70 4.81
CA TYR A 58 -8.25 19.81 3.88
C TYR A 58 -8.22 19.30 2.43
N VAL A 13 11.01 -4.24 14.54
CA VAL A 13 11.23 -4.82 13.23
C VAL A 13 10.38 -4.12 12.17
N HIS A 14 10.22 -2.80 12.35
CA HIS A 14 9.47 -2.00 11.37
C HIS A 14 10.27 -1.84 10.09
N HIS A 15 9.56 -1.81 8.96
CA HIS A 15 10.20 -1.68 7.66
C HIS A 15 10.17 -0.23 7.20
N GLN A 16 10.96 0.61 7.87
CA GLN A 16 11.05 2.02 7.52
C GLN A 16 12.17 2.25 6.51
N LYS A 17 13.09 1.28 6.42
CA LYS A 17 14.20 1.39 5.50
C LYS A 17 13.75 1.10 4.06
N LEU A 18 14.53 1.57 3.10
CA LEU A 18 14.20 1.37 1.70
C LEU A 18 15.39 0.76 0.95
N VAL A 19 16.59 1.10 1.41
CA VAL A 19 17.81 0.59 0.80
C VAL A 19 17.96 -0.91 1.08
N PHE A 20 17.40 -1.36 2.20
CA PHE A 20 17.55 -2.75 2.62
C PHE A 20 16.84 -3.68 1.64
N PHE A 21 15.56 -3.41 1.40
CA PHE A 21 14.80 -4.17 0.40
C PHE A 21 15.40 -3.97 -0.99
N ALA A 22 16.00 -2.81 -1.21
CA ALA A 22 16.64 -2.52 -2.49
C ALA A 22 17.82 -3.46 -2.74
N GLU A 23 18.47 -3.86 -1.65
CA GLU A 23 19.63 -4.74 -1.76
C GLU A 23 19.20 -6.15 -2.14
N ASP A 24 18.05 -6.56 -1.61
CA ASP A 24 17.61 -7.95 -1.75
C ASP A 24 17.29 -8.28 -3.20
N VAL A 25 16.67 -7.32 -3.88
CA VAL A 25 16.29 -7.49 -5.28
C VAL A 25 17.25 -6.75 -6.19
N GLY A 26 18.07 -5.89 -5.62
CA GLY A 26 19.15 -5.25 -6.37
C GLY A 26 18.72 -3.85 -6.81
N SER A 27 17.53 -3.77 -7.41
CA SER A 27 16.97 -2.48 -7.79
C SER A 27 15.46 -2.61 -8.03
N ASN A 28 14.68 -2.28 -7.01
CA ASN A 28 13.23 -2.30 -7.13
C ASN A 28 12.70 -0.90 -7.45
N LYS A 29 13.41 0.13 -6.99
CA LYS A 29 12.85 1.48 -6.99
C LYS A 29 12.50 1.90 -8.42
N GLY A 30 13.23 1.35 -9.39
CA GLY A 30 12.81 1.44 -10.79
C GLY A 30 11.45 0.81 -11.00
N ALA A 31 11.37 -0.50 -10.73
CA ALA A 31 10.18 -1.27 -11.08
C ALA A 31 9.01 -0.88 -10.19
N ILE A 32 9.32 -0.28 -9.04
CA ILE A 32 8.29 0.14 -8.10
C ILE A 32 7.37 1.17 -8.74
N ILE A 33 7.89 1.87 -9.75
CA ILE A 33 7.11 2.86 -10.48
C ILE A 33 5.84 2.23 -11.06
N GLY A 34 5.95 0.95 -11.41
CA GLY A 34 4.84 0.24 -12.04
C GLY A 34 3.91 -0.35 -10.98
N LEU A 35 4.49 -0.75 -9.86
CA LEU A 35 3.69 -1.21 -8.71
C LEU A 35 2.86 -0.08 -8.13
N MET A 36 3.30 1.15 -8.36
CA MET A 36 2.61 2.32 -7.82
C MET A 36 1.25 2.50 -8.49
N VAL A 37 1.13 1.99 -9.71
CA VAL A 37 -0.14 2.03 -10.43
C VAL A 37 -1.18 1.16 -9.73
N GLY A 38 -0.73 0.00 -9.24
CA GLY A 38 -1.61 -0.89 -8.48
C GLY A 38 -1.76 -0.42 -7.04
N GLY A 39 -1.00 0.61 -6.67
CA GLY A 39 -1.03 1.13 -5.31
C GLY A 39 -2.14 2.15 -5.13
N VAL A 40 -3.15 2.09 -5.99
CA VAL A 40 -4.31 2.95 -5.86
C VAL A 40 -5.29 2.38 -4.84
N VAL A 41 -5.43 1.06 -4.83
CA VAL A 41 -6.41 0.41 -3.98
C VAL A 41 -5.96 0.43 -2.52
N ILE A 42 -4.66 0.18 -2.32
CA ILE A 42 -4.09 0.23 -0.98
C ILE A 42 -3.99 1.67 -0.49
N ALA A 43 -3.89 2.61 -1.43
CA ALA A 43 -3.79 4.02 -1.08
C ALA A 43 -5.03 4.48 -0.33
N THR A 44 -6.20 4.18 -0.91
CA THR A 44 -7.47 4.59 -0.32
C THR A 44 -7.66 3.95 1.05
N VAL A 45 -7.17 2.72 1.20
CA VAL A 45 -7.26 2.01 2.45
C VAL A 45 -6.42 2.69 3.53
N ILE A 46 -5.17 2.95 3.20
CA ILE A 46 -4.26 3.63 4.11
C ILE A 46 -4.74 5.06 4.37
N VAL A 47 -5.23 5.71 3.32
CA VAL A 47 -5.62 7.11 3.40
C VAL A 47 -6.86 7.27 4.27
N ILE A 48 -7.84 6.40 4.04
CA ILE A 48 -9.07 6.40 4.83
C ILE A 48 -8.75 6.19 6.30
N THR A 49 -7.81 5.30 6.58
CA THR A 49 -7.37 5.05 7.95
C THR A 49 -6.63 6.28 8.49
N LEU A 50 -5.84 6.90 7.64
CA LEU A 50 -5.01 8.03 8.06
C LEU A 50 -5.89 9.21 8.48
N VAL A 51 -7.04 9.34 7.83
CA VAL A 51 -7.99 10.39 8.18
C VAL A 51 -8.45 10.22 9.63
N MET A 52 -8.75 8.98 10.00
CA MET A 52 -9.25 8.71 11.34
C MET A 52 -8.13 8.88 12.37
N LEU A 53 -6.91 8.55 11.96
CA LEU A 53 -5.75 8.71 12.83
C LEU A 53 -5.36 10.18 12.94
N LYS A 54 -5.64 10.94 11.88
CA LYS A 54 -5.24 12.34 11.82
C LYS A 54 -6.16 13.20 12.66
N LYS A 55 -5.70 13.55 13.87
CA LYS A 55 -6.49 14.37 14.78
C LYS A 55 -5.63 15.49 15.37
N LYS A 56 -4.40 15.14 15.74
CA LYS A 56 -3.48 16.09 16.35
C LYS A 56 -4.09 16.73 17.60
N GLN A 57 -4.94 15.96 18.28
CA GLN A 57 -5.65 16.46 19.46
C GLN A 57 -5.80 15.33 20.49
N TYR A 58 -6.66 14.38 20.19
CA TYR A 58 -6.93 13.27 21.10
C TYR A 58 -6.23 12.00 20.62
N VAL A 13 -7.25 -21.70 -10.78
CA VAL A 13 -6.35 -21.48 -9.64
C VAL A 13 -6.72 -20.19 -8.92
N HIS A 14 -7.78 -20.25 -8.12
CA HIS A 14 -8.29 -19.06 -7.43
C HIS A 14 -7.50 -18.82 -6.15
N HIS A 15 -7.01 -17.58 -5.99
CA HIS A 15 -6.23 -17.23 -4.81
C HIS A 15 -7.13 -16.65 -3.71
N GLN A 16 -6.53 -16.39 -2.56
CA GLN A 16 -7.27 -15.82 -1.43
C GLN A 16 -7.14 -14.30 -1.44
N LYS A 17 -7.78 -13.66 -0.45
CA LYS A 17 -7.75 -12.21 -0.35
C LYS A 17 -6.59 -11.74 0.52
N LEU A 18 -5.38 -12.15 0.14
CA LEU A 18 -4.17 -11.75 0.87
C LEU A 18 -3.16 -11.11 -0.08
N VAL A 19 -3.38 -11.30 -1.38
CA VAL A 19 -2.46 -10.76 -2.38
C VAL A 19 -2.53 -9.24 -2.41
N PHE A 20 -3.52 -8.68 -1.70
CA PHE A 20 -3.65 -7.23 -1.60
C PHE A 20 -2.65 -6.67 -0.59
N PHE A 21 -2.67 -7.23 0.62
CA PHE A 21 -1.80 -6.75 1.68
C PHE A 21 -0.35 -7.19 1.43
N ALA A 22 -0.20 -8.43 0.96
CA ALA A 22 1.12 -8.98 0.69
C ALA A 22 1.83 -8.20 -0.41
N GLU A 23 1.06 -7.37 -1.13
CA GLU A 23 1.62 -6.51 -2.16
C GLU A 23 2.48 -5.40 -1.53
N ASP A 24 2.24 -5.15 -0.25
CA ASP A 24 2.93 -4.05 0.44
C ASP A 24 4.43 -4.34 0.53
N VAL A 25 4.81 -5.58 0.23
CA VAL A 25 6.22 -5.92 0.10
C VAL A 25 6.88 -5.10 -1.02
N GLY A 26 6.24 -5.07 -2.18
CA GLY A 26 6.81 -4.40 -3.35
C GLY A 26 7.96 -5.21 -3.93
N SER A 27 8.93 -4.51 -4.52
CA SER A 27 10.12 -5.16 -5.08
C SER A 27 11.25 -4.14 -5.29
N ASN A 28 11.79 -4.11 -6.51
CA ASN A 28 12.91 -3.23 -6.82
C ASN A 28 12.48 -1.76 -6.77
N LYS A 29 13.43 -0.87 -7.03
CA LYS A 29 13.17 0.57 -6.98
C LYS A 29 12.40 1.02 -8.22
N GLY A 30 12.91 0.64 -9.39
CA GLY A 30 12.28 1.02 -10.65
C GLY A 30 10.87 0.44 -10.75
N ALA A 31 10.61 -0.61 -9.99
CA ALA A 31 9.29 -1.22 -9.95
C ALA A 31 8.29 -0.31 -9.23
N ILE A 32 8.80 0.51 -8.32
CA ILE A 32 7.95 1.43 -7.57
C ILE A 32 7.06 2.23 -8.51
N ILE A 33 7.58 2.54 -9.69
CA ILE A 33 6.84 3.32 -10.67
C ILE A 33 5.62 2.53 -11.17
N GLY A 34 5.83 1.27 -11.49
CA GLY A 34 4.78 0.43 -12.04
C GLY A 34 3.87 -0.09 -10.93
N LEU A 35 4.45 -0.41 -9.78
CA LEU A 35 3.68 -0.84 -8.61
C LEU A 35 2.70 0.25 -8.18
N MET A 36 3.07 1.50 -8.43
CA MET A 36 2.24 2.63 -8.04
C MET A 36 0.86 2.55 -8.70
N VAL A 37 0.84 1.99 -9.91
CA VAL A 37 -0.41 1.84 -10.65
C VAL A 37 -1.39 0.96 -9.88
N GLY A 38 -0.89 -0.16 -9.36
CA GLY A 38 -1.71 -1.07 -8.56
C GLY A 38 -1.80 -0.58 -7.11
N GLY A 39 -1.04 0.46 -6.79
CA GLY A 39 -0.97 0.96 -5.43
C GLY A 39 -2.14 1.90 -5.12
N VAL A 40 -3.12 1.93 -6.01
CA VAL A 40 -4.29 2.79 -5.83
C VAL A 40 -5.17 2.28 -4.71
N VAL A 41 -5.44 0.98 -4.71
CA VAL A 41 -6.34 0.38 -3.74
C VAL A 41 -5.73 0.44 -2.34
N ILE A 42 -4.43 0.15 -2.26
CA ILE A 42 -3.70 0.24 -1.00
C ILE A 42 -3.63 1.69 -0.53
N ALA A 43 -3.56 2.61 -1.48
CA ALA A 43 -3.52 4.04 -1.15
C ALA A 43 -4.76 4.43 -0.36
N THR A 44 -5.93 4.10 -0.90
CA THR A 44 -7.19 4.48 -0.27
C THR A 44 -7.33 3.82 1.10
N VAL A 45 -6.79 2.61 1.22
CA VAL A 45 -6.85 1.88 2.49
C VAL A 45 -6.04 2.60 3.56
N ILE A 46 -4.81 2.98 3.21
CA ILE A 46 -3.91 3.64 4.15
C ILE A 46 -4.36 5.09 4.37
N VAL A 47 -4.93 5.69 3.34
CA VAL A 47 -5.37 7.08 3.42
C VAL A 47 -6.63 7.19 4.28
N ILE A 48 -7.53 6.22 4.13
CA ILE A 48 -8.78 6.21 4.89
C ILE A 48 -8.49 6.04 6.38
N THR A 49 -7.43 5.30 6.69
CA THR A 49 -6.99 5.18 8.07
C THR A 49 -6.55 6.53 8.63
N LEU A 50 -5.77 7.26 7.83
CA LEU A 50 -5.21 8.53 8.27
C LEU A 50 -6.33 9.53 8.60
N VAL A 51 -7.45 9.39 7.90
CA VAL A 51 -8.61 10.24 8.15
C VAL A 51 -9.16 9.99 9.56
N MET A 52 -9.18 8.72 9.97
CA MET A 52 -9.70 8.36 11.28
C MET A 52 -8.62 8.54 12.35
N LEU A 53 -7.36 8.53 11.93
CA LEU A 53 -6.25 8.79 12.83
C LEU A 53 -6.18 10.28 13.19
N LYS A 54 -7.15 11.04 12.70
CA LYS A 54 -7.20 12.48 13.00
C LYS A 54 -7.19 12.73 14.50
N LYS A 55 -6.79 13.94 14.89
CA LYS A 55 -6.72 14.30 16.30
C LYS A 55 -7.96 15.07 16.72
N LYS A 56 -9.12 14.63 16.23
CA LYS A 56 -10.40 15.26 16.57
C LYS A 56 -10.48 16.67 15.98
N GLN A 57 -11.71 17.19 15.88
CA GLN A 57 -11.93 18.54 15.38
C GLN A 57 -11.30 18.71 14.00
N TYR A 58 -10.85 19.93 13.70
CA TYR A 58 -10.19 20.21 12.42
C TYR A 58 -9.01 21.15 12.63
N VAL A 13 -2.70 -22.37 -22.98
CA VAL A 13 -2.10 -22.08 -21.68
C VAL A 13 -2.12 -20.58 -21.41
N HIS A 14 -3.31 -19.99 -21.50
CA HIS A 14 -3.48 -18.56 -21.25
C HIS A 14 -4.04 -18.33 -19.84
N HIS A 15 -3.46 -17.36 -19.14
CA HIS A 15 -3.86 -17.07 -17.76
C HIS A 15 -3.73 -15.58 -17.47
N GLN A 16 -3.00 -15.23 -16.41
CA GLN A 16 -2.74 -13.83 -16.07
C GLN A 16 -4.01 -13.17 -15.53
N LYS A 17 -4.65 -13.83 -14.57
CA LYS A 17 -5.94 -13.36 -14.05
C LYS A 17 -5.96 -13.47 -12.53
N LEU A 18 -4.83 -13.15 -11.90
CA LEU A 18 -4.70 -13.27 -10.45
C LEU A 18 -3.44 -12.58 -9.96
N VAL A 19 -2.44 -12.49 -10.84
CA VAL A 19 -1.16 -11.86 -10.49
C VAL A 19 -1.29 -10.33 -10.54
N PHE A 20 -2.53 -9.85 -10.71
CA PHE A 20 -2.78 -8.41 -10.73
C PHE A 20 -2.31 -7.76 -9.43
N PHE A 21 -2.80 -8.27 -8.30
CA PHE A 21 -2.36 -7.79 -7.00
C PHE A 21 -1.04 -8.43 -6.61
N ALA A 22 -0.82 -9.66 -7.05
CA ALA A 22 0.38 -10.40 -6.71
C ALA A 22 1.53 -9.99 -7.63
N GLU A 23 1.35 -8.88 -8.34
CA GLU A 23 2.47 -8.17 -8.96
C GLU A 23 2.90 -6.97 -8.12
N ASP A 24 2.09 -6.65 -7.10
CA ASP A 24 2.32 -5.42 -6.33
C ASP A 24 3.36 -5.65 -5.25
N VAL A 25 3.69 -6.92 -5.02
CA VAL A 25 4.68 -7.29 -4.02
C VAL A 25 6.10 -7.01 -4.51
N GLY A 26 6.19 -6.51 -5.75
CA GLY A 26 7.48 -6.32 -6.39
C GLY A 26 8.37 -5.36 -5.61
N SER A 27 9.68 -5.59 -5.68
CA SER A 27 10.61 -5.05 -4.68
C SER A 27 11.75 -4.31 -5.38
N ASN A 28 12.03 -4.72 -6.62
CA ASN A 28 13.07 -4.08 -7.41
C ASN A 28 12.79 -2.58 -7.58
N LYS A 29 13.85 -1.81 -7.81
CA LYS A 29 13.73 -0.36 -7.84
C LYS A 29 12.73 0.07 -8.92
N GLY A 30 12.65 -0.71 -9.98
CA GLY A 30 11.75 -0.41 -11.10
C GLY A 30 10.31 -0.75 -10.75
N ALA A 31 10.15 -1.59 -9.73
CA ALA A 31 8.81 -1.95 -9.25
C ALA A 31 8.15 -0.77 -8.55
N ILE A 32 8.94 0.25 -8.22
CA ILE A 32 8.41 1.45 -7.60
C ILE A 32 7.37 2.12 -8.51
N ILE A 33 7.61 2.02 -9.82
CA ILE A 33 6.70 2.59 -10.81
C ILE A 33 5.40 1.80 -10.84
N GLY A 34 5.54 0.48 -10.94
CA GLY A 34 4.37 -0.41 -10.93
C GLY A 34 3.70 -0.42 -9.55
N LEU A 35 4.49 -0.12 -8.51
CA LEU A 35 3.97 -0.13 -7.16
C LEU A 35 2.96 0.99 -6.97
N MET A 36 3.29 2.17 -7.48
CA MET A 36 2.40 3.32 -7.37
C MET A 36 1.18 3.14 -8.25
N VAL A 37 1.36 2.42 -9.36
CA VAL A 37 0.27 2.19 -10.30
C VAL A 37 -0.80 1.30 -9.68
N GLY A 38 -0.37 0.20 -9.08
CA GLY A 38 -1.29 -0.72 -8.41
C GLY A 38 -1.46 -0.35 -6.94
N GLY A 39 -0.80 0.73 -6.52
CA GLY A 39 -0.83 1.15 -5.12
C GLY A 39 -1.94 2.15 -4.86
N VAL A 40 -2.89 2.23 -5.80
CA VAL A 40 -4.00 3.16 -5.67
C VAL A 40 -5.06 2.61 -4.71
N VAL A 41 -5.22 1.29 -4.70
CA VAL A 41 -6.20 0.65 -3.83
C VAL A 41 -5.75 0.69 -2.38
N ILE A 42 -4.46 0.41 -2.15
CA ILE A 42 -3.92 0.41 -0.80
C ILE A 42 -3.82 1.83 -0.25
N ALA A 43 -3.72 2.80 -1.16
CA ALA A 43 -3.65 4.19 -0.77
C ALA A 43 -4.94 4.62 -0.08
N THR A 44 -6.06 4.39 -0.77
CA THR A 44 -7.37 4.76 -0.24
C THR A 44 -7.61 4.07 1.10
N VAL A 45 -7.14 2.83 1.22
CA VAL A 45 -7.33 2.05 2.44
C VAL A 45 -6.56 2.69 3.60
N ILE A 46 -5.29 2.99 3.35
CA ILE A 46 -4.47 3.66 4.35
C ILE A 46 -4.98 5.08 4.62
N VAL A 47 -5.40 5.76 3.55
CA VAL A 47 -5.81 7.16 3.65
C VAL A 47 -7.11 7.27 4.44
N ILE A 48 -8.04 6.37 4.15
CA ILE A 48 -9.32 6.35 4.87
C ILE A 48 -9.10 6.07 6.35
N THR A 49 -8.19 5.17 6.66
CA THR A 49 -7.85 4.87 8.04
C THR A 49 -7.19 6.07 8.72
N LEU A 50 -6.47 6.86 7.91
CA LEU A 50 -5.78 8.03 8.42
C LEU A 50 -6.78 9.11 8.84
N VAL A 51 -7.96 9.09 8.22
CA VAL A 51 -9.03 10.02 8.59
C VAL A 51 -9.53 9.72 10.00
N MET A 52 -9.54 8.45 10.36
CA MET A 52 -10.03 8.04 11.67
C MET A 52 -8.98 8.30 12.75
N LEU A 53 -7.70 8.24 12.34
CA LEU A 53 -6.60 8.51 13.26
C LEU A 53 -6.55 9.99 13.61
N LYS A 54 -6.84 10.84 12.62
CA LYS A 54 -6.73 12.28 12.81
C LYS A 54 -8.11 12.92 12.92
N LYS A 55 -8.31 13.70 13.99
CA LYS A 55 -9.60 14.32 14.24
C LYS A 55 -9.65 15.71 13.59
N LYS A 56 -10.77 16.41 13.81
CA LYS A 56 -10.91 17.78 13.32
C LYS A 56 -11.79 18.59 14.26
N GLN A 57 -11.85 19.91 14.01
CA GLN A 57 -12.64 20.81 14.86
C GLN A 57 -13.96 21.16 14.19
N TYR A 58 -13.88 21.82 13.04
CA TYR A 58 -15.07 22.16 12.26
C TYR A 58 -16.10 22.88 13.14
N VAL A 13 3.20 -5.37 12.68
CA VAL A 13 4.36 -5.79 13.46
C VAL A 13 5.29 -6.66 12.62
N HIS A 14 5.18 -6.52 11.30
CA HIS A 14 5.97 -7.34 10.38
C HIS A 14 6.10 -6.66 9.02
N HIS A 15 7.19 -6.97 8.32
CA HIS A 15 7.44 -6.39 7.01
C HIS A 15 7.30 -4.86 7.06
N GLN A 16 8.03 -4.25 7.98
CA GLN A 16 8.00 -2.79 8.14
C GLN A 16 9.13 -2.14 7.34
N LYS A 17 10.17 -2.92 7.05
CA LYS A 17 11.30 -2.42 6.29
C LYS A 17 11.10 -2.64 4.80
N LEU A 18 11.91 -1.97 3.99
CA LEU A 18 11.85 -2.12 2.54
C LEU A 18 13.16 -2.70 2.02
N VAL A 19 14.26 -2.27 2.64
CA VAL A 19 15.59 -2.69 2.20
C VAL A 19 15.88 -4.12 2.65
N PHE A 20 15.10 -4.59 3.62
CA PHE A 20 15.33 -5.92 4.20
C PHE A 20 14.78 -7.00 3.28
N PHE A 21 13.52 -6.83 2.89
CA PHE A 21 12.89 -7.76 1.96
C PHE A 21 13.47 -7.62 0.56
N ALA A 22 14.20 -6.53 0.35
CA ALA A 22 14.86 -6.29 -0.94
C ALA A 22 15.84 -7.42 -1.26
N GLU A 23 16.38 -8.04 -0.22
CA GLU A 23 17.33 -9.13 -0.41
C GLU A 23 16.69 -10.28 -1.18
N ASP A 24 15.42 -10.55 -0.88
CA ASP A 24 14.71 -11.64 -1.51
C ASP A 24 14.31 -11.28 -2.93
N VAL A 25 13.74 -10.09 -3.09
CA VAL A 25 13.24 -9.65 -4.38
C VAL A 25 14.41 -9.39 -5.34
N GLY A 26 15.48 -8.81 -4.80
CA GLY A 26 16.63 -8.44 -5.62
C GLY A 26 17.17 -7.07 -5.19
N SER A 27 16.91 -6.07 -6.04
CA SER A 27 17.29 -4.70 -5.72
C SER A 27 16.79 -3.75 -6.82
N ASN A 28 15.50 -3.44 -6.78
CA ASN A 28 14.89 -2.58 -7.78
C ASN A 28 13.87 -1.64 -7.13
N LYS A 29 14.34 -0.47 -6.70
CA LYS A 29 13.47 0.54 -6.12
C LYS A 29 12.81 1.37 -7.22
N GLY A 30 13.40 1.34 -8.42
CA GLY A 30 12.82 2.01 -9.57
C GLY A 30 11.50 1.37 -9.97
N ALA A 31 11.44 0.05 -9.85
CA ALA A 31 10.33 -0.72 -10.39
C ALA A 31 9.05 -0.46 -9.58
N ILE A 32 9.20 0.25 -8.47
CA ILE A 32 8.07 0.59 -7.62
C ILE A 32 7.10 1.51 -8.35
N ILE A 33 7.61 2.21 -9.36
CA ILE A 33 6.79 3.16 -10.12
C ILE A 33 5.68 2.44 -10.87
N GLY A 34 5.91 1.15 -11.14
CA GLY A 34 4.91 0.34 -11.83
C GLY A 34 3.87 -0.20 -10.84
N LEU A 35 4.33 -0.52 -9.63
CA LEU A 35 3.44 -0.99 -8.58
C LEU A 35 2.51 0.13 -8.10
N MET A 36 2.95 1.37 -8.29
CA MET A 36 2.16 2.52 -7.85
C MET A 36 0.89 2.64 -8.68
N VAL A 37 0.94 2.12 -9.91
CA VAL A 37 -0.23 2.12 -10.78
C VAL A 37 -1.35 1.28 -10.17
N GLY A 38 -0.98 0.13 -9.60
CA GLY A 38 -1.95 -0.75 -8.95
C GLY A 38 -2.16 -0.36 -7.50
N GLY A 39 -1.44 0.68 -7.05
CA GLY A 39 -1.47 1.06 -5.64
C GLY A 39 -2.70 1.91 -5.33
N VAL A 40 -3.62 2.00 -6.29
CA VAL A 40 -4.81 2.82 -6.13
C VAL A 40 -5.70 2.28 -5.01
N VAL A 41 -5.88 0.97 -5.00
CA VAL A 41 -6.77 0.34 -4.02
C VAL A 41 -6.14 0.36 -2.64
N ILE A 42 -4.82 0.18 -2.61
CA ILE A 42 -4.09 0.19 -1.34
C ILE A 42 -3.92 1.62 -0.83
N ALA A 43 -3.89 2.58 -1.76
CA ALA A 43 -3.82 3.99 -1.40
C ALA A 43 -5.04 4.38 -0.57
N THR A 44 -6.23 4.12 -1.12
CA THR A 44 -7.48 4.54 -0.48
C THR A 44 -7.64 3.88 0.88
N VAL A 45 -7.06 2.69 1.02
CA VAL A 45 -7.09 1.97 2.28
C VAL A 45 -6.19 2.66 3.31
N ILE A 46 -4.97 2.98 2.88
CA ILE A 46 -4.01 3.64 3.77
C ILE A 46 -4.40 5.09 4.01
N VAL A 47 -5.05 5.69 3.03
CA VAL A 47 -5.44 7.09 3.13
C VAL A 47 -6.65 7.25 4.02
N ILE A 48 -7.59 6.31 3.91
CA ILE A 48 -8.77 6.30 4.77
C ILE A 48 -8.35 6.13 6.23
N THR A 49 -7.40 5.24 6.47
CA THR A 49 -6.95 4.96 7.83
C THR A 49 -6.13 6.11 8.38
N LEU A 50 -5.46 6.83 7.49
CA LEU A 50 -4.68 8.01 7.89
C LEU A 50 -5.61 9.12 8.35
N VAL A 51 -6.78 9.21 7.74
CA VAL A 51 -7.77 10.21 8.13
C VAL A 51 -8.28 9.94 9.54
N MET A 52 -8.30 8.67 9.92
CA MET A 52 -8.77 8.28 11.25
C MET A 52 -7.75 8.66 12.31
N LEU A 53 -6.47 8.64 11.92
CA LEU A 53 -5.40 9.03 12.84
C LEU A 53 -5.45 10.51 13.13
N LYS A 54 -6.18 11.26 12.30
CA LYS A 54 -6.31 12.71 12.48
C LYS A 54 -4.97 13.40 12.23
N LYS A 55 -5.01 14.46 11.43
CA LYS A 55 -3.79 15.20 11.10
C LYS A 55 -4.07 16.71 11.01
N LYS A 56 -3.01 17.50 11.01
CA LYS A 56 -3.15 18.95 10.92
C LYS A 56 -3.29 19.40 9.47
N GLN A 57 -2.18 19.31 8.72
CA GLN A 57 -2.14 19.82 7.35
C GLN A 57 -1.33 18.89 6.46
N TYR A 58 -0.04 18.76 6.76
CA TYR A 58 0.85 17.89 6.00
C TYR A 58 1.95 17.33 6.88
N VAL A 13 27.68 -14.71 8.89
CA VAL A 13 27.02 -14.24 7.68
C VAL A 13 25.51 -14.29 7.84
N HIS A 14 24.85 -13.15 7.58
CA HIS A 14 23.40 -13.08 7.63
C HIS A 14 22.79 -13.62 6.34
N HIS A 15 22.06 -14.73 6.45
CA HIS A 15 21.40 -15.33 5.30
C HIS A 15 20.14 -16.07 5.73
N GLN A 16 19.98 -16.23 7.04
CA GLN A 16 18.85 -16.99 7.58
C GLN A 16 17.75 -16.05 8.06
N LYS A 17 16.98 -15.53 7.11
CA LYS A 17 15.89 -14.60 7.43
C LYS A 17 14.62 -15.02 6.70
N LEU A 18 14.56 -14.70 5.40
CA LEU A 18 13.37 -14.96 4.60
C LEU A 18 12.23 -14.03 5.00
N VAL A 19 11.99 -13.90 6.31
CA VAL A 19 10.90 -13.08 6.80
C VAL A 19 11.02 -11.64 6.31
N PHE A 20 12.26 -11.16 6.27
CA PHE A 20 12.54 -9.81 5.77
C PHE A 20 12.63 -9.82 4.26
N PHE A 21 13.27 -10.84 3.70
CA PHE A 21 13.42 -10.96 2.26
C PHE A 21 12.06 -10.93 1.57
N ALA A 22 11.07 -11.53 2.23
CA ALA A 22 9.74 -11.67 1.64
C ALA A 22 9.10 -10.30 1.42
N GLU A 23 9.45 -9.35 2.28
CA GLU A 23 9.02 -7.96 2.10
C GLU A 23 9.83 -7.30 0.98
N ASP A 24 11.13 -7.56 0.97
CA ASP A 24 12.03 -6.86 0.07
C ASP A 24 11.79 -7.28 -1.38
N VAL A 25 11.52 -8.57 -1.57
CA VAL A 25 11.18 -9.08 -2.89
C VAL A 25 9.75 -8.67 -3.26
N GLY A 26 8.96 -8.36 -2.24
CA GLY A 26 7.64 -7.80 -2.46
C GLY A 26 7.67 -6.74 -3.55
N SER A 27 8.73 -5.93 -3.57
CA SER A 27 8.96 -5.01 -4.68
C SER A 27 10.31 -4.30 -4.51
N ASN A 28 11.02 -4.13 -5.64
CA ASN A 28 12.23 -3.32 -5.65
C ASN A 28 11.90 -1.83 -5.66
N LYS A 29 12.92 -0.99 -5.45
CA LYS A 29 12.72 0.45 -5.42
C LYS A 29 12.16 0.95 -6.75
N GLY A 30 12.83 0.59 -7.84
CA GLY A 30 12.40 1.02 -9.17
C GLY A 30 11.01 0.49 -9.50
N ALA A 31 10.64 -0.60 -8.84
CA ALA A 31 9.34 -1.22 -9.05
C ALA A 31 8.22 -0.33 -8.51
N ILE A 32 8.57 0.56 -7.57
CA ILE A 32 7.59 1.45 -6.96
C ILE A 32 6.83 2.24 -8.02
N ILE A 33 7.51 2.49 -9.14
CA ILE A 33 6.92 3.26 -10.23
C ILE A 33 5.77 2.48 -10.88
N GLY A 34 6.03 1.21 -11.18
CA GLY A 34 5.06 0.39 -11.90
C GLY A 34 3.93 -0.05 -10.99
N LEU A 35 4.27 -0.29 -9.72
CA LEU A 35 3.28 -0.73 -8.75
C LEU A 35 2.29 0.39 -8.44
N MET A 36 2.75 1.64 -8.49
CA MET A 36 1.89 2.78 -8.23
C MET A 36 0.62 2.71 -9.08
N VAL A 37 0.72 2.01 -10.21
CA VAL A 37 -0.45 1.76 -11.05
C VAL A 37 -1.46 0.88 -10.31
N GLY A 38 -0.98 -0.23 -9.76
CA GLY A 38 -1.84 -1.14 -9.01
C GLY A 38 -1.97 -0.71 -7.56
N GLY A 39 -1.24 0.33 -7.19
CA GLY A 39 -1.20 0.78 -5.80
C GLY A 39 -2.36 1.73 -5.49
N VAL A 40 -3.33 1.77 -6.41
CA VAL A 40 -4.46 2.67 -6.27
C VAL A 40 -5.39 2.18 -5.16
N VAL A 41 -5.73 0.89 -5.21
CA VAL A 41 -6.61 0.30 -4.20
C VAL A 41 -5.97 0.40 -2.82
N ILE A 42 -4.70 0.02 -2.75
CA ILE A 42 -3.99 0.00 -1.47
C ILE A 42 -3.78 1.42 -0.96
N ALA A 43 -3.58 2.36 -1.88
CA ALA A 43 -3.46 3.77 -1.52
C ALA A 43 -4.70 4.23 -0.75
N THR A 44 -5.87 3.97 -1.33
CA THR A 44 -7.13 4.42 -0.74
C THR A 44 -7.32 3.79 0.64
N VAL A 45 -6.84 2.56 0.79
CA VAL A 45 -6.95 1.85 2.06
C VAL A 45 -6.07 2.52 3.12
N ILE A 46 -4.80 2.74 2.76
CA ILE A 46 -3.86 3.37 3.67
C ILE A 46 -4.27 4.83 3.93
N VAL A 47 -4.76 5.49 2.90
CA VAL A 47 -5.12 6.90 3.00
C VAL A 47 -6.34 7.09 3.88
N ILE A 48 -7.33 6.22 3.68
CA ILE A 48 -8.55 6.25 4.51
C ILE A 48 -8.19 6.06 5.98
N THR A 49 -7.17 5.24 6.23
CA THR A 49 -6.71 5.00 7.60
C THR A 49 -6.04 6.25 8.17
N LEU A 50 -5.31 6.96 7.29
CA LEU A 50 -4.54 8.12 7.72
C LEU A 50 -5.47 9.24 8.17
N VAL A 51 -6.66 9.29 7.57
CA VAL A 51 -7.68 10.25 7.97
C VAL A 51 -8.07 10.04 9.43
N MET A 52 -8.16 8.77 9.83
CA MET A 52 -8.58 8.43 11.19
C MET A 52 -7.46 8.74 12.20
N LEU A 53 -6.22 8.63 11.74
CA LEU A 53 -5.08 9.00 12.55
C LEU A 53 -5.04 10.51 12.76
N LYS A 54 -5.76 11.25 11.93
CA LYS A 54 -5.80 12.70 12.03
C LYS A 54 -7.05 13.17 12.78
N LYS A 55 -7.11 14.46 13.07
CA LYS A 55 -8.22 15.02 13.83
C LYS A 55 -8.56 16.43 13.32
N LYS A 56 -8.21 16.69 12.06
CA LYS A 56 -8.42 18.01 11.46
C LYS A 56 -7.55 19.06 12.11
N GLN A 57 -7.06 20.01 11.31
CA GLN A 57 -6.30 21.14 11.83
C GLN A 57 -7.21 22.34 12.03
N TYR A 58 -7.08 22.98 13.19
CA TYR A 58 -7.75 24.26 13.44
C TYR A 58 -7.37 25.27 12.36
N VAL A 13 -4.43 -22.20 11.68
CA VAL A 13 -4.42 -20.76 11.92
C VAL A 13 -5.07 -20.02 10.76
N HIS A 14 -5.99 -19.12 11.08
CA HIS A 14 -6.71 -18.36 10.06
C HIS A 14 -6.10 -16.99 9.89
N HIS A 15 -4.89 -16.95 9.33
CA HIS A 15 -4.19 -15.69 9.11
C HIS A 15 -3.48 -15.69 7.76
N GLN A 16 -2.55 -16.64 7.59
CA GLN A 16 -1.82 -16.77 6.33
C GLN A 16 -1.19 -15.44 5.92
N LYS A 17 -1.84 -14.76 4.96
CA LYS A 17 -1.32 -13.48 4.47
C LYS A 17 0.16 -13.59 4.09
N LEU A 18 1.02 -12.91 4.85
CA LEU A 18 2.45 -12.93 4.60
C LEU A 18 2.79 -12.23 3.28
N VAL A 19 1.77 -11.67 2.63
CA VAL A 19 1.98 -10.92 1.40
C VAL A 19 2.68 -9.59 1.71
N PHE A 20 2.64 -9.20 2.98
CA PHE A 20 3.33 -7.99 3.42
C PHE A 20 4.83 -8.25 3.58
N PHE A 21 5.16 -9.45 4.08
CA PHE A 21 6.55 -9.80 4.31
C PHE A 21 7.20 -10.33 3.03
N ALA A 22 6.49 -11.21 2.33
CA ALA A 22 7.02 -11.83 1.12
C ALA A 22 7.07 -10.82 -0.03
N GLU A 23 6.62 -9.60 0.26
CA GLU A 23 6.67 -8.52 -0.73
C GLU A 23 8.13 -8.17 -1.06
N ASP A 24 9.06 -8.64 -0.23
CA ASP A 24 10.44 -8.20 -0.32
C ASP A 24 11.19 -8.97 -1.41
N VAL A 25 10.50 -9.98 -1.95
CA VAL A 25 11.06 -10.76 -3.06
C VAL A 25 11.21 -9.92 -4.32
N GLY A 26 10.50 -8.79 -4.34
CA GLY A 26 10.63 -7.83 -5.42
C GLY A 26 10.75 -6.41 -4.88
N SER A 27 11.95 -6.03 -4.48
CA SER A 27 12.22 -4.67 -4.03
C SER A 27 13.09 -3.93 -5.04
N ASN A 28 12.63 -3.85 -6.28
CA ASN A 28 13.34 -3.12 -7.33
C ASN A 28 12.82 -1.69 -7.43
N LYS A 29 13.74 -0.73 -7.47
CA LYS A 29 13.37 0.68 -7.56
C LYS A 29 12.48 0.92 -8.77
N GLY A 30 12.83 0.27 -9.88
CA GLY A 30 12.05 0.42 -11.11
C GLY A 30 10.68 -0.23 -10.97
N ALA A 31 10.64 -1.35 -10.25
CA ALA A 31 9.37 -2.05 -10.01
C ALA A 31 8.43 -1.20 -9.16
N ILE A 32 9.00 -0.50 -8.19
CA ILE A 32 8.22 0.33 -7.28
C ILE A 32 7.39 1.36 -8.06
N ILE A 33 7.96 1.82 -9.18
CA ILE A 33 7.26 2.77 -10.03
C ILE A 33 6.08 2.11 -10.74
N GLY A 34 6.31 0.89 -11.23
CA GLY A 34 5.29 0.16 -11.97
C GLY A 34 4.27 -0.47 -11.04
N LEU A 35 4.67 -0.66 -9.78
CA LEU A 35 3.76 -1.15 -8.75
C LEU A 35 2.84 -0.04 -8.27
N MET A 36 3.30 1.21 -8.40
CA MET A 36 2.59 2.35 -7.85
C MET A 36 1.24 2.53 -8.53
N VAL A 37 1.13 1.98 -9.74
CA VAL A 37 -0.12 2.10 -10.50
C VAL A 37 -1.23 1.29 -9.85
N GLY A 38 -0.85 0.19 -9.20
CA GLY A 38 -1.82 -0.64 -8.48
C GLY A 38 -1.88 -0.25 -7.01
N GLY A 39 -1.07 0.73 -6.62
CA GLY A 39 -1.05 1.20 -5.24
C GLY A 39 -2.22 2.16 -4.96
N VAL A 40 -3.18 2.20 -5.88
CA VAL A 40 -4.31 3.10 -5.75
C VAL A 40 -5.25 2.60 -4.66
N VAL A 41 -5.61 1.33 -4.73
CA VAL A 41 -6.47 0.73 -3.71
C VAL A 41 -5.83 0.83 -2.33
N ILE A 42 -4.56 0.45 -2.26
CA ILE A 42 -3.84 0.45 -0.99
C ILE A 42 -3.73 1.88 -0.44
N ALA A 43 -3.54 2.84 -1.34
CA ALA A 43 -3.48 4.25 -0.96
C ALA A 43 -4.77 4.66 -0.26
N THR A 44 -5.91 4.35 -0.89
CA THR A 44 -7.21 4.72 -0.35
C THR A 44 -7.42 4.07 1.01
N VAL A 45 -6.91 2.85 1.16
CA VAL A 45 -7.06 2.11 2.41
C VAL A 45 -6.28 2.78 3.54
N ILE A 46 -5.03 3.15 3.22
CA ILE A 46 -4.17 3.79 4.21
C ILE A 46 -4.60 5.24 4.44
N VAL A 47 -5.17 5.85 3.42
CA VAL A 47 -5.60 7.26 3.51
C VAL A 47 -6.90 7.37 4.30
N ILE A 48 -7.82 6.45 4.04
CA ILE A 48 -9.07 6.40 4.78
C ILE A 48 -8.80 6.21 6.28
N THR A 49 -7.88 5.30 6.59
CA THR A 49 -7.53 5.04 7.98
C THR A 49 -6.82 6.23 8.59
N LEU A 50 -6.09 6.98 7.76
CA LEU A 50 -5.34 8.14 8.22
C LEU A 50 -6.30 9.26 8.65
N VAL A 51 -7.48 9.30 8.02
CA VAL A 51 -8.50 10.25 8.39
C VAL A 51 -8.97 10.01 9.82
N MET A 52 -9.00 8.73 10.21
CA MET A 52 -9.48 8.35 11.53
C MET A 52 -8.38 8.59 12.58
N LEU A 53 -7.15 8.75 12.11
CA LEU A 53 -6.05 9.12 12.99
C LEU A 53 -6.06 10.62 13.28
N LYS A 54 -7.19 11.26 13.02
CA LYS A 54 -7.36 12.67 13.36
C LYS A 54 -7.45 12.86 14.87
N LYS A 55 -7.52 11.74 15.60
CA LYS A 55 -7.58 11.79 17.05
C LYS A 55 -8.86 12.46 17.52
N LYS A 56 -8.92 12.80 18.81
CA LYS A 56 -10.08 13.47 19.37
C LYS A 56 -9.84 14.97 19.47
N GLN A 57 -8.58 15.35 19.65
CA GLN A 57 -8.22 16.76 19.73
C GLN A 57 -8.14 17.38 18.34
N TYR A 58 -8.34 16.55 17.31
CA TYR A 58 -8.34 17.03 15.94
C TYR A 58 -7.01 17.68 15.59
#